data_5ZAI
#
_entry.id   5ZAI
#
_cell.length_a   84.685
_cell.length_b   130.170
_cell.length_c   84.791
_cell.angle_alpha   90.000
_cell.angle_beta   119.570
_cell.angle_gamma   90.000
#
_symmetry.space_group_name_H-M   'P 1 21 1'
#
loop_
_entity.id
_entity.type
_entity.pdbx_description
1 polymer '3-hydroxypropionyl-coenzyme A dehydratase'
2 non-polymer 'COENZYME A'
3 non-polymer 1,2-ETHANEDIOL
4 non-polymer GLYCEROL
5 water water
#
_entity_poly.entity_id   1
_entity_poly.type   'polypeptide(L)'
_entity_poly.pdbx_seq_one_letter_code
;MEFETIETKKEGNLFWITLNRPDKLNALNAKLLEELDRAVSQAESDPEIRVIIITGKGKAFCAGADITQFNQLTPAEAWK
FSKKGREIMDKIEALSKPTIAMINGYALGGGLELALACDIRIAAEEAQLGLPEINLGIYPGYGGTQRLTRVIGKGRALEM
MMTGDRIPGKDAEKYGLVNRVVPLANLEQETRKLAEKIAKKSPISLALIKEVVNRGLDSPLLSGLALESVGWGVVFSTED
KKEGVSAFLEKREPTFKGK
;
_entity_poly.pdbx_strand_id   A,B,C,D,E,F
#
# COMPACT_ATOMS: atom_id res chain seq x y z
N MET A 1 8.62 35.28 -18.38
CA MET A 1 9.69 36.32 -18.23
C MET A 1 9.23 37.40 -17.23
N GLU A 2 8.08 38.02 -17.53
CA GLU A 2 7.46 39.04 -16.69
C GLU A 2 6.05 38.56 -16.30
N PHE A 3 5.78 38.62 -14.99
CA PHE A 3 4.56 38.15 -14.38
C PHE A 3 3.93 39.27 -13.55
N GLU A 4 2.65 39.12 -13.21
CA GLU A 4 1.95 40.11 -12.43
C GLU A 4 2.13 39.85 -10.93
N THR A 5 2.10 38.59 -10.49
CA THR A 5 1.98 38.30 -9.06
C THR A 5 3.20 37.63 -8.48
N ILE A 6 4.24 37.38 -9.30
CA ILE A 6 5.50 36.81 -8.88
C ILE A 6 6.61 37.56 -9.61
N GLU A 7 7.81 37.54 -9.01
CA GLU A 7 9.06 37.96 -9.64
C GLU A 7 9.96 36.74 -9.79
N THR A 8 10.72 36.69 -10.87
CA THR A 8 11.66 35.61 -11.06
C THR A 8 13.02 36.22 -11.38
N LYS A 9 14.08 35.58 -10.89
CA LYS A 9 15.47 36.03 -11.12
C LYS A 9 16.33 34.81 -11.40
N LYS A 10 17.05 34.81 -12.52
CA LYS A 10 17.95 33.69 -12.86
C LYS A 10 19.36 34.19 -12.58
N GLU A 11 20.03 33.60 -11.58
CA GLU A 11 21.42 33.99 -11.24
C GLU A 11 22.29 32.78 -11.52
N GLY A 12 23.02 32.78 -12.62
CA GLY A 12 23.82 31.58 -12.93
C GLY A 12 22.93 30.36 -13.01
N ASN A 13 23.22 29.36 -12.17
CA ASN A 13 22.52 28.07 -12.08
C ASN A 13 21.25 28.14 -11.21
N LEU A 14 21.09 29.22 -10.45
CA LEU A 14 19.96 29.34 -9.50
C LEU A 14 18.77 30.08 -10.12
N PHE A 15 17.56 29.64 -9.82
CA PHE A 15 16.33 30.34 -10.27
C PHE A 15 15.52 30.72 -9.03
N TRP A 16 15.34 32.01 -8.80
CA TRP A 16 14.62 32.54 -7.61
C TRP A 16 13.18 32.91 -7.98
N ILE A 17 12.21 32.31 -7.28
CA ILE A 17 10.79 32.68 -7.50
C ILE A 17 10.31 33.38 -6.23
N THR A 18 9.92 34.64 -6.37
CA THR A 18 9.46 35.43 -5.23
C THR A 18 7.99 35.72 -5.41
N LEU A 19 7.16 35.22 -4.49
CA LEU A 19 5.71 35.51 -4.54
C LEU A 19 5.59 37.03 -4.37
N ASN A 20 4.78 37.69 -5.18
CA ASN A 20 4.75 39.16 -5.12
C ASN A 20 3.34 39.74 -4.99
N ARG A 21 2.69 39.50 -3.84
CA ARG A 21 1.42 40.16 -3.45
C ARG A 21 1.58 40.57 -1.98
N PRO A 22 2.59 41.41 -1.62
CA PRO A 22 2.89 41.78 -0.24
C PRO A 22 1.75 42.51 0.48
N ASP A 23 0.90 43.22 -0.27
CA ASP A 23 -0.30 43.91 0.26
C ASP A 23 -1.30 42.90 0.85
N LYS A 24 -1.34 41.67 0.33
CA LYS A 24 -2.22 40.58 0.84
C LYS A 24 -1.40 39.43 1.47
N LEU A 25 -0.16 39.72 1.87
CA LEU A 25 0.76 38.72 2.47
C LEU A 25 0.97 37.52 1.53
N ASN A 26 1.08 37.79 0.23
CA ASN A 26 1.36 36.78 -0.82
C ASN A 26 0.28 35.70 -0.89
N ALA A 27 -0.97 36.06 -0.60
CA ALA A 27 -2.07 35.07 -0.62
C ALA A 27 -2.21 34.53 -2.04
N LEU A 28 -2.43 33.23 -2.16
CA LEU A 28 -2.53 32.54 -3.44
C LEU A 28 -3.93 32.72 -4.04
N ASN A 29 -4.02 33.53 -5.10
CA ASN A 29 -5.22 33.67 -5.94
C ASN A 29 -5.01 32.83 -7.19
N ALA A 30 -6.01 32.78 -8.07
CA ALA A 30 -5.94 31.94 -9.26
C ALA A 30 -4.76 32.38 -10.12
N LYS A 31 -4.51 33.68 -10.16
CA LYS A 31 -3.48 34.27 -11.00
C LYS A 31 -2.07 33.87 -10.54
N LEU A 32 -1.78 34.06 -9.25
CA LEU A 32 -0.48 33.68 -8.66
C LEU A 32 -0.22 32.18 -8.90
N LEU A 33 -1.23 31.34 -8.69
CA LEU A 33 -1.04 29.89 -8.89
C LEU A 33 -0.71 29.56 -10.35
N GLU A 34 -1.38 30.24 -11.29
CA GLU A 34 -1.15 30.03 -12.71
C GLU A 34 0.28 30.48 -13.04
N GLU A 35 0.69 31.65 -12.54
CA GLU A 35 2.03 32.13 -12.85
C GLU A 35 3.13 31.30 -12.16
N LEU A 36 2.88 30.83 -10.93
CA LEU A 36 3.87 29.99 -10.24
C LEU A 36 4.09 28.69 -11.03
N ASP A 37 2.99 28.07 -11.46
CA ASP A 37 3.03 26.87 -12.31
C ASP A 37 3.88 27.13 -13.56
N ARG A 38 3.57 28.22 -14.25
CA ARG A 38 4.29 28.59 -15.47
C ARG A 38 5.78 28.83 -15.17
N ALA A 39 6.11 29.54 -14.10
CA ALA A 39 7.53 29.79 -13.77
C ALA A 39 8.31 28.50 -13.44
N VAL A 40 7.71 27.59 -12.66
CA VAL A 40 8.41 26.37 -12.31
C VAL A 40 8.59 25.49 -13.56
N SER A 41 7.58 25.47 -14.45
CA SER A 41 7.66 24.71 -15.73
C SER A 41 8.79 25.27 -16.61
N GLN A 42 8.95 26.59 -16.63
CA GLN A 42 10.03 27.25 -17.46
C GLN A 42 11.41 26.89 -16.92
N ALA A 43 11.54 26.97 -15.59
CA ALA A 43 12.77 26.64 -14.87
C ALA A 43 13.16 25.17 -15.10
N GLU A 44 12.17 24.27 -15.02
CA GLU A 44 12.39 22.85 -15.29
C GLU A 44 12.92 22.62 -16.71
N SER A 45 12.48 23.42 -17.69
CA SER A 45 12.79 23.20 -19.10
C SER A 45 14.12 23.84 -19.50
N ASP A 46 14.60 24.79 -18.70
CA ASP A 46 15.79 25.56 -19.00
C ASP A 46 17.00 24.80 -18.48
N PRO A 47 17.86 24.29 -19.40
CA PRO A 47 19.03 23.51 -19.02
C PRO A 47 20.04 24.27 -18.15
N GLU A 48 20.03 25.59 -18.18
CA GLU A 48 20.98 26.35 -17.38
C GLU A 48 20.59 26.33 -15.91
N ILE A 49 19.32 26.11 -15.60
CA ILE A 49 18.86 26.15 -14.25
C ILE A 49 19.02 24.77 -13.62
N ARG A 50 19.57 24.75 -12.40
CA ARG A 50 19.84 23.49 -11.68
C ARG A 50 19.10 23.43 -10.34
N VAL A 51 18.86 24.59 -9.71
CA VAL A 51 18.14 24.62 -8.43
C VAL A 51 17.15 25.77 -8.47
N ILE A 52 15.97 25.52 -7.88
CA ILE A 52 14.86 26.45 -7.81
C ILE A 52 14.65 26.81 -6.34
N ILE A 53 14.52 28.11 -6.05
CA ILE A 53 14.20 28.59 -4.70
C ILE A 53 12.90 29.39 -4.76
N ILE A 54 11.96 29.08 -3.87
CA ILE A 54 10.73 29.82 -3.74
C ILE A 54 10.73 30.58 -2.41
N THR A 55 10.39 31.88 -2.46
CA THR A 55 10.36 32.73 -1.25
C THR A 55 9.24 33.77 -1.38
N GLY A 56 8.98 34.50 -0.31
CA GLY A 56 7.95 35.53 -0.31
C GLY A 56 8.49 36.94 -0.22
N LYS A 57 7.77 37.87 -0.85
CA LYS A 57 8.04 39.32 -0.74
C LYS A 57 7.42 39.84 0.57
N GLY A 58 8.22 40.64 1.29
CA GLY A 58 7.72 41.36 2.46
C GLY A 58 7.72 40.48 3.69
N LYS A 59 6.77 40.76 4.58
CA LYS A 59 6.61 40.18 5.90
C LYS A 59 6.41 38.65 5.82
N ALA A 60 5.64 38.21 4.83
CA ALA A 60 5.10 36.85 4.79
C ALA A 60 5.88 36.05 3.76
N PHE A 61 5.94 34.72 3.97
CA PHE A 61 6.24 33.80 2.88
C PHE A 61 4.97 33.69 2.05
N CYS A 62 3.88 33.19 2.67
CA CYS A 62 2.60 33.11 2.05
C CYS A 62 1.54 32.80 3.13
N ALA A 63 0.51 33.64 3.21
CA ALA A 63 -0.56 33.52 4.25
C ALA A 63 -1.74 32.63 3.81
N GLY A 64 -1.61 31.91 2.70
CA GLY A 64 -2.55 30.88 2.34
C GLY A 64 -3.25 31.19 1.03
N ALA A 65 -4.27 30.38 0.73
CA ALA A 65 -5.16 30.62 -0.37
C ALA A 65 -5.91 31.94 -0.12
N ASP A 66 -6.20 32.66 -1.20
CA ASP A 66 -6.90 33.94 -1.09
C ASP A 66 -8.36 33.67 -0.73
N ILE A 67 -8.73 34.04 0.48
CA ILE A 67 -10.05 33.70 1.06
C ILE A 67 -11.19 34.40 0.31
N THR A 68 -10.91 35.45 -0.47
CA THR A 68 -12.02 36.15 -1.18
C THR A 68 -12.62 35.23 -2.26
N GLN A 69 -11.95 34.11 -2.62
CA GLN A 69 -12.44 33.14 -3.64
C GLN A 69 -13.52 32.18 -3.11
N PHE A 70 -13.67 32.05 -1.77
CA PHE A 70 -14.32 30.89 -1.15
C PHE A 70 -15.85 30.97 -1.03
N ASN A 71 -16.43 32.15 -0.84
CA ASN A 71 -17.90 32.16 -0.69
C ASN A 71 -18.59 32.10 -2.07
N GLN A 72 -17.85 32.08 -3.18
CA GLN A 72 -18.46 31.82 -4.52
C GLN A 72 -18.61 30.31 -4.84
N LEU A 73 -17.86 29.44 -4.15
CA LEU A 73 -17.76 28.00 -4.57
C LEU A 73 -18.95 27.17 -4.09
N THR A 74 -19.60 26.45 -5.02
CA THR A 74 -20.48 25.29 -4.68
C THR A 74 -19.62 24.12 -4.19
N PRO A 75 -20.21 23.14 -3.49
CA PRO A 75 -19.45 21.95 -3.06
C PRO A 75 -18.66 21.28 -4.20
N ALA A 76 -19.30 21.04 -5.34
CA ALA A 76 -18.63 20.34 -6.40
C ALA A 76 -17.50 21.24 -6.95
N GLU A 77 -17.74 22.56 -7.02
CA GLU A 77 -16.69 23.52 -7.46
C GLU A 77 -15.52 23.54 -6.44
N ALA A 78 -15.85 23.42 -5.16
CA ALA A 78 -14.84 23.40 -4.08
C ALA A 78 -13.94 22.15 -4.18
N TRP A 79 -14.52 20.97 -4.46
CA TRP A 79 -13.75 19.75 -4.78
C TRP A 79 -12.72 20.06 -5.88
N LYS A 80 -13.24 20.62 -6.98
CA LYS A 80 -12.45 20.95 -8.16
C LYS A 80 -11.36 21.98 -7.82
N PHE A 81 -11.70 23.00 -7.03
CA PHE A 81 -10.79 24.04 -6.63
C PHE A 81 -9.61 23.46 -5.84
N SER A 82 -9.92 22.62 -4.85
CA SER A 82 -8.90 21.91 -4.06
C SER A 82 -7.93 21.13 -4.97
N LYS A 83 -8.48 20.35 -5.90
CA LYS A 83 -7.73 19.41 -6.73
C LYS A 83 -6.82 20.23 -7.67
N LYS A 84 -7.33 21.32 -8.23
CA LYS A 84 -6.60 22.16 -9.14
C LYS A 84 -5.36 22.78 -8.47
N GLY A 85 -5.53 23.42 -7.32
CA GLY A 85 -4.42 24.07 -6.63
C GLY A 85 -3.41 23.07 -6.08
N ARG A 86 -3.94 22.00 -5.48
CA ARG A 86 -3.10 20.99 -4.92
C ARG A 86 -2.25 20.30 -6.00
N GLU A 87 -2.82 20.11 -7.20
CA GLU A 87 -2.08 19.45 -8.31
C GLU A 87 -0.89 20.31 -8.76
N ILE A 88 -0.96 21.61 -8.53
CA ILE A 88 0.22 22.49 -8.77
C ILE A 88 1.29 22.19 -7.71
N MET A 89 0.88 21.97 -6.45
CA MET A 89 1.81 21.57 -5.40
C MET A 89 2.44 20.21 -5.74
N ASP A 90 1.61 19.25 -6.19
CA ASP A 90 2.06 17.89 -6.56
C ASP A 90 3.18 17.98 -7.62
N LYS A 91 2.95 18.84 -8.59
CA LYS A 91 3.86 19.09 -9.70
C LYS A 91 5.20 19.65 -9.18
N ILE A 92 5.14 20.54 -8.20
CA ILE A 92 6.36 21.06 -7.60
C ILE A 92 7.09 19.92 -6.90
N GLU A 93 6.34 19.09 -6.17
CA GLU A 93 6.93 18.01 -5.44
C GLU A 93 7.64 17.01 -6.38
N ALA A 94 7.07 16.76 -7.57
CA ALA A 94 7.59 15.73 -8.46
C ALA A 94 8.59 16.30 -9.47
N LEU A 95 8.97 17.56 -9.33
CA LEU A 95 9.82 18.19 -10.30
C LEU A 95 11.18 17.47 -10.38
N SER A 96 11.81 17.52 -11.57
CA SER A 96 13.04 16.81 -11.81
C SER A 96 14.28 17.57 -11.29
N LYS A 97 14.09 18.81 -10.80
CA LYS A 97 15.16 19.64 -10.27
C LYS A 97 14.88 19.98 -8.81
N PRO A 98 15.94 20.06 -7.98
CA PRO A 98 15.81 20.37 -6.56
C PRO A 98 15.10 21.71 -6.32
N THR A 99 14.16 21.73 -5.35
CA THR A 99 13.41 22.91 -4.96
C THR A 99 13.68 23.20 -3.49
N ILE A 100 13.91 24.47 -3.16
CA ILE A 100 14.09 24.93 -1.75
C ILE A 100 13.01 25.98 -1.47
N ALA A 101 12.28 25.79 -0.39
CA ALA A 101 11.43 26.81 0.17
C ALA A 101 12.22 27.61 1.23
N MET A 102 12.42 28.89 0.92
CA MET A 102 13.10 29.83 1.85
C MET A 102 11.98 30.56 2.59
N ILE A 103 11.64 30.09 3.78
CA ILE A 103 10.48 30.62 4.53
C ILE A 103 10.90 31.83 5.37
N ASN A 104 10.70 33.01 4.80
CA ASN A 104 11.10 34.32 5.39
C ASN A 104 10.11 34.83 6.45
N GLY A 105 8.89 34.31 6.48
CA GLY A 105 7.88 34.84 7.40
C GLY A 105 6.69 33.91 7.46
N TYR A 106 5.49 34.46 7.63
CA TYR A 106 4.30 33.62 7.78
C TYR A 106 4.18 32.65 6.61
N ALA A 107 4.00 31.39 6.95
CA ALA A 107 3.69 30.31 5.99
C ALA A 107 2.44 29.66 6.58
N LEU A 108 1.26 30.05 6.12
CA LEU A 108 0.00 29.55 6.72
C LEU A 108 -0.89 28.89 5.65
N GLY A 109 -1.56 27.81 6.02
CA GLY A 109 -2.52 27.16 5.12
C GLY A 109 -1.84 26.80 3.81
N GLY A 110 -2.33 27.36 2.71
CA GLY A 110 -1.75 27.09 1.39
C GLY A 110 -0.28 27.47 1.31
N GLY A 111 0.17 28.50 2.03
CA GLY A 111 1.59 28.85 2.07
C GLY A 111 2.41 27.73 2.68
N LEU A 112 1.95 27.12 3.78
CA LEU A 112 2.68 25.98 4.38
C LEU A 112 2.61 24.79 3.41
N GLU A 113 1.46 24.60 2.76
CA GLU A 113 1.31 23.47 1.83
C GLU A 113 2.27 23.62 0.64
N LEU A 114 2.47 24.86 0.19
CA LEU A 114 3.45 25.16 -0.87
C LEU A 114 4.87 24.81 -0.39
N ALA A 115 5.25 25.24 0.80
CA ALA A 115 6.55 24.93 1.40
C ALA A 115 6.75 23.41 1.52
N LEU A 116 5.72 22.68 1.94
CA LEU A 116 5.78 21.22 2.12
C LEU A 116 5.99 20.47 0.80
N ALA A 117 5.64 21.10 -0.33
CA ALA A 117 5.79 20.52 -1.65
C ALA A 117 7.24 20.61 -2.14
N CYS A 118 8.01 21.58 -1.63
CA CYS A 118 9.41 21.70 -1.98
C CYS A 118 10.24 20.57 -1.31
N ASP A 119 11.41 20.27 -1.88
CA ASP A 119 12.28 19.18 -1.37
C ASP A 119 12.78 19.51 0.04
N ILE A 120 13.28 20.74 0.22
CA ILE A 120 13.93 21.20 1.43
C ILE A 120 13.29 22.53 1.88
N ARG A 121 13.14 22.71 3.18
CA ARG A 121 12.65 23.95 3.80
C ARG A 121 13.71 24.55 4.74
N ILE A 122 14.10 25.81 4.52
CA ILE A 122 14.95 26.61 5.45
C ILE A 122 14.10 27.79 5.90
N ALA A 123 13.94 27.97 7.21
CA ALA A 123 13.07 29.02 7.75
C ALA A 123 13.89 30.03 8.57
N ALA A 124 13.39 31.26 8.58
CA ALA A 124 13.79 32.29 9.49
C ALA A 124 13.29 31.93 10.88
N GLU A 125 14.09 32.26 11.92
CA GLU A 125 13.64 32.13 13.29
C GLU A 125 12.32 32.91 13.47
N GLU A 126 12.14 34.02 12.76
CA GLU A 126 10.97 34.91 12.93
C GLU A 126 9.70 34.36 12.23
N ALA A 127 9.86 33.30 11.43
CA ALA A 127 8.78 32.70 10.66
C ALA A 127 7.76 32.09 11.63
N GLN A 128 6.48 32.23 11.30
CA GLN A 128 5.38 31.57 11.95
C GLN A 128 4.69 30.64 10.94
N LEU A 129 4.48 29.37 11.31
CA LEU A 129 3.98 28.33 10.41
C LEU A 129 2.72 27.70 11.00
N GLY A 130 1.78 27.34 10.13
CA GLY A 130 0.51 26.78 10.64
C GLY A 130 -0.47 26.45 9.55
N LEU A 131 -1.58 25.82 9.96
CA LEU A 131 -2.69 25.50 9.10
C LEU A 131 -3.96 25.99 9.78
N PRO A 132 -4.30 27.30 9.66
CA PRO A 132 -5.48 27.85 10.35
C PRO A 132 -6.80 27.72 9.61
N GLU A 133 -6.90 26.81 8.61
CA GLU A 133 -8.08 26.63 7.82
C GLU A 133 -9.29 26.38 8.74
N ILE A 134 -9.05 25.69 9.85
CA ILE A 134 -10.16 25.31 10.76
C ILE A 134 -10.84 26.57 11.34
N ASN A 135 -10.09 27.67 11.39
CA ASN A 135 -10.53 28.98 11.90
C ASN A 135 -11.58 29.56 10.96
N LEU A 136 -11.63 29.07 9.71
CA LEU A 136 -12.58 29.52 8.69
C LEU A 136 -13.73 28.52 8.52
N GLY A 137 -13.81 27.50 9.38
CA GLY A 137 -14.82 26.44 9.27
C GLY A 137 -14.55 25.38 8.18
N ILE A 138 -13.33 25.39 7.58
CA ILE A 138 -12.90 24.41 6.60
C ILE A 138 -11.66 23.67 7.12
N TYR A 139 -10.80 23.15 6.23
CA TYR A 139 -9.60 22.40 6.66
C TYR A 139 -8.63 22.48 5.50
N PRO A 140 -7.37 22.07 5.66
CA PRO A 140 -6.39 22.25 4.58
C PRO A 140 -6.79 21.48 3.31
N GLY A 141 -6.68 22.14 2.14
CA GLY A 141 -7.18 21.65 0.89
C GLY A 141 -6.13 21.62 -0.19
N TYR A 142 -4.87 21.98 0.12
CA TYR A 142 -3.77 21.93 -0.88
C TYR A 142 -2.71 20.91 -0.45
N GLY A 143 -3.15 19.90 0.29
CA GLY A 143 -2.32 18.75 0.62
C GLY A 143 -1.82 18.70 2.03
N GLY A 144 -2.16 19.69 2.85
CA GLY A 144 -1.64 19.80 4.22
C GLY A 144 -2.03 18.61 5.10
N THR A 145 -3.24 18.06 4.91
CA THR A 145 -3.72 16.97 5.77
C THR A 145 -2.89 15.71 5.56
N GLN A 146 -2.26 15.60 4.39
CA GLN A 146 -1.46 14.46 4.06
C GLN A 146 0.02 14.75 4.30
N ARG A 147 0.53 15.84 3.72
CA ARG A 147 1.97 16.16 3.87
C ARG A 147 2.37 16.55 5.31
N LEU A 148 1.58 17.35 6.03
CA LEU A 148 2.00 17.76 7.39
C LEU A 148 2.05 16.55 8.32
N THR A 149 1.08 15.66 8.16
CA THR A 149 1.00 14.48 9.04
C THR A 149 2.07 13.49 8.60
N ARG A 150 2.59 13.47 7.48
N ARG A 150 2.59 13.48 7.48
CA ARG A 150 3.69 12.59 7.13
CA ARG A 150 3.69 12.59 7.14
C ARG A 150 5.01 13.18 7.66
C ARG A 150 5.01 13.19 7.67
N VAL A 151 5.08 14.42 7.84
CA VAL A 151 6.38 15.10 8.13
C VAL A 151 6.58 15.24 9.65
N ILE A 152 5.58 15.77 10.38
CA ILE A 152 5.72 15.97 11.85
C ILE A 152 4.97 14.92 12.67
N GLY A 153 4.28 13.99 12.03
CA GLY A 153 3.57 12.96 12.82
C GLY A 153 2.11 13.33 13.04
N LYS A 154 1.28 12.32 13.25
CA LYS A 154 -0.18 12.50 13.36
C LYS A 154 -0.56 13.34 14.58
N GLY A 155 0.07 13.11 15.72
CA GLY A 155 -0.34 13.85 16.93
C GLY A 155 -0.11 15.34 16.82
N ARG A 156 1.07 15.74 16.37
CA ARG A 156 1.38 17.17 16.21
C ARG A 156 0.57 17.77 15.07
N ALA A 157 0.46 17.05 13.94
CA ALA A 157 -0.32 17.57 12.79
C ALA A 157 -1.80 17.72 13.18
N LEU A 158 -2.38 16.73 13.86
CA LEU A 158 -3.81 16.87 14.22
C LEU A 158 -3.97 18.07 15.17
N GLU A 159 -3.07 18.24 16.13
CA GLU A 159 -3.22 19.39 17.05
C GLU A 159 -3.13 20.69 16.26
N MET A 160 -2.16 20.82 15.35
CA MET A 160 -2.07 22.08 14.58
C MET A 160 -3.32 22.29 13.71
N MET A 161 -3.81 21.24 13.04
CA MET A 161 -4.98 21.39 12.15
C MET A 161 -6.27 21.64 12.95
N MET A 162 -6.42 20.97 14.08
CA MET A 162 -7.65 21.12 14.91
C MET A 162 -7.71 22.45 15.66
N THR A 163 -6.58 22.95 16.14
CA THR A 163 -6.57 24.23 16.89
C THR A 163 -6.32 25.41 15.95
N GLY A 164 -5.68 25.18 14.82
CA GLY A 164 -5.33 26.26 13.92
C GLY A 164 -4.15 27.08 14.40
N ASP A 165 -3.49 26.68 15.50
CA ASP A 165 -2.45 27.52 16.10
C ASP A 165 -1.16 27.50 15.27
N ARG A 166 -0.50 28.66 15.25
CA ARG A 166 0.82 28.88 14.59
C ARG A 166 1.95 28.46 15.51
N ILE A 167 3.07 28.01 14.92
CA ILE A 167 4.23 27.65 15.68
C ILE A 167 5.38 28.50 15.14
N PRO A 168 6.38 28.86 15.97
CA PRO A 168 7.55 29.60 15.49
C PRO A 168 8.55 28.70 14.76
N GLY A 169 9.46 29.35 14.03
CA GLY A 169 10.51 28.68 13.28
C GLY A 169 11.21 27.60 14.08
N LYS A 170 11.59 27.94 15.32
CA LYS A 170 12.39 27.02 16.12
C LYS A 170 11.61 25.74 16.45
N ASP A 171 10.32 25.84 16.76
CA ASP A 171 9.54 24.63 16.99
C ASP A 171 9.41 23.84 15.67
N ALA A 172 9.34 24.55 14.52
CA ALA A 172 9.22 23.91 13.23
C ALA A 172 10.43 23.00 13.03
N GLU A 173 11.61 23.51 13.40
CA GLU A 173 12.86 22.80 13.24
C GLU A 173 12.86 21.55 14.15
N LYS A 174 12.40 21.72 15.40
CA LYS A 174 12.27 20.64 16.40
C LYS A 174 11.48 19.47 15.83
N TYR A 175 10.35 19.82 15.18
CA TYR A 175 9.41 18.85 14.65
C TYR A 175 9.87 18.24 13.31
N GLY A 176 10.95 18.76 12.72
CA GLY A 176 11.38 18.37 11.39
C GLY A 176 10.56 18.99 10.26
N LEU A 177 9.68 19.96 10.58
CA LEU A 177 8.88 20.64 9.58
C LEU A 177 9.78 21.44 8.64
N VAL A 178 10.90 21.96 9.15
CA VAL A 178 11.93 22.60 8.31
C VAL A 178 13.27 21.93 8.61
N ASN A 179 14.20 22.00 7.65
CA ASN A 179 15.52 21.39 7.89
C ASN A 179 16.32 22.17 8.94
N ARG A 180 16.23 23.49 8.89
CA ARG A 180 17.14 24.40 9.55
C ARG A 180 16.40 25.71 9.78
N VAL A 181 16.70 26.38 10.89
CA VAL A 181 16.25 27.72 11.18
C VAL A 181 17.48 28.60 11.40
N VAL A 182 17.50 29.79 10.80
CA VAL A 182 18.52 30.84 11.03
C VAL A 182 17.80 32.18 11.19
N PRO A 183 18.44 33.25 11.75
CA PRO A 183 17.80 34.57 11.79
C PRO A 183 17.53 35.07 10.36
N LEU A 184 16.42 35.80 10.16
CA LEU A 184 16.03 36.33 8.85
C LEU A 184 17.23 37.01 8.17
N ALA A 185 18.06 37.71 8.97
CA ALA A 185 19.19 38.46 8.41
C ALA A 185 20.19 37.54 7.72
N ASN A 186 20.27 36.29 8.15
CA ASN A 186 21.20 35.29 7.54
C ASN A 186 20.52 34.36 6.51
N LEU A 187 19.20 34.41 6.40
CA LEU A 187 18.42 33.40 5.66
C LEU A 187 18.76 33.31 4.17
N GLU A 188 18.90 34.45 3.47
CA GLU A 188 19.27 34.39 2.05
C GLU A 188 20.65 33.75 1.88
N GLN A 189 21.62 34.12 2.73
CA GLN A 189 23.00 33.58 2.60
C GLN A 189 23.01 32.07 2.87
N GLU A 190 22.33 31.62 3.94
CA GLU A 190 22.20 30.19 4.29
C GLU A 190 21.56 29.41 3.14
N THR A 191 20.51 29.97 2.53
CA THR A 191 19.79 29.34 1.42
C THR A 191 20.73 29.24 0.20
N ARG A 192 21.38 30.35 -0.12
CA ARG A 192 22.29 30.41 -1.29
C ARG A 192 23.42 29.38 -1.16
N LYS A 193 24.00 29.29 0.03
CA LYS A 193 25.09 28.32 0.29
C LYS A 193 24.63 26.88 -0.03
N LEU A 194 23.43 26.51 0.46
CA LEU A 194 22.87 25.18 0.18
C LEU A 194 22.64 24.99 -1.31
N ALA A 195 22.03 25.98 -1.97
CA ALA A 195 21.66 25.92 -3.35
C ALA A 195 22.90 25.73 -4.22
N GLU A 196 23.93 26.52 -3.97
CA GLU A 196 25.21 26.46 -4.73
C GLU A 196 25.87 25.07 -4.56
N LYS A 197 25.77 24.49 -3.37
CA LYS A 197 26.30 23.16 -3.15
C LYS A 197 25.60 22.15 -4.07
N ILE A 198 24.26 22.17 -4.10
CA ILE A 198 23.49 21.19 -4.90
C ILE A 198 23.69 21.42 -6.40
N ALA A 199 23.85 22.68 -6.80
CA ALA A 199 24.01 23.02 -8.22
C ALA A 199 25.34 22.52 -8.79
N LYS A 200 26.30 22.18 -7.92
CA LYS A 200 27.58 21.58 -8.35
C LYS A 200 27.39 20.13 -8.83
N LYS A 201 26.30 19.47 -8.43
CA LYS A 201 26.18 18.03 -8.62
C LYS A 201 25.53 17.68 -9.95
N SER A 202 25.66 16.40 -10.27
CA SER A 202 25.11 15.79 -11.46
C SER A 202 23.59 16.04 -11.56
N PRO A 203 23.10 16.79 -12.57
CA PRO A 203 21.65 16.96 -12.78
C PRO A 203 20.88 15.63 -12.93
N ILE A 204 21.46 14.65 -13.64
CA ILE A 204 20.77 13.39 -13.92
C ILE A 204 20.69 12.61 -12.61
N SER A 205 21.78 12.60 -11.85
CA SER A 205 21.77 11.88 -10.56
C SER A 205 20.74 12.51 -9.62
N LEU A 206 20.70 13.83 -9.58
CA LEU A 206 19.72 14.54 -8.70
C LEU A 206 18.29 14.17 -9.13
N ALA A 207 18.03 14.12 -10.43
CA ALA A 207 16.69 13.77 -10.93
C ALA A 207 16.35 12.33 -10.51
N LEU A 208 17.30 11.41 -10.65
CA LEU A 208 17.03 10.00 -10.27
C LEU A 208 16.80 9.89 -8.76
N ILE A 209 17.57 10.64 -7.97
CA ILE A 209 17.40 10.55 -6.50
C ILE A 209 15.99 11.01 -6.14
N LYS A 210 15.53 12.10 -6.74
CA LYS A 210 14.19 12.61 -6.41
C LYS A 210 13.11 11.61 -6.83
N GLU A 211 13.24 11.05 -8.03
CA GLU A 211 12.24 10.08 -8.54
C GLU A 211 12.24 8.83 -7.65
N VAL A 212 13.43 8.32 -7.35
CA VAL A 212 13.56 7.07 -6.54
C VAL A 212 13.04 7.32 -5.12
N VAL A 213 13.40 8.46 -4.54
CA VAL A 213 12.94 8.78 -3.16
C VAL A 213 11.43 9.01 -3.10
N ASN A 214 10.89 9.83 -3.99
CA ASN A 214 9.44 10.16 -3.94
C ASN A 214 8.57 8.93 -4.26
N ARG A 215 8.91 8.22 -5.32
CA ARG A 215 8.13 7.03 -5.74
C ARG A 215 8.35 5.85 -4.77
N GLY A 216 9.59 5.68 -4.29
CA GLY A 216 9.93 4.60 -3.36
C GLY A 216 9.26 4.77 -2.01
N LEU A 217 9.22 6.00 -1.51
CA LEU A 217 8.63 6.24 -0.16
C LEU A 217 7.15 5.83 -0.18
N ASP A 218 6.53 6.01 -1.34
CA ASP A 218 5.10 5.74 -1.51
C ASP A 218 4.78 4.24 -1.69
N SER A 219 5.80 3.37 -1.76
CA SER A 219 5.70 1.95 -2.09
C SER A 219 6.03 1.10 -0.86
N PRO A 220 5.66 -0.20 -0.86
CA PRO A 220 6.31 -1.17 0.04
C PRO A 220 7.84 -1.15 -0.17
N LEU A 221 8.59 -1.39 0.91
CA LEU A 221 10.02 -1.08 0.98
C LEU A 221 10.75 -1.82 -0.14
N LEU A 222 10.42 -3.11 -0.33
CA LEU A 222 11.09 -3.94 -1.37
C LEU A 222 10.85 -3.34 -2.75
N SER A 223 9.67 -2.75 -2.98
CA SER A 223 9.42 -2.15 -4.30
C SER A 223 10.21 -0.84 -4.46
N GLY A 224 10.25 -0.04 -3.39
CA GLY A 224 11.19 1.11 -3.31
C GLY A 224 12.64 0.73 -3.56
N LEU A 225 13.07 -0.38 -2.94
CA LEU A 225 14.47 -0.84 -3.11
C LEU A 225 14.71 -1.31 -4.54
N ALA A 226 13.74 -2.02 -5.15
CA ALA A 226 13.86 -2.44 -6.57
C ALA A 226 14.06 -1.22 -7.47
N LEU A 227 13.31 -0.16 -7.20
CA LEU A 227 13.37 1.10 -7.98
C LEU A 227 14.74 1.76 -7.86
N GLU A 228 15.28 1.82 -6.64
CA GLU A 228 16.59 2.39 -6.38
C GLU A 228 17.66 1.63 -7.20
N SER A 229 17.60 0.29 -7.16
CA SER A 229 18.57 -0.58 -7.89
C SER A 229 18.55 -0.36 -9.39
N VAL A 230 17.36 -0.36 -10.01
CA VAL A 230 17.30 -0.17 -11.47
C VAL A 230 17.80 1.24 -11.85
N GLY A 231 17.49 2.25 -11.01
CA GLY A 231 17.95 3.61 -11.21
C GLY A 231 19.48 3.72 -11.16
N TRP A 232 20.09 2.86 -10.35
CA TRP A 232 21.52 2.85 -10.18
C TRP A 232 22.15 2.44 -11.50
N GLY A 233 21.49 1.48 -12.15
CA GLY A 233 21.72 1.12 -13.52
C GLY A 233 21.77 2.32 -14.44
N VAL A 234 20.75 3.18 -14.34
CA VAL A 234 20.66 4.30 -15.25
C VAL A 234 21.76 5.30 -14.90
N VAL A 235 22.00 5.55 -13.61
CA VAL A 235 22.99 6.58 -13.27
C VAL A 235 24.41 6.10 -13.65
N PHE A 236 24.66 4.78 -13.69
CA PHE A 236 25.98 4.29 -14.11
C PHE A 236 26.25 4.46 -15.61
N SER A 237 25.24 4.87 -16.37
CA SER A 237 25.37 5.11 -17.80
C SER A 237 25.81 6.55 -18.12
N THR A 238 25.93 7.42 -17.10
CA THR A 238 26.07 8.86 -17.35
C THR A 238 27.55 9.27 -17.42
N GLU A 239 27.80 10.35 -18.18
CA GLU A 239 29.13 10.98 -18.30
C GLU A 239 29.57 11.45 -16.92
N ASP A 240 28.63 11.97 -16.12
CA ASP A 240 28.94 12.54 -14.83
C ASP A 240 29.42 11.46 -13.87
N LYS A 241 28.93 10.22 -14.00
CA LYS A 241 29.39 9.15 -13.11
C LYS A 241 30.85 8.82 -13.46
N LYS A 242 31.16 8.76 -14.76
CA LYS A 242 32.53 8.48 -15.24
C LYS A 242 33.51 9.52 -14.66
N GLU A 243 33.15 10.81 -14.77
CA GLU A 243 33.90 11.97 -14.21
C GLU A 243 34.05 11.88 -12.68
N GLY A 244 32.97 11.54 -11.97
CA GLY A 244 33.03 11.48 -10.53
C GLY A 244 33.93 10.33 -10.03
N VAL A 245 33.84 9.17 -10.67
CA VAL A 245 34.55 7.98 -10.18
C VAL A 245 36.04 8.14 -10.54
N SER A 246 36.32 8.67 -11.74
CA SER A 246 37.69 8.86 -12.20
C SER A 246 38.34 10.07 -11.48
N ALA A 247 37.54 11.08 -11.14
CA ALA A 247 38.01 12.19 -10.32
C ALA A 247 38.48 11.67 -8.95
N PHE A 248 37.65 10.85 -8.30
CA PHE A 248 37.96 10.31 -6.97
C PHE A 248 39.25 9.48 -7.02
N LEU A 249 39.30 8.57 -8.01
CA LEU A 249 40.42 7.64 -8.25
C LEU A 249 41.68 8.42 -8.63
N GLU A 250 41.51 9.51 -9.39
CA GLU A 250 42.61 10.38 -9.89
C GLU A 250 43.00 11.44 -8.85
N LYS A 251 42.38 11.40 -7.65
CA LYS A 251 42.69 12.30 -6.51
C LYS A 251 42.58 13.77 -6.93
N ARG A 252 41.44 14.13 -7.54
CA ARG A 252 41.18 15.51 -7.98
C ARG A 252 39.72 15.88 -7.74
N GLU A 253 39.39 17.17 -7.81
CA GLU A 253 38.02 17.68 -7.68
C GLU A 253 37.26 17.37 -8.96
N PRO A 254 36.00 16.85 -8.86
CA PRO A 254 35.19 16.60 -10.05
C PRO A 254 34.48 17.86 -10.57
N THR A 255 34.24 17.90 -11.88
CA THR A 255 33.43 18.92 -12.55
C THR A 255 32.25 18.24 -13.26
N PHE A 256 31.05 18.40 -12.68
CA PHE A 256 29.83 17.73 -13.17
C PHE A 256 29.14 18.61 -14.23
N LYS A 257 29.54 18.37 -15.48
CA LYS A 257 29.01 19.02 -16.66
C LYS A 257 27.64 18.42 -16.97
N MET B 1 33.98 -19.89 8.92
CA MET B 1 34.15 -19.43 10.33
C MET B 1 35.50 -18.75 10.54
N GLU B 2 36.41 -18.83 9.55
CA GLU B 2 37.65 -18.04 9.51
C GLU B 2 37.69 -17.24 8.20
N PHE B 3 37.79 -15.91 8.30
CA PHE B 3 37.52 -14.98 7.22
C PHE B 3 38.70 -14.02 7.04
N GLU B 4 38.84 -13.50 5.81
CA GLU B 4 39.87 -12.53 5.41
C GLU B 4 39.53 -11.09 5.85
N THR B 5 38.36 -10.61 5.42
CA THR B 5 37.94 -9.19 5.59
C THR B 5 37.14 -8.91 6.86
N ILE B 6 36.74 -9.94 7.57
CA ILE B 6 35.96 -9.70 8.82
C ILE B 6 36.50 -10.61 9.91
N GLU B 7 36.21 -10.26 11.15
CA GLU B 7 36.53 -11.05 12.35
C GLU B 7 35.19 -11.38 12.98
N THR B 8 34.98 -12.61 13.42
CA THR B 8 33.73 -12.96 14.12
C THR B 8 34.12 -13.45 15.51
N LYS B 9 33.45 -12.97 16.54
CA LYS B 9 33.74 -13.45 17.91
C LYS B 9 32.42 -13.79 18.58
N LYS B 10 32.37 -14.96 19.20
CA LYS B 10 31.16 -15.40 19.94
C LYS B 10 31.48 -15.24 21.42
N GLU B 11 30.77 -14.37 22.12
CA GLU B 11 30.99 -14.19 23.57
C GLU B 11 29.70 -14.62 24.26
N GLY B 12 29.63 -15.87 24.72
CA GLY B 12 28.38 -16.35 25.29
C GLY B 12 27.29 -16.34 24.23
N ASN B 13 26.20 -15.62 24.48
CA ASN B 13 25.06 -15.58 23.51
C ASN B 13 25.16 -14.36 22.59
N LEU B 14 26.29 -13.63 22.63
CA LEU B 14 26.53 -12.45 21.77
C LEU B 14 27.46 -12.82 20.62
N PHE B 15 27.13 -12.39 19.41
CA PHE B 15 27.95 -12.63 18.25
C PHE B 15 28.39 -11.29 17.67
N TRP B 16 29.71 -11.03 17.71
CA TRP B 16 30.31 -9.81 17.29
C TRP B 16 30.91 -10.04 15.92
N ILE B 17 30.47 -9.21 14.96
CA ILE B 17 31.01 -9.20 13.58
C ILE B 17 31.73 -7.86 13.46
N THR B 18 33.02 -7.91 13.21
CA THR B 18 33.83 -6.68 13.12
C THR B 18 34.36 -6.59 11.70
N LEU B 19 33.96 -5.58 10.94
CA LEU B 19 34.49 -5.40 9.57
C LEU B 19 36.00 -5.20 9.76
N ASN B 20 36.81 -5.84 8.92
CA ASN B 20 38.28 -5.80 9.15
C ASN B 20 39.07 -5.45 7.91
N ARG B 21 38.92 -4.23 7.42
CA ARG B 21 39.79 -3.69 6.34
C ARG B 21 40.18 -2.30 6.81
N PRO B 22 40.88 -2.15 7.96
CA PRO B 22 41.17 -0.85 8.55
C PRO B 22 41.95 0.09 7.63
N ASP B 23 42.84 -0.46 6.82
CA ASP B 23 43.64 0.33 5.85
C ASP B 23 42.71 1.05 4.84
N LYS B 24 41.59 0.44 4.46
CA LYS B 24 40.59 1.02 3.51
C LYS B 24 39.35 1.54 4.26
N LEU B 25 39.47 1.73 5.57
CA LEU B 25 38.38 2.21 6.46
C LEU B 25 37.17 1.28 6.43
N ASN B 26 37.42 -0.04 6.32
CA ASN B 26 36.38 -1.10 6.28
C ASN B 26 35.47 -0.93 5.05
N ALA B 27 36.00 -0.46 3.94
CA ALA B 27 35.18 -0.27 2.73
C ALA B 27 34.66 -1.63 2.27
N LEU B 28 33.41 -1.68 1.81
CA LEU B 28 32.76 -2.95 1.43
C LEU B 28 33.18 -3.38 0.03
N ASN B 29 33.84 -4.53 -0.09
CA ASN B 29 34.16 -5.08 -1.44
C ASN B 29 33.35 -6.37 -1.61
N ALA B 30 33.48 -7.03 -2.76
CA ALA B 30 32.71 -8.27 -2.99
C ALA B 30 33.05 -9.32 -1.94
N LYS B 31 34.33 -9.46 -1.60
CA LYS B 31 34.72 -10.48 -0.60
C LYS B 31 34.11 -10.16 0.77
N LEU B 32 34.22 -8.92 1.23
CA LEU B 32 33.64 -8.57 2.54
C LEU B 32 32.13 -8.87 2.51
N LEU B 33 31.45 -8.52 1.42
CA LEU B 33 30.00 -8.68 1.41
C LEU B 33 29.64 -10.18 1.45
N GLU B 34 30.39 -10.96 0.66
CA GLU B 34 30.31 -12.43 0.64
C GLU B 34 30.48 -13.01 2.04
N GLU B 35 31.50 -12.54 2.79
CA GLU B 35 31.79 -13.09 4.17
C GLU B 35 30.78 -12.60 5.22
N LEU B 36 30.44 -11.33 5.17
CA LEU B 36 29.37 -10.81 6.00
C LEU B 36 28.11 -11.67 5.86
N ASP B 37 27.73 -11.97 4.62
CA ASP B 37 26.52 -12.81 4.36
C ASP B 37 26.64 -14.15 5.11
N ARG B 38 27.79 -14.81 4.95
CA ARG B 38 28.06 -16.12 5.55
C ARG B 38 28.03 -16.01 7.08
N ALA B 39 28.67 -14.96 7.65
CA ALA B 39 28.70 -14.71 9.12
C ALA B 39 27.29 -14.57 9.71
N VAL B 40 26.43 -13.77 9.06
CA VAL B 40 25.09 -13.53 9.62
C VAL B 40 24.29 -14.84 9.59
N SER B 41 24.41 -15.61 8.50
CA SER B 41 23.72 -16.92 8.37
C SER B 41 24.15 -17.86 9.51
N GLN B 42 25.45 -17.84 9.80
CA GLN B 42 26.09 -18.68 10.81
C GLN B 42 25.48 -18.34 12.18
N ALA B 43 25.39 -17.05 12.48
CA ALA B 43 24.83 -16.59 13.75
C ALA B 43 23.35 -16.96 13.85
N GLU B 44 22.60 -16.81 12.75
CA GLU B 44 21.16 -17.04 12.82
C GLU B 44 20.88 -18.52 13.09
N SER B 45 21.69 -19.42 12.53
CA SER B 45 21.46 -20.89 12.66
C SER B 45 21.94 -21.41 14.04
N ASP B 46 22.92 -20.74 14.64
CA ASP B 46 23.49 -21.14 15.94
C ASP B 46 22.53 -20.82 17.10
N PRO B 47 21.84 -21.83 17.71
CA PRO B 47 20.85 -21.54 18.74
C PRO B 47 21.40 -20.97 20.04
N GLU B 48 22.73 -20.95 20.20
CA GLU B 48 23.36 -20.35 21.32
C GLU B 48 23.42 -18.82 21.14
N ILE B 49 23.40 -18.34 19.88
CA ILE B 49 23.45 -16.87 19.63
C ILE B 49 22.06 -16.26 19.79
N ARG B 50 22.01 -15.16 20.56
CA ARG B 50 20.76 -14.47 20.84
C ARG B 50 20.73 -13.06 20.24
N VAL B 51 21.92 -12.43 20.09
CA VAL B 51 22.01 -11.03 19.69
C VAL B 51 23.29 -10.91 18.87
N ILE B 52 23.17 -10.21 17.73
CA ILE B 52 24.26 -9.97 16.78
C ILE B 52 24.63 -8.48 16.80
N ILE B 53 25.93 -8.16 16.82
CA ILE B 53 26.40 -6.79 16.91
C ILE B 53 27.38 -6.61 15.78
N ILE B 54 27.19 -5.57 14.98
CA ILE B 54 28.13 -5.30 13.86
C ILE B 54 28.88 -4.00 14.17
N THR B 55 30.19 -4.02 13.96
CA THR B 55 31.04 -2.86 14.27
C THR B 55 32.22 -2.91 13.33
N GLY B 56 33.06 -1.88 13.36
CA GLY B 56 34.24 -1.76 12.48
C GLY B 56 35.55 -1.71 13.26
N LYS B 57 36.60 -2.28 12.65
CA LYS B 57 37.94 -2.28 13.22
C LYS B 57 38.55 -0.90 12.95
N GLY B 58 39.20 -0.34 13.96
CA GLY B 58 39.99 0.90 13.80
C GLY B 58 39.14 2.15 13.88
N LYS B 59 39.41 3.14 13.03
CA LYS B 59 38.82 4.47 13.25
C LYS B 59 37.43 4.58 12.60
N ALA B 60 37.19 3.87 11.49
CA ALA B 60 35.88 3.89 10.79
C ALA B 60 34.97 2.73 11.24
N PHE B 61 33.64 2.96 11.20
CA PHE B 61 32.63 1.84 11.19
C PHE B 61 32.73 1.16 9.82
N CYS B 62 32.39 1.93 8.78
CA CYS B 62 32.53 1.54 7.38
C CYS B 62 32.40 2.81 6.51
N ALA B 63 33.41 3.04 5.66
CA ALA B 63 33.47 4.27 4.90
C ALA B 63 32.85 4.11 3.50
N GLY B 64 32.13 3.00 3.26
CA GLY B 64 31.35 2.86 2.02
C GLY B 64 31.67 1.59 1.26
N ALA B 65 31.06 1.46 0.07
CA ALA B 65 31.41 0.45 -0.92
C ALA B 65 32.73 0.83 -1.61
N ASP B 66 33.38 -0.18 -2.19
CA ASP B 66 34.70 -0.07 -2.82
C ASP B 66 34.56 0.45 -4.25
N ILE B 67 35.11 1.64 -4.50
CA ILE B 67 34.88 2.46 -5.70
C ILE B 67 35.69 1.92 -6.90
N THR B 68 36.67 1.04 -6.62
CA THR B 68 37.55 0.46 -7.67
C THR B 68 36.76 -0.55 -8.53
N GLN B 69 35.65 -1.04 -7.98
CA GLN B 69 34.73 -1.95 -8.70
C GLN B 69 33.98 -1.18 -9.80
N PHE B 70 33.68 0.11 -9.55
CA PHE B 70 32.58 0.84 -10.23
C PHE B 70 32.85 1.07 -11.71
N ASN B 71 34.09 1.39 -12.12
CA ASN B 71 34.26 1.90 -13.49
C ASN B 71 34.35 0.74 -14.51
N GLN B 72 34.18 -0.49 -14.03
CA GLN B 72 34.16 -1.70 -14.89
C GLN B 72 32.74 -2.01 -15.39
N LEU B 73 31.72 -1.69 -14.59
CA LEU B 73 30.33 -2.21 -14.75
C LEU B 73 29.62 -1.55 -15.94
N THR B 74 28.90 -2.36 -16.73
CA THR B 74 27.89 -1.84 -17.66
C THR B 74 26.67 -1.41 -16.84
N PRO B 75 25.74 -0.62 -17.40
CA PRO B 75 24.50 -0.29 -16.69
C PRO B 75 23.68 -1.51 -16.20
N ALA B 76 23.58 -2.59 -16.99
CA ALA B 76 22.83 -3.80 -16.55
C ALA B 76 23.57 -4.53 -15.42
N GLU B 77 24.90 -4.55 -15.48
CA GLU B 77 25.70 -5.12 -14.41
C GLU B 77 25.58 -4.25 -13.15
N ALA B 78 25.43 -2.93 -13.34
CA ALA B 78 25.37 -2.02 -12.18
C ALA B 78 24.04 -2.24 -11.46
N TRP B 79 22.96 -2.45 -12.22
CA TRP B 79 21.66 -2.84 -11.63
C TRP B 79 21.83 -4.11 -10.78
N LYS B 80 22.48 -5.14 -11.33
CA LYS B 80 22.64 -6.41 -10.63
C LYS B 80 23.59 -6.26 -9.43
N PHE B 81 24.62 -5.44 -9.56
CA PHE B 81 25.55 -5.15 -8.46
C PHE B 81 24.83 -4.47 -7.28
N SER B 82 23.96 -3.50 -7.59
CA SER B 82 23.21 -2.80 -6.56
C SER B 82 22.31 -3.79 -5.83
N LYS B 83 21.52 -4.52 -6.61
CA LYS B 83 20.57 -5.53 -6.07
C LYS B 83 21.29 -6.58 -5.20
N LYS B 84 22.44 -7.08 -5.66
CA LYS B 84 23.24 -8.13 -4.98
C LYS B 84 23.63 -7.66 -3.57
N GLY B 85 24.28 -6.49 -3.49
CA GLY B 85 24.74 -5.96 -2.24
C GLY B 85 23.57 -5.60 -1.32
N ARG B 86 22.54 -4.98 -1.89
CA ARG B 86 21.44 -4.46 -1.10
C ARG B 86 20.68 -5.64 -0.51
N GLU B 87 20.63 -6.76 -1.24
CA GLU B 87 19.89 -7.95 -0.77
C GLU B 87 20.54 -8.53 0.49
N ILE B 88 21.85 -8.39 0.64
CA ILE B 88 22.56 -8.77 1.89
C ILE B 88 22.05 -7.90 3.05
N MET B 89 21.90 -6.59 2.80
CA MET B 89 21.32 -5.67 3.81
C MET B 89 19.90 -6.11 4.18
N ASP B 90 19.12 -6.45 3.17
CA ASP B 90 17.75 -6.85 3.37
C ASP B 90 17.73 -8.08 4.27
N LYS B 91 18.62 -9.02 4.01
CA LYS B 91 18.70 -10.27 4.81
C LYS B 91 19.00 -9.94 6.28
N ILE B 92 19.94 -9.02 6.52
CA ILE B 92 20.25 -8.56 7.90
C ILE B 92 19.00 -7.99 8.58
N GLU B 93 18.29 -7.08 7.89
CA GLU B 93 17.06 -6.45 8.37
C GLU B 93 15.98 -7.49 8.70
N ALA B 94 15.92 -8.58 7.91
CA ALA B 94 14.85 -9.61 8.04
C ALA B 94 15.18 -10.72 9.04
N LEU B 95 16.37 -10.66 9.66
CA LEU B 95 16.91 -11.73 10.57
C LEU B 95 15.97 -11.96 11.75
N SER B 96 15.86 -13.21 12.21
CA SER B 96 14.97 -13.54 13.30
C SER B 96 15.61 -13.18 14.66
N LYS B 97 16.87 -12.78 14.65
CA LYS B 97 17.56 -12.37 15.89
C LYS B 97 17.86 -10.88 15.91
N PRO B 98 17.78 -10.21 17.08
CA PRO B 98 18.09 -8.78 17.20
C PRO B 98 19.50 -8.44 16.70
N THR B 99 19.62 -7.36 15.91
CA THR B 99 20.90 -6.85 15.42
C THR B 99 21.12 -5.42 15.93
N ILE B 100 22.38 -5.12 16.29
CA ILE B 100 22.78 -3.82 16.74
C ILE B 100 23.97 -3.40 15.88
N ALA B 101 23.90 -2.18 15.31
CA ALA B 101 25.08 -1.54 14.69
C ALA B 101 25.76 -0.62 15.72
N MET B 102 27.04 -0.92 16.02
CA MET B 102 27.85 -0.14 16.98
C MET B 102 28.74 0.76 16.14
N ILE B 103 28.29 2.01 15.97
CA ILE B 103 28.88 2.89 14.97
C ILE B 103 30.02 3.66 15.65
N ASN B 104 31.23 3.14 15.46
CA ASN B 104 32.42 3.55 16.25
C ASN B 104 33.09 4.77 15.60
N GLY B 105 32.79 5.03 14.33
CA GLY B 105 33.43 6.04 13.51
C GLY B 105 32.66 6.32 12.23
N TYR B 106 33.37 6.75 11.20
CA TYR B 106 32.83 7.02 9.88
C TYR B 106 31.84 5.93 9.47
N ALA B 107 30.59 6.33 9.20
CA ALA B 107 29.58 5.42 8.60
C ALA B 107 29.03 6.09 7.34
N LEU B 108 29.69 5.87 6.21
CA LEU B 108 29.43 6.64 5.00
C LEU B 108 29.01 5.72 3.85
N GLY B 109 28.02 6.19 3.09
CA GLY B 109 27.49 5.48 1.95
C GLY B 109 27.02 4.09 2.33
N GLY B 110 27.61 3.09 1.68
CA GLY B 110 27.38 1.65 1.99
C GLY B 110 27.45 1.34 3.47
N GLY B 111 28.35 2.01 4.20
CA GLY B 111 28.50 1.81 5.64
C GLY B 111 27.28 2.29 6.42
N LEU B 112 26.74 3.45 6.05
CA LEU B 112 25.50 3.92 6.66
C LEU B 112 24.36 2.98 6.24
N GLU B 113 24.33 2.56 4.96
CA GLU B 113 23.27 1.60 4.49
C GLU B 113 23.30 0.29 5.32
N LEU B 114 24.51 -0.20 5.62
CA LEU B 114 24.68 -1.37 6.48
C LEU B 114 24.08 -1.09 7.86
N ALA B 115 24.41 0.08 8.43
CA ALA B 115 23.91 0.41 9.77
C ALA B 115 22.38 0.50 9.79
N LEU B 116 21.81 1.09 8.72
CA LEU B 116 20.34 1.26 8.57
C LEU B 116 19.63 -0.11 8.51
N ALA B 117 20.32 -1.15 8.05
CA ALA B 117 19.77 -2.50 7.93
C ALA B 117 19.60 -3.14 9.31
N CYS B 118 20.37 -2.71 10.33
CA CYS B 118 20.30 -3.31 11.66
C CYS B 118 19.06 -2.80 12.40
N ASP B 119 18.61 -3.53 13.43
CA ASP B 119 17.45 -3.14 14.23
C ASP B 119 17.68 -1.83 15.01
N ILE B 120 18.84 -1.72 15.66
CA ILE B 120 19.17 -0.63 16.58
C ILE B 120 20.57 -0.10 16.22
N ARG B 121 20.75 1.21 16.28
CA ARG B 121 22.02 1.85 16.06
C ARG B 121 22.41 2.63 17.32
N ILE B 122 23.63 2.39 17.80
CA ILE B 122 24.30 3.16 18.87
C ILE B 122 25.57 3.71 18.25
N ALA B 123 25.81 5.01 18.38
CA ALA B 123 27.01 5.58 17.76
C ALA B 123 27.83 6.36 18.80
N ALA B 124 29.10 6.51 18.48
CA ALA B 124 30.04 7.40 19.16
C ALA B 124 29.68 8.85 18.80
N GLU B 125 29.86 9.75 19.78
CA GLU B 125 29.80 11.21 19.56
C GLU B 125 30.70 11.59 18.39
N GLU B 126 31.82 10.87 18.30
CA GLU B 126 32.89 11.14 17.32
C GLU B 126 32.54 10.57 15.92
N ALA B 127 31.48 9.75 15.81
CA ALA B 127 31.11 9.16 14.51
C ALA B 127 30.62 10.27 13.57
N GLN B 128 30.95 10.16 12.29
CA GLN B 128 30.38 10.96 11.24
C GLN B 128 29.61 10.02 10.29
N LEU B 129 28.41 10.43 9.89
CA LEU B 129 27.49 9.64 9.08
C LEU B 129 27.04 10.43 7.86
N GLY B 130 26.82 9.73 6.75
CA GLY B 130 26.39 10.40 5.57
C GLY B 130 26.26 9.48 4.39
N LEU B 131 25.77 10.03 3.28
CA LEU B 131 25.61 9.36 2.03
C LEU B 131 26.23 10.23 0.96
N PRO B 132 27.57 10.15 0.79
CA PRO B 132 28.32 11.00 -0.14
C PRO B 132 28.38 10.52 -1.60
N GLU B 133 27.60 9.48 -1.94
CA GLU B 133 27.61 8.88 -3.29
C GLU B 133 27.45 9.93 -4.39
N ILE B 134 26.66 10.98 -4.15
CA ILE B 134 26.44 12.06 -5.14
C ILE B 134 27.78 12.74 -5.49
N ASN B 135 28.77 12.68 -4.60
CA ASN B 135 30.16 13.28 -4.89
C ASN B 135 30.86 12.49 -6.00
N LEU B 136 30.45 11.23 -6.24
CA LEU B 136 30.94 10.37 -7.34
C LEU B 136 30.07 10.41 -8.61
N GLY B 137 29.07 11.30 -8.62
CA GLY B 137 28.14 11.40 -9.73
C GLY B 137 27.11 10.27 -9.74
N ILE B 138 26.96 9.56 -8.61
CA ILE B 138 25.98 8.47 -8.50
C ILE B 138 25.08 8.75 -7.28
N TYR B 139 24.43 7.72 -6.75
CA TYR B 139 23.62 7.93 -5.57
C TYR B 139 23.62 6.65 -4.76
N PRO B 140 23.06 6.66 -3.55
CA PRO B 140 23.13 5.45 -2.71
C PRO B 140 22.44 4.25 -3.40
N GLY B 141 23.14 3.09 -3.46
CA GLY B 141 22.72 1.87 -4.19
C GLY B 141 22.46 0.64 -3.32
N TYR B 142 22.62 0.77 -2.00
CA TYR B 142 22.43 -0.36 -1.07
C TYR B 142 21.29 -0.09 -0.09
N GLY B 143 20.30 0.70 -0.51
CA GLY B 143 19.08 0.89 0.25
C GLY B 143 18.95 2.27 0.88
N GLY B 144 19.98 3.11 0.77
CA GLY B 144 19.97 4.39 1.50
C GLY B 144 18.82 5.31 1.09
N THR B 145 18.46 5.33 -0.22
CA THR B 145 17.40 6.20 -0.73
C THR B 145 16.05 5.88 -0.05
N GLN B 146 15.87 4.64 0.41
CA GLN B 146 14.61 4.17 0.98
C GLN B 146 14.64 4.19 2.51
N ARG B 147 15.71 3.63 3.08
CA ARG B 147 15.84 3.50 4.54
C ARG B 147 16.14 4.86 5.22
N LEU B 148 17.00 5.69 4.65
CA LEU B 148 17.33 6.95 5.34
C LEU B 148 16.11 7.85 5.33
N THR B 149 15.43 7.92 4.17
CA THR B 149 14.22 8.73 3.99
C THR B 149 13.17 8.34 5.04
N ARG B 150 12.97 7.04 5.25
N ARG B 150 12.98 7.04 5.25
CA ARG B 150 11.96 6.56 6.18
CA ARG B 150 11.96 6.53 6.18
C ARG B 150 12.36 6.89 7.63
C ARG B 150 12.35 6.78 7.63
N VAL B 151 13.66 6.90 7.91
CA VAL B 151 14.13 7.06 9.29
C VAL B 151 14.15 8.55 9.64
N ILE B 152 14.76 9.42 8.81
CA ILE B 152 14.97 10.81 9.22
C ILE B 152 14.03 11.81 8.49
N GLY B 153 13.17 11.30 7.61
CA GLY B 153 12.21 12.09 6.88
C GLY B 153 12.81 12.55 5.58
N LYS B 154 11.93 12.94 4.64
CA LYS B 154 12.32 13.23 3.28
C LYS B 154 13.20 14.48 3.19
N GLY B 155 12.83 15.54 3.93
CA GLY B 155 13.55 16.82 3.88
C GLY B 155 15.02 16.64 4.19
N ARG B 156 15.33 16.08 5.36
N ARG B 156 15.33 16.09 5.37
CA ARG B 156 16.73 15.89 5.83
CA ARG B 156 16.73 15.87 5.83
C ARG B 156 17.44 14.84 4.95
C ARG B 156 17.44 14.84 4.94
N ALA B 157 16.72 13.75 4.60
CA ALA B 157 17.29 12.69 3.72
C ALA B 157 17.70 13.27 2.35
N LEU B 158 16.80 14.05 1.73
CA LEU B 158 17.14 14.66 0.44
C LEU B 158 18.33 15.64 0.60
N GLU B 159 18.35 16.43 1.69
CA GLU B 159 19.47 17.36 1.85
C GLU B 159 20.80 16.58 1.92
N MET B 160 20.82 15.53 2.74
CA MET B 160 22.02 14.67 2.89
C MET B 160 22.45 14.02 1.57
N MET B 161 21.48 13.50 0.78
CA MET B 161 21.78 12.77 -0.45
C MET B 161 22.14 13.73 -1.60
N MET B 162 21.59 14.94 -1.56
CA MET B 162 21.88 15.87 -2.64
C MET B 162 23.18 16.63 -2.39
N THR B 163 23.52 16.88 -1.13
CA THR B 163 24.77 17.61 -0.80
C THR B 163 25.96 16.66 -0.60
N GLY B 164 25.68 15.43 -0.11
CA GLY B 164 26.75 14.51 0.28
C GLY B 164 27.41 14.86 1.62
N ASP B 165 26.89 15.84 2.33
CA ASP B 165 27.47 16.31 3.58
C ASP B 165 27.32 15.24 4.67
N ARG B 166 28.35 15.13 5.54
CA ARG B 166 28.35 14.25 6.70
C ARG B 166 27.72 14.97 7.88
N ILE B 167 27.15 14.23 8.82
CA ILE B 167 26.66 14.81 10.05
C ILE B 167 27.34 14.11 11.24
N PRO B 168 27.54 14.81 12.38
CA PRO B 168 28.13 14.20 13.58
C PRO B 168 27.06 13.36 14.29
N GLY B 169 27.52 12.48 15.17
CA GLY B 169 26.70 11.52 15.88
C GLY B 169 25.57 12.20 16.62
N LYS B 170 25.85 13.36 17.21
CA LYS B 170 24.84 14.08 18.00
C LYS B 170 23.66 14.50 17.11
N ASP B 171 23.95 14.97 15.89
CA ASP B 171 22.91 15.33 14.95
C ASP B 171 22.17 14.06 14.49
N ALA B 172 22.89 12.96 14.28
CA ALA B 172 22.25 11.68 13.94
C ALA B 172 21.27 11.28 15.04
N GLU B 173 21.63 11.41 16.31
CA GLU B 173 20.69 11.09 17.42
C GLU B 173 19.47 12.03 17.37
N LYS B 174 19.73 13.31 17.15
CA LYS B 174 18.67 14.29 17.14
C LYS B 174 17.64 13.94 16.05
N TYR B 175 18.11 13.53 14.87
CA TYR B 175 17.24 13.19 13.75
C TYR B 175 16.66 11.77 13.82
N GLY B 176 17.04 11.00 14.85
CA GLY B 176 16.60 9.62 15.06
C GLY B 176 17.27 8.60 14.15
N LEU B 177 18.33 9.00 13.43
CA LEU B 177 19.13 8.07 12.67
C LEU B 177 19.82 7.03 13.58
N VAL B 178 20.17 7.41 14.81
CA VAL B 178 20.67 6.45 15.80
C VAL B 178 19.83 6.61 17.03
N ASN B 179 19.81 5.57 17.86
CA ASN B 179 19.00 5.54 19.04
C ASN B 179 19.65 6.40 20.13
N ARG B 180 20.96 6.26 20.29
CA ARG B 180 21.77 6.88 21.34
C ARG B 180 23.14 7.23 20.77
N VAL B 181 23.77 8.25 21.36
CA VAL B 181 25.16 8.56 21.13
C VAL B 181 25.84 8.63 22.51
N VAL B 182 27.07 8.13 22.58
CA VAL B 182 27.89 8.14 23.80
C VAL B 182 29.31 8.37 23.35
N PRO B 183 30.24 8.82 24.23
CA PRO B 183 31.63 8.97 23.81
C PRO B 183 32.14 7.62 23.30
N LEU B 184 33.05 7.65 22.35
CA LEU B 184 33.66 6.45 21.86
C LEU B 184 34.16 5.58 23.03
N ALA B 185 34.73 6.20 24.08
CA ALA B 185 35.34 5.46 25.18
C ALA B 185 34.30 4.60 25.93
N ASN B 186 33.03 4.98 25.85
CA ASN B 186 31.97 4.23 26.54
C ASN B 186 31.12 3.39 25.58
N LEU B 187 31.47 3.34 24.30
CA LEU B 187 30.55 2.81 23.25
C LEU B 187 30.39 1.28 23.38
N GLU B 188 31.53 0.57 23.45
CA GLU B 188 31.47 -0.90 23.62
C GLU B 188 30.68 -1.25 24.89
N GLN B 189 30.83 -0.49 25.97
CA GLN B 189 30.17 -0.90 27.21
C GLN B 189 28.67 -0.57 27.15
N GLU B 190 28.32 0.56 26.50
CA GLU B 190 26.90 0.92 26.32
C GLU B 190 26.22 -0.16 25.46
N THR B 191 26.90 -0.61 24.41
CA THR B 191 26.39 -1.56 23.47
C THR B 191 26.20 -2.92 24.17
N ARG B 192 27.25 -3.33 24.90
N ARG B 192 27.25 -3.33 24.90
CA ARG B 192 27.26 -4.61 25.57
CA ARG B 192 27.26 -4.61 25.58
C ARG B 192 26.09 -4.66 26.56
C ARG B 192 26.09 -4.65 26.55
N LYS B 193 25.89 -3.57 27.30
CA LYS B 193 24.79 -3.45 28.27
C LYS B 193 23.41 -3.64 27.60
N LEU B 194 23.23 -3.04 26.44
CA LEU B 194 21.98 -3.16 25.69
C LEU B 194 21.80 -4.61 25.19
N ALA B 195 22.85 -5.15 24.56
CA ALA B 195 22.85 -6.53 24.00
C ALA B 195 22.57 -7.55 25.10
N GLU B 196 23.15 -7.36 26.28
CA GLU B 196 22.94 -8.29 27.40
C GLU B 196 21.50 -8.24 27.90
N LYS B 197 20.92 -7.04 27.95
CA LYS B 197 19.54 -6.93 28.40
C LYS B 197 18.61 -7.65 27.40
N ILE B 198 18.86 -7.47 26.09
CA ILE B 198 18.02 -8.10 25.05
C ILE B 198 18.20 -9.63 25.08
N ALA B 199 19.46 -10.09 25.23
CA ALA B 199 19.84 -11.54 25.25
C ALA B 199 19.13 -12.32 26.36
N LYS B 200 18.64 -11.63 27.38
CA LYS B 200 17.93 -12.30 28.49
C LYS B 200 16.46 -12.65 28.18
N LYS B 201 15.89 -12.06 27.13
CA LYS B 201 14.44 -12.18 26.85
C LYS B 201 14.17 -13.45 26.03
N SER B 202 12.88 -13.79 25.93
CA SER B 202 12.37 -14.89 25.06
C SER B 202 12.84 -14.71 23.63
N PRO B 203 13.67 -15.62 23.07
CA PRO B 203 14.06 -15.53 21.66
C PRO B 203 12.91 -15.60 20.65
N ILE B 204 11.86 -16.35 20.99
CA ILE B 204 10.68 -16.51 20.13
C ILE B 204 9.86 -15.21 20.18
N SER B 205 9.66 -14.62 21.36
CA SER B 205 9.00 -13.34 21.46
C SER B 205 9.76 -12.29 20.63
N LEU B 206 11.08 -12.32 20.69
CA LEU B 206 11.89 -11.32 20.00
C LEU B 206 11.77 -11.53 18.50
N ALA B 207 11.72 -12.79 18.08
CA ALA B 207 11.58 -13.08 16.66
C ALA B 207 10.21 -12.63 16.16
N LEU B 208 9.14 -12.85 16.96
CA LEU B 208 7.83 -12.45 16.54
C LEU B 208 7.70 -10.92 16.54
N ILE B 209 8.28 -10.24 17.55
CA ILE B 209 8.29 -8.77 17.57
C ILE B 209 8.87 -8.25 16.26
N LYS B 210 10.03 -8.77 15.86
CA LYS B 210 10.71 -8.29 14.66
C LYS B 210 9.87 -8.54 13.41
N GLU B 211 9.26 -9.72 13.32
CA GLU B 211 8.48 -10.10 12.14
C GLU B 211 7.24 -9.18 12.06
N VAL B 212 6.52 -9.02 13.18
CA VAL B 212 5.29 -8.26 13.11
C VAL B 212 5.57 -6.76 12.94
N VAL B 213 6.70 -6.27 13.48
CA VAL B 213 7.07 -4.89 13.30
C VAL B 213 7.46 -4.66 11.86
N ASN B 214 8.40 -5.43 11.35
CA ASN B 214 8.89 -5.21 9.97
C ASN B 214 7.80 -5.43 8.92
N ARG B 215 7.06 -6.55 9.00
CA ARG B 215 6.00 -6.79 7.99
C ARG B 215 4.83 -5.84 8.19
N GLY B 216 4.46 -5.58 9.45
CA GLY B 216 3.31 -4.72 9.80
C GLY B 216 3.51 -3.27 9.36
N LEU B 217 4.73 -2.76 9.52
CA LEU B 217 5.05 -1.35 9.18
C LEU B 217 4.85 -1.12 7.68
N ASP B 218 5.15 -2.12 6.87
CA ASP B 218 5.04 -2.11 5.39
C ASP B 218 3.59 -2.28 4.91
N SER B 219 2.65 -2.52 5.80
CA SER B 219 1.25 -2.81 5.44
C SER B 219 0.29 -1.72 5.92
N PRO B 220 -0.97 -1.78 5.47
CA PRO B 220 -2.02 -0.92 6.03
C PRO B 220 -2.14 -1.27 7.52
N LEU B 221 -2.49 -0.27 8.32
CA LEU B 221 -2.47 -0.43 9.80
C LEU B 221 -3.32 -1.61 10.24
N LEU B 222 -4.50 -1.80 9.67
CA LEU B 222 -5.35 -2.96 10.07
C LEU B 222 -4.65 -4.29 9.74
N SER B 223 -3.97 -4.39 8.61
CA SER B 223 -3.23 -5.64 8.28
C SER B 223 -2.08 -5.82 9.29
N GLY B 224 -1.40 -4.74 9.64
CA GLY B 224 -0.34 -4.84 10.65
C GLY B 224 -0.90 -5.30 11.99
N LEU B 225 -2.05 -4.75 12.35
CA LEU B 225 -2.69 -5.12 13.64
C LEU B 225 -3.11 -6.59 13.62
N ALA B 226 -3.67 -7.07 12.51
CA ALA B 226 -4.13 -8.48 12.40
C ALA B 226 -2.92 -9.42 12.61
N LEU B 227 -1.81 -9.03 12.00
CA LEU B 227 -0.55 -9.78 12.12
C LEU B 227 -0.10 -9.77 13.59
N GLU B 228 -0.20 -8.62 14.25
CA GLU B 228 0.20 -8.57 15.69
C GLU B 228 -0.69 -9.52 16.49
N SER B 229 -1.99 -9.54 16.22
CA SER B 229 -2.90 -10.42 17.00
C SER B 229 -2.60 -11.91 16.81
N VAL B 230 -2.41 -12.36 15.56
CA VAL B 230 -2.14 -13.81 15.34
C VAL B 230 -0.81 -14.19 16.00
N GLY B 231 0.19 -13.30 15.94
CA GLY B 231 1.52 -13.52 16.57
C GLY B 231 1.41 -13.66 18.07
N TRP B 232 0.48 -12.91 18.66
CA TRP B 232 0.21 -12.95 20.12
C TRP B 232 -0.29 -14.36 20.46
N GLY B 233 -1.13 -14.94 19.61
CA GLY B 233 -1.54 -16.34 19.83
C GLY B 233 -0.33 -17.25 19.77
N VAL B 234 0.57 -17.06 18.81
CA VAL B 234 1.77 -17.95 18.74
C VAL B 234 2.62 -17.75 20.00
N VAL B 235 2.84 -16.50 20.42
CA VAL B 235 3.68 -16.22 21.63
C VAL B 235 3.05 -16.83 22.89
N PHE B 236 1.72 -16.90 22.97
CA PHE B 236 1.03 -17.53 24.13
C PHE B 236 1.22 -19.06 24.21
N SER B 237 1.74 -19.73 23.19
CA SER B 237 1.99 -21.18 23.25
C SER B 237 3.42 -21.47 23.75
N THR B 238 4.23 -20.45 24.05
CA THR B 238 5.63 -20.71 24.34
C THR B 238 5.83 -21.01 25.84
N GLU B 239 6.88 -21.76 26.13
CA GLU B 239 7.26 -22.05 27.54
C GLU B 239 7.67 -20.75 28.25
N ASP B 240 8.36 -19.83 27.55
CA ASP B 240 8.80 -18.51 28.13
C ASP B 240 7.59 -17.67 28.55
N LYS B 241 6.46 -17.76 27.83
CA LYS B 241 5.24 -17.11 28.27
C LYS B 241 4.79 -17.69 29.62
N LYS B 242 4.84 -19.03 29.75
CA LYS B 242 4.38 -19.65 31.00
C LYS B 242 5.27 -19.17 32.14
N GLU B 243 6.60 -19.17 31.91
CA GLU B 243 7.56 -18.67 32.92
C GLU B 243 7.25 -17.23 33.30
N GLY B 244 7.09 -16.36 32.29
CA GLY B 244 6.99 -14.95 32.54
C GLY B 244 5.74 -14.60 33.33
N VAL B 245 4.62 -15.20 32.93
CA VAL B 245 3.32 -14.91 33.56
C VAL B 245 3.33 -15.37 35.02
N SER B 246 3.87 -16.55 35.28
CA SER B 246 3.97 -17.08 36.66
C SER B 246 4.90 -16.18 37.47
N ALA B 247 6.00 -15.71 36.89
CA ALA B 247 6.93 -14.85 37.65
C ALA B 247 6.19 -13.59 38.12
N PHE B 248 5.41 -12.95 37.27
CA PHE B 248 4.68 -11.74 37.74
C PHE B 248 3.69 -12.15 38.84
N LEU B 249 3.02 -13.29 38.65
CA LEU B 249 2.03 -13.82 39.61
C LEU B 249 2.70 -14.13 40.95
N GLU B 250 3.89 -14.75 40.91
CA GLU B 250 4.67 -15.22 42.07
C GLU B 250 5.62 -14.14 42.59
N LYS B 251 5.61 -12.94 42.00
CA LYS B 251 6.46 -11.81 42.47
C LYS B 251 7.95 -12.21 42.52
N ARG B 252 8.42 -12.94 41.53
CA ARG B 252 9.82 -13.42 41.47
C ARG B 252 10.40 -13.06 40.10
N GLU B 253 11.73 -13.05 39.99
CA GLU B 253 12.37 -12.73 38.69
C GLU B 253 12.24 -13.91 37.74
N PRO B 254 11.91 -13.71 36.45
CA PRO B 254 11.79 -14.82 35.50
C PRO B 254 13.12 -15.17 34.82
N THR B 255 13.29 -16.44 34.45
CA THR B 255 14.44 -16.91 33.65
C THR B 255 13.94 -17.55 32.34
N PHE B 256 14.31 -16.96 31.20
CA PHE B 256 13.76 -17.36 29.89
C PHE B 256 14.69 -18.39 29.25
N LYS B 257 14.46 -19.65 29.64
CA LYS B 257 15.32 -20.79 29.37
C LYS B 257 15.29 -21.13 27.87
N MET C 1 -23.65 4.99 32.29
CA MET C 1 -23.56 6.36 32.91
C MET C 1 -23.02 6.27 34.36
N GLU C 2 -23.25 5.11 35.01
CA GLU C 2 -22.60 4.76 36.27
C GLU C 2 -21.90 3.42 36.09
N PHE C 3 -20.59 3.44 36.32
CA PHE C 3 -19.70 2.38 35.93
C PHE C 3 -18.94 1.93 37.17
N GLU C 4 -18.49 0.67 37.19
CA GLU C 4 -17.73 0.12 38.28
C GLU C 4 -16.27 0.57 38.23
N THR C 5 -15.69 0.68 37.03
CA THR C 5 -14.24 0.81 36.88
C THR C 5 -13.82 2.17 36.29
N ILE C 6 -14.78 2.96 35.79
CA ILE C 6 -14.49 4.30 35.28
C ILE C 6 -15.50 5.33 35.81
N GLU C 7 -15.05 6.58 35.83
CA GLU C 7 -15.87 7.75 36.06
C GLU C 7 -15.99 8.54 34.74
N THR C 8 -17.22 8.94 34.41
CA THR C 8 -17.51 9.83 33.29
C THR C 8 -18.08 11.14 33.84
N LYS C 9 -17.56 12.28 33.34
CA LYS C 9 -17.93 13.65 33.74
C LYS C 9 -18.12 14.48 32.46
N LYS C 10 -19.28 15.12 32.32
CA LYS C 10 -19.62 15.89 31.13
C LYS C 10 -19.69 17.38 31.50
N GLU C 11 -18.57 18.11 31.31
CA GLU C 11 -18.47 19.55 31.54
C GLU C 11 -18.74 20.30 30.23
N GLY C 12 -20.01 20.60 29.97
CA GLY C 12 -20.40 21.34 28.76
C GLY C 12 -20.21 20.50 27.49
N ASN C 13 -19.23 20.95 26.68
N ASN C 13 -19.25 20.88 26.63
CA ASN C 13 -18.82 20.36 25.39
CA ASN C 13 -19.02 20.10 25.41
C ASN C 13 -17.85 19.19 25.59
C ASN C 13 -17.74 19.25 25.55
N LEU C 14 -17.22 19.11 26.78
CA LEU C 14 -16.16 18.16 27.09
C LEU C 14 -16.77 16.92 27.76
N PHE C 15 -16.20 15.75 27.45
CA PHE C 15 -16.53 14.48 28.12
C PHE C 15 -15.23 13.86 28.66
N TRP C 16 -15.10 13.84 30.00
CA TRP C 16 -13.93 13.29 30.70
C TRP C 16 -14.23 11.84 31.06
N ILE C 17 -13.35 10.94 30.63
CA ILE C 17 -13.37 9.54 31.02
C ILE C 17 -12.14 9.31 31.88
N THR C 18 -12.38 8.94 33.13
CA THR C 18 -11.27 8.69 34.07
C THR C 18 -11.24 7.19 34.41
N LEU C 19 -10.13 6.52 34.14
CA LEU C 19 -10.02 5.08 34.50
C LEU C 19 -10.06 5.02 36.03
N ASN C 20 -10.88 4.15 36.61
CA ASN C 20 -11.04 4.20 38.09
C ASN C 20 -10.84 2.84 38.77
N ARG C 21 -9.61 2.34 38.74
CA ARG C 21 -9.14 1.15 39.48
C ARG C 21 -7.78 1.55 40.06
N PRO C 22 -7.68 2.61 40.89
CA PRO C 22 -6.40 3.13 41.37
C PRO C 22 -5.56 2.12 42.14
N ASP C 23 -6.21 1.22 42.88
CA ASP C 23 -5.53 0.16 43.68
C ASP C 23 -4.70 -0.77 42.77
N LYS C 24 -5.15 -1.01 41.54
CA LYS C 24 -4.44 -1.85 40.54
C LYS C 24 -3.78 -0.96 39.46
N LEU C 25 -3.59 0.32 39.77
CA LEU C 25 -2.96 1.32 38.86
C LEU C 25 -3.71 1.40 37.53
N ASN C 26 -5.05 1.35 37.59
CA ASN C 26 -5.93 1.44 36.40
C ASN C 26 -5.66 0.33 35.38
N ALA C 27 -5.26 -0.87 35.84
CA ALA C 27 -4.95 -1.97 34.90
C ALA C 27 -6.23 -2.34 34.13
N LEU C 28 -6.08 -2.63 32.84
CA LEU C 28 -7.26 -2.96 32.01
C LEU C 28 -7.69 -4.41 32.25
N ASN C 29 -8.91 -4.60 32.71
CA ASN C 29 -9.50 -5.93 32.84
C ASN C 29 -10.73 -5.95 31.92
N ALA C 30 -11.37 -7.11 31.79
CA ALA C 30 -12.42 -7.30 30.82
C ALA C 30 -13.56 -6.31 31.09
N LYS C 31 -13.82 -6.04 32.37
CA LYS C 31 -14.90 -5.15 32.79
C LYS C 31 -14.59 -3.71 32.39
N LEU C 32 -13.34 -3.28 32.62
CA LEU C 32 -12.96 -1.92 32.31
C LEU C 32 -13.08 -1.68 30.80
N LEU C 33 -12.64 -2.65 29.97
CA LEU C 33 -12.67 -2.46 28.52
C LEU C 33 -14.12 -2.31 28.05
N GLU C 34 -15.00 -3.19 28.56
CA GLU C 34 -16.41 -3.17 28.22
C GLU C 34 -16.99 -1.80 28.55
N GLU C 35 -16.64 -1.25 29.72
CA GLU C 35 -17.17 0.01 30.22
C GLU C 35 -16.62 1.20 29.42
N LEU C 36 -15.31 1.17 29.17
CA LEU C 36 -14.67 2.20 28.33
C LEU C 36 -15.34 2.23 26.95
N ASP C 37 -15.60 1.04 26.39
CA ASP C 37 -16.25 0.91 25.10
C ASP C 37 -17.59 1.65 25.14
N ARG C 38 -18.38 1.34 26.17
CA ARG C 38 -19.74 1.87 26.28
C ARG C 38 -19.66 3.39 26.38
N ALA C 39 -18.73 3.89 27.22
CA ALA C 39 -18.60 5.29 27.50
C ALA C 39 -18.18 6.07 26.24
N VAL C 40 -17.28 5.49 25.45
CA VAL C 40 -16.82 6.13 24.23
C VAL C 40 -17.98 6.14 23.23
N SER C 41 -18.74 5.05 23.11
CA SER C 41 -19.95 4.97 22.25
C SER C 41 -20.98 6.03 22.67
N GLN C 42 -21.18 6.20 23.98
CA GLN C 42 -22.09 7.22 24.53
C GLN C 42 -21.68 8.61 24.03
N ALA C 43 -20.43 8.99 24.32
CA ALA C 43 -19.91 10.31 23.98
C ALA C 43 -20.05 10.56 22.48
N GLU C 44 -19.80 9.52 21.69
CA GLU C 44 -19.89 9.58 20.23
C GLU C 44 -21.35 9.91 19.82
N SER C 45 -22.33 9.27 20.48
CA SER C 45 -23.78 9.40 20.17
C SER C 45 -24.33 10.80 20.47
N ASP C 46 -23.73 11.48 21.46
CA ASP C 46 -24.28 12.65 22.12
C ASP C 46 -23.79 13.94 21.46
N PRO C 47 -24.64 14.65 20.68
CA PRO C 47 -24.23 15.89 19.99
C PRO C 47 -23.71 17.04 20.86
N GLU C 48 -24.04 17.02 22.15
CA GLU C 48 -23.56 18.05 23.07
C GLU C 48 -22.04 17.88 23.29
N ILE C 49 -21.51 16.66 23.07
CA ILE C 49 -20.09 16.42 23.30
C ILE C 49 -19.31 16.66 22.01
N ARG C 50 -18.22 17.40 22.15
CA ARG C 50 -17.37 17.82 21.04
C ARG C 50 -15.95 17.22 21.16
N VAL C 51 -15.45 17.07 22.39
CA VAL C 51 -14.11 16.56 22.67
C VAL C 51 -14.22 15.58 23.84
N ILE C 52 -13.44 14.50 23.75
CA ILE C 52 -13.33 13.44 24.74
C ILE C 52 -11.91 13.41 25.28
N ILE C 53 -11.79 13.45 26.61
CA ILE C 53 -10.50 13.35 27.27
C ILE C 53 -10.48 12.07 28.11
N ILE C 54 -9.38 11.31 28.01
CA ILE C 54 -9.19 10.09 28.81
C ILE C 54 -7.98 10.32 29.71
N THR C 55 -8.17 9.99 31.00
CA THR C 55 -7.13 10.12 32.01
C THR C 55 -7.32 9.01 33.06
N GLY C 56 -6.39 8.95 34.02
CA GLY C 56 -6.43 7.92 35.06
C GLY C 56 -6.51 8.55 36.45
N LYS C 57 -7.25 7.90 37.34
CA LYS C 57 -7.29 8.41 38.73
C LYS C 57 -6.04 7.91 39.45
N GLY C 58 -5.46 8.73 40.32
CA GLY C 58 -4.31 8.27 41.11
C GLY C 58 -2.96 8.49 40.48
N LYS C 59 -2.02 7.67 40.91
CA LYS C 59 -0.58 7.68 40.54
C LYS C 59 -0.37 7.35 39.05
N ALA C 60 -1.25 6.55 38.45
CA ALA C 60 -0.98 6.10 37.07
C ALA C 60 -2.10 6.42 36.08
N PHE C 61 -1.72 6.60 34.82
CA PHE C 61 -2.76 6.74 33.76
C PHE C 61 -3.36 5.34 33.59
N CYS C 62 -2.50 4.38 33.27
CA CYS C 62 -2.86 2.94 33.11
C CYS C 62 -1.56 2.13 33.14
N ALA C 63 -1.44 1.19 34.07
CA ALA C 63 -0.23 0.38 34.26
C ALA C 63 -0.26 -0.91 33.44
N GLY C 64 -1.30 -1.14 32.64
CA GLY C 64 -1.27 -2.32 31.76
C GLY C 64 -2.56 -3.09 31.70
N ALA C 65 -2.54 -4.20 30.96
CA ALA C 65 -3.65 -5.15 30.85
C ALA C 65 -3.55 -6.07 32.08
N ASP C 66 -4.69 -6.49 32.61
CA ASP C 66 -4.79 -7.32 33.79
C ASP C 66 -4.23 -8.70 33.44
N ILE C 67 -3.09 -9.04 34.07
CA ILE C 67 -2.29 -10.21 33.76
C ILE C 67 -2.96 -11.47 34.30
N THR C 68 -3.85 -11.33 35.27
CA THR C 68 -4.48 -12.50 35.93
C THR C 68 -5.31 -13.29 34.91
N GLN C 69 -5.74 -12.60 33.86
CA GLN C 69 -6.48 -13.19 32.74
C GLN C 69 -5.64 -14.26 32.02
N PHE C 70 -4.33 -13.99 31.86
CA PHE C 70 -3.45 -14.58 30.80
C PHE C 70 -3.12 -16.06 31.03
N ASN C 71 -3.51 -16.60 32.18
CA ASN C 71 -3.05 -17.91 32.66
C ASN C 71 -3.66 -19.04 31.83
N GLN C 72 -4.94 -18.86 31.45
CA GLN C 72 -5.83 -19.96 31.07
C GLN C 72 -6.01 -20.05 29.55
N LEU C 73 -5.42 -19.11 28.79
CA LEU C 73 -5.76 -18.92 27.37
C LEU C 73 -4.98 -19.93 26.51
N THR C 74 -5.71 -20.70 25.70
CA THR C 74 -5.12 -21.43 24.58
C THR C 74 -4.60 -20.43 23.55
N PRO C 75 -3.66 -20.81 22.69
CA PRO C 75 -3.20 -19.91 21.62
C PRO C 75 -4.36 -19.27 20.82
N ALA C 76 -5.42 -20.03 20.51
CA ALA C 76 -6.51 -19.51 19.71
C ALA C 76 -7.29 -18.47 20.52
N GLU C 77 -7.44 -18.74 21.82
CA GLU C 77 -8.15 -17.83 22.67
C GLU C 77 -7.34 -16.54 22.82
N ALA C 78 -6.01 -16.67 22.87
CA ALA C 78 -5.13 -15.51 23.02
C ALA C 78 -5.21 -14.62 21.76
N TRP C 79 -5.18 -15.22 20.58
CA TRP C 79 -5.46 -14.48 19.30
C TRP C 79 -6.75 -13.69 19.46
N LYS C 80 -7.82 -14.36 19.92
CA LYS C 80 -9.11 -13.67 19.99
C LYS C 80 -9.09 -12.54 21.02
N PHE C 81 -8.46 -12.80 22.18
CA PHE C 81 -8.33 -11.85 23.27
C PHE C 81 -7.59 -10.58 22.78
N SER C 82 -6.47 -10.75 22.06
CA SER C 82 -5.70 -9.62 21.52
C SER C 82 -6.57 -8.75 20.59
N LYS C 83 -7.25 -9.44 19.69
CA LYS C 83 -8.07 -8.82 18.67
C LYS C 83 -9.23 -8.06 19.33
N LYS C 84 -9.88 -8.69 20.33
CA LYS C 84 -11.04 -8.08 20.97
C LYS C 84 -10.66 -6.75 21.67
N GLY C 85 -9.58 -6.78 22.45
CA GLY C 85 -9.15 -5.63 23.20
C GLY C 85 -8.63 -4.53 22.28
N ARG C 86 -7.84 -4.95 21.29
CA ARG C 86 -7.24 -4.04 20.35
C ARG C 86 -8.31 -3.37 19.46
N GLU C 87 -9.41 -4.08 19.16
CA GLU C 87 -10.53 -3.54 18.37
C GLU C 87 -11.22 -2.38 19.09
N ILE C 88 -11.14 -2.35 20.41
CA ILE C 88 -11.67 -1.21 21.19
C ILE C 88 -10.78 0.02 20.98
N MET C 89 -9.47 -0.20 21.01
CA MET C 89 -8.50 0.84 20.75
C MET C 89 -8.69 1.38 19.34
N ASP C 90 -8.98 0.46 18.41
CA ASP C 90 -9.22 0.85 17.00
C ASP C 90 -10.46 1.78 16.93
N LYS C 91 -11.51 1.43 17.68
CA LYS C 91 -12.76 2.17 17.68
C LYS C 91 -12.50 3.62 18.18
N ILE C 92 -11.70 3.77 19.24
CA ILE C 92 -11.30 5.05 19.79
C ILE C 92 -10.54 5.84 18.70
N GLU C 93 -9.57 5.19 18.04
CA GLU C 93 -8.80 5.85 17.00
C GLU C 93 -9.73 6.36 15.87
N ALA C 94 -10.80 5.62 15.54
CA ALA C 94 -11.64 5.90 14.38
C ALA C 94 -12.81 6.82 14.72
N LEU C 95 -12.96 7.16 16.01
CA LEU C 95 -14.04 8.04 16.51
C LEU C 95 -14.10 9.33 15.67
N SER C 96 -15.31 9.83 15.43
CA SER C 96 -15.53 11.02 14.59
C SER C 96 -15.26 12.33 15.36
N LYS C 97 -15.05 12.23 16.67
CA LYS C 97 -14.80 13.37 17.55
C LYS C 97 -13.39 13.31 18.10
N PRO C 98 -12.70 14.46 18.27
CA PRO C 98 -11.34 14.49 18.80
C PRO C 98 -11.17 13.88 20.21
N THR C 99 -10.10 13.10 20.37
CA THR C 99 -9.73 12.45 21.63
C THR C 99 -8.34 12.90 22.06
N ILE C 100 -8.20 13.13 23.39
CA ILE C 100 -6.97 13.51 24.03
C ILE C 100 -6.75 12.53 25.18
N ALA C 101 -5.56 11.93 25.21
CA ALA C 101 -5.04 11.19 26.35
C ALA C 101 -4.24 12.14 27.24
N MET C 102 -4.74 12.32 28.47
CA MET C 102 -4.10 13.12 29.49
C MET C 102 -3.31 12.18 30.41
N ILE C 103 -2.00 12.06 30.17
CA ILE C 103 -1.22 10.99 30.76
C ILE C 103 -0.58 11.52 32.04
N ASN C 104 -1.20 11.20 33.18
CA ASN C 104 -0.91 11.82 34.49
C ASN C 104 0.19 11.05 35.23
N GLY C 105 0.47 9.81 34.82
CA GLY C 105 1.54 9.00 35.39
C GLY C 105 1.83 7.77 34.52
N TYR C 106 2.07 6.63 35.17
CA TYR C 106 2.39 5.36 34.50
C TYR C 106 1.46 5.11 33.31
N ALA C 107 2.06 4.99 32.11
CA ALA C 107 1.35 4.47 30.92
C ALA C 107 2.17 3.30 30.35
N LEU C 108 1.81 2.08 30.76
CA LEU C 108 2.62 0.91 30.50
C LEU C 108 1.78 -0.14 29.77
N GLY C 109 2.38 -0.74 28.75
CA GLY C 109 1.72 -1.78 27.98
C GLY C 109 0.38 -1.35 27.41
N GLY C 110 -0.65 -2.12 27.74
CA GLY C 110 -2.02 -1.78 27.45
C GLY C 110 -2.33 -0.30 27.64
N GLY C 111 -1.80 0.27 28.74
CA GLY C 111 -1.92 1.68 29.06
C GLY C 111 -1.38 2.61 27.98
N LEU C 112 -0.16 2.33 27.51
CA LEU C 112 0.39 3.15 26.47
C LEU C 112 -0.36 2.91 25.14
N GLU C 113 -0.79 1.67 24.91
CA GLU C 113 -1.50 1.32 23.69
C GLU C 113 -2.83 2.09 23.63
N LEU C 114 -3.52 2.22 24.78
CA LEU C 114 -4.70 3.08 24.90
C LEU C 114 -4.38 4.54 24.56
N ALA C 115 -3.30 5.09 25.15
CA ALA C 115 -2.85 6.44 24.84
C ALA C 115 -2.59 6.59 23.34
N LEU C 116 -1.97 5.58 22.73
CA LEU C 116 -1.55 5.66 21.31
C LEU C 116 -2.78 5.68 20.40
N ALA C 117 -3.94 5.24 20.90
CA ALA C 117 -5.15 5.19 20.11
C ALA C 117 -5.84 6.55 20.04
N CYS C 118 -5.55 7.44 21.02
CA CYS C 118 -6.09 8.78 21.04
C CYS C 118 -5.42 9.67 19.98
N ASP C 119 -6.11 10.73 19.58
CA ASP C 119 -5.58 11.68 18.57
C ASP C 119 -4.33 12.39 19.09
N ILE C 120 -4.42 12.95 20.31
CA ILE C 120 -3.38 13.80 20.85
C ILE C 120 -3.02 13.27 22.24
N ARG C 121 -1.73 13.28 22.58
CA ARG C 121 -1.27 12.92 23.91
C ARG C 121 -0.53 14.11 24.53
N ILE C 122 -0.93 14.43 25.76
CA ILE C 122 -0.22 15.39 26.62
C ILE C 122 0.13 14.67 27.93
N ALA C 123 1.37 14.77 28.38
CA ALA C 123 1.82 14.00 29.52
C ALA C 123 2.46 14.91 30.58
N ALA C 124 2.40 14.43 31.83
CA ALA C 124 3.18 14.99 32.92
C ALA C 124 4.65 14.63 32.73
N GLU C 125 5.53 15.58 33.05
CA GLU C 125 7.00 15.39 33.06
C GLU C 125 7.34 14.14 33.88
N GLU C 126 6.49 13.88 34.89
CA GLU C 126 6.68 12.83 35.90
C GLU C 126 6.21 11.47 35.37
N ALA C 127 5.47 11.46 34.24
CA ALA C 127 4.93 10.24 33.65
C ALA C 127 6.07 9.30 33.27
N GLN C 128 5.80 8.00 33.39
CA GLN C 128 6.67 6.94 32.86
C GLN C 128 5.88 6.14 31.83
N LEU C 129 6.50 5.89 30.67
CA LEU C 129 5.81 5.24 29.54
C LEU C 129 6.68 4.09 29.03
N GLY C 130 6.04 2.98 28.66
CA GLY C 130 6.80 1.86 28.05
C GLY C 130 5.90 0.70 27.69
N LEU C 131 6.51 -0.30 27.07
CA LEU C 131 5.82 -1.55 26.70
C LEU C 131 6.65 -2.67 27.32
N PRO C 132 6.33 -3.04 28.57
CA PRO C 132 7.08 -4.05 29.32
C PRO C 132 6.56 -5.49 29.11
N GLU C 133 5.77 -5.71 28.06
CA GLU C 133 5.16 -7.03 27.73
C GLU C 133 6.24 -8.10 27.55
N ILE C 134 7.40 -7.76 27.00
CA ILE C 134 8.54 -8.71 26.82
C ILE C 134 9.00 -9.32 28.16
N ASN C 135 8.88 -8.59 29.29
CA ASN C 135 9.20 -9.05 30.66
C ASN C 135 8.32 -10.25 31.08
N LEU C 136 7.11 -10.37 30.53
CA LEU C 136 6.17 -11.49 30.82
C LEU C 136 6.39 -12.63 29.81
N GLY C 137 7.34 -12.48 28.91
CA GLY C 137 7.59 -13.50 27.87
C GLY C 137 6.69 -13.34 26.66
N ILE C 138 5.92 -12.26 26.62
CA ILE C 138 5.00 -12.00 25.47
C ILE C 138 5.45 -10.71 24.77
N TYR C 139 4.52 -10.03 24.10
CA TYR C 139 4.78 -8.76 23.40
C TYR C 139 3.48 -7.93 23.36
N PRO C 140 3.51 -6.63 23.01
CA PRO C 140 2.29 -5.82 23.01
C PRO C 140 1.23 -6.40 22.07
N GLY C 141 0.01 -6.62 22.60
CA GLY C 141 -1.07 -7.22 21.82
C GLY C 141 -2.29 -6.33 21.61
N TYR C 142 -2.21 -5.07 22.01
CA TYR C 142 -3.32 -4.13 21.86
C TYR C 142 -2.94 -2.99 20.90
N GLY C 143 -2.01 -3.26 20.01
CA GLY C 143 -1.68 -2.38 18.90
C GLY C 143 -0.29 -1.74 18.99
N GLY C 144 0.41 -1.93 20.10
CA GLY C 144 1.69 -1.24 20.34
C GLY C 144 2.76 -1.50 19.30
N THR C 145 2.80 -2.72 18.74
CA THR C 145 3.88 -3.08 17.76
C THR C 145 3.70 -2.28 16.47
N GLN C 146 2.47 -1.84 16.21
CA GLN C 146 2.18 -1.12 14.98
C GLN C 146 2.19 0.40 15.25
N ARG C 147 1.48 0.82 16.30
CA ARG C 147 1.33 2.25 16.56
C ARG C 147 2.63 2.84 17.11
N LEU C 148 3.29 2.19 18.09
CA LEU C 148 4.52 2.79 18.66
C LEU C 148 5.55 3.00 17.55
N THR C 149 5.71 1.97 16.71
CA THR C 149 6.71 2.00 15.62
C THR C 149 6.42 3.18 14.68
N ARG C 150 5.13 3.40 14.40
CA ARG C 150 4.73 4.45 13.44
C ARG C 150 4.92 5.84 14.08
N VAL C 151 4.84 5.92 15.41
CA VAL C 151 4.94 7.20 16.09
C VAL C 151 6.41 7.58 16.38
N ILE C 152 7.24 6.70 16.97
CA ILE C 152 8.61 7.08 17.37
C ILE C 152 9.68 6.50 16.42
N GLY C 153 9.27 5.71 15.44
CA GLY C 153 10.24 5.12 14.53
C GLY C 153 10.65 3.72 14.99
N LYS C 154 11.13 2.93 14.02
CA LYS C 154 11.36 1.53 14.25
C LYS C 154 12.51 1.27 15.23
N GLY C 155 13.64 1.97 15.06
CA GLY C 155 14.78 1.81 15.94
C GLY C 155 14.44 1.95 17.41
N ARG C 156 13.77 3.03 17.76
CA ARG C 156 13.51 3.26 19.17
C ARG C 156 12.34 2.39 19.63
N ALA C 157 11.36 2.14 18.76
CA ALA C 157 10.23 1.28 19.16
C ALA C 157 10.74 -0.15 19.42
N LEU C 158 11.65 -0.65 18.58
CA LEU C 158 12.22 -1.96 18.79
C LEU C 158 13.02 -2.02 20.10
N GLU C 159 13.81 -0.97 20.38
CA GLU C 159 14.61 -0.94 21.58
C GLU C 159 13.66 -1.00 22.78
N MET C 160 12.59 -0.20 22.74
CA MET C 160 11.64 -0.19 23.84
C MET C 160 10.93 -1.54 24.01
N MET C 161 10.51 -2.18 22.91
CA MET C 161 9.75 -3.42 23.04
C MET C 161 10.65 -4.62 23.38
N MET C 162 11.92 -4.60 22.93
CA MET C 162 12.84 -5.71 23.14
C MET C 162 13.45 -5.66 24.56
N THR C 163 13.64 -4.46 25.13
CA THR C 163 14.18 -4.28 26.49
C THR C 163 13.06 -4.21 27.55
N GLY C 164 11.89 -3.68 27.18
CA GLY C 164 10.80 -3.39 28.11
C GLY C 164 11.08 -2.18 28.99
N ASP C 165 12.14 -1.44 28.72
CA ASP C 165 12.49 -0.30 29.59
C ASP C 165 11.50 0.85 29.38
N ARG C 166 11.20 1.51 30.50
CA ARG C 166 10.30 2.66 30.55
C ARG C 166 11.11 3.94 30.30
N ILE C 167 10.45 4.97 29.75
CA ILE C 167 11.07 6.25 29.48
C ILE C 167 10.30 7.32 30.22
N PRO C 168 10.99 8.40 30.63
CA PRO C 168 10.33 9.54 31.27
C PRO C 168 9.58 10.42 30.24
N GLY C 169 8.58 11.17 30.70
CA GLY C 169 7.80 12.09 29.87
C GLY C 169 8.63 12.95 28.91
N LYS C 170 9.79 13.45 29.35
CA LYS C 170 10.53 14.39 28.55
C LYS C 170 11.16 13.67 27.34
N ASP C 171 11.55 12.42 27.54
CA ASP C 171 12.06 11.59 26.45
C ASP C 171 10.90 11.26 25.49
N ALA C 172 9.69 11.07 26.03
CA ALA C 172 8.52 10.81 25.21
C ALA C 172 8.27 12.00 24.28
N GLU C 173 8.45 13.23 24.78
CA GLU C 173 8.22 14.43 24.02
C GLU C 173 9.31 14.51 22.95
N LYS C 174 10.55 14.27 23.34
CA LYS C 174 11.69 14.33 22.40
C LYS C 174 11.45 13.38 21.21
N TYR C 175 10.90 12.19 21.49
CA TYR C 175 10.66 11.17 20.45
C TYR C 175 9.35 11.37 19.67
N GLY C 176 8.46 12.26 20.12
CA GLY C 176 7.16 12.51 19.48
C GLY C 176 6.06 11.58 20.00
N LEU C 177 6.35 10.80 21.03
CA LEU C 177 5.39 9.89 21.58
C LEU C 177 4.24 10.65 22.22
N VAL C 178 4.53 11.83 22.78
CA VAL C 178 3.51 12.78 23.27
C VAL C 178 3.77 14.13 22.61
N ASN C 179 2.72 14.96 22.53
CA ASN C 179 2.83 16.22 21.86
C ASN C 179 3.70 17.15 22.70
N ARG C 180 3.43 17.18 24.01
CA ARG C 180 4.32 17.91 24.94
C ARG C 180 4.13 17.35 26.36
N VAL C 181 5.03 17.73 27.26
CA VAL C 181 4.89 17.45 28.70
C VAL C 181 4.85 18.78 29.47
N VAL C 182 4.11 18.79 30.56
CA VAL C 182 4.16 19.88 31.53
C VAL C 182 4.21 19.25 32.92
N PRO C 183 4.57 20.01 33.98
CA PRO C 183 4.51 19.45 35.34
C PRO C 183 3.10 18.91 35.61
N LEU C 184 3.00 17.82 36.38
CA LEU C 184 1.69 17.23 36.71
C LEU C 184 0.72 18.30 37.24
N ALA C 185 1.23 19.28 38.00
CA ALA C 185 0.38 20.29 38.65
C ALA C 185 -0.35 21.17 37.62
N ASN C 186 0.20 21.32 36.40
CA ASN C 186 -0.39 22.15 35.33
C ASN C 186 -1.04 21.29 34.24
N LEU C 187 -1.10 19.97 34.44
CA LEU C 187 -1.48 19.04 33.39
C LEU C 187 -2.96 19.20 33.07
N GLU C 188 -3.82 19.20 34.09
CA GLU C 188 -5.26 19.34 33.85
C GLU C 188 -5.57 20.68 33.16
N GLN C 189 -4.89 21.77 33.54
CA GLN C 189 -5.08 23.12 32.96
C GLN C 189 -4.66 23.12 31.49
N GLU C 190 -3.51 22.50 31.21
CA GLU C 190 -2.96 22.44 29.84
C GLU C 190 -3.90 21.66 28.92
N THR C 191 -4.44 20.55 29.42
CA THR C 191 -5.38 19.70 28.73
C THR C 191 -6.72 20.40 28.48
N ARG C 192 -7.26 21.07 29.51
CA ARG C 192 -8.51 21.80 29.37
C ARG C 192 -8.37 22.90 28.30
N LYS C 193 -7.27 23.65 28.36
CA LYS C 193 -6.97 24.73 27.40
C LYS C 193 -7.04 24.20 25.96
N LEU C 194 -6.36 23.06 25.71
CA LEU C 194 -6.35 22.44 24.36
C LEU C 194 -7.76 22.00 23.98
N ALA C 195 -8.44 21.29 24.89
CA ALA C 195 -9.75 20.73 24.60
C ALA C 195 -10.76 21.83 24.27
N GLU C 196 -10.75 22.92 25.02
CA GLU C 196 -11.67 24.04 24.77
C GLU C 196 -11.38 24.73 23.44
N LYS C 197 -10.10 24.87 23.06
CA LYS C 197 -9.77 25.39 21.73
C LYS C 197 -10.41 24.53 20.63
N ILE C 198 -10.30 23.20 20.74
CA ILE C 198 -10.78 22.31 19.67
C ILE C 198 -12.31 22.29 19.67
N ALA C 199 -12.91 22.34 20.86
CA ALA C 199 -14.34 22.16 21.01
C ALA C 199 -15.14 23.31 20.38
N LYS C 200 -14.54 24.49 20.20
CA LYS C 200 -15.26 25.60 19.61
C LYS C 200 -15.23 25.57 18.08
N LYS C 201 -14.58 24.56 17.47
CA LYS C 201 -14.50 24.48 16.01
C LYS C 201 -15.69 23.70 15.44
N SER C 202 -15.86 23.82 14.11
CA SER C 202 -16.83 23.04 13.36
C SER C 202 -16.69 21.53 13.61
N PRO C 203 -17.73 20.86 14.13
CA PRO C 203 -17.71 19.41 14.34
C PRO C 203 -17.61 18.61 13.04
N ILE C 204 -18.18 19.13 11.95
CA ILE C 204 -18.14 18.45 10.67
C ILE C 204 -16.70 18.58 10.10
N SER C 205 -16.09 19.76 10.20
CA SER C 205 -14.72 19.92 9.76
C SER C 205 -13.76 19.02 10.56
N LEU C 206 -13.92 18.96 11.89
CA LEU C 206 -13.08 18.12 12.69
C LEU C 206 -13.27 16.65 12.32
N ALA C 207 -14.52 16.20 12.11
CA ALA C 207 -14.81 14.83 11.71
C ALA C 207 -14.13 14.49 10.38
N LEU C 208 -14.21 15.42 9.44
CA LEU C 208 -13.58 15.25 8.13
C LEU C 208 -12.05 15.23 8.27
N ILE C 209 -11.47 16.13 9.06
CA ILE C 209 -10.03 16.16 9.30
C ILE C 209 -9.55 14.79 9.75
N LYS C 210 -10.22 14.24 10.75
CA LYS C 210 -9.85 12.94 11.27
C LYS C 210 -9.98 11.82 10.24
N GLU C 211 -11.09 11.79 9.50
CA GLU C 211 -11.33 10.76 8.48
C GLU C 211 -10.20 10.82 7.44
N VAL C 212 -9.97 12.02 6.94
CA VAL C 212 -9.02 12.27 5.85
C VAL C 212 -7.57 11.97 6.31
N VAL C 213 -7.22 12.43 7.50
CA VAL C 213 -5.86 12.17 8.01
C VAL C 213 -5.66 10.66 8.25
N ASN C 214 -6.60 10.03 8.93
CA ASN C 214 -6.45 8.59 9.27
C ASN C 214 -6.51 7.70 8.02
N ARG C 215 -7.50 7.91 7.16
CA ARG C 215 -7.62 7.08 5.93
C ARG C 215 -6.49 7.41 4.95
N GLY C 216 -6.14 8.68 4.85
CA GLY C 216 -5.08 9.17 3.93
C GLY C 216 -3.70 8.66 4.29
N LEU C 217 -3.40 8.60 5.59
CA LEU C 217 -2.06 8.17 6.10
C LEU C 217 -1.78 6.72 5.69
N ASP C 218 -2.81 5.90 5.66
CA ASP C 218 -2.74 4.46 5.35
C ASP C 218 -2.69 4.20 3.84
N SER C 219 -2.81 5.24 3.01
CA SER C 219 -2.89 5.08 1.55
C SER C 219 -1.66 5.64 0.84
N PRO C 220 -1.56 5.44 -0.49
CA PRO C 220 -0.55 6.11 -1.29
C PRO C 220 -0.90 7.61 -1.23
N LEU C 221 0.12 8.47 -1.33
CA LEU C 221 -0.07 9.92 -1.12
C LEU C 221 -1.15 10.50 -2.06
N LEU C 222 -1.15 10.09 -3.32
CA LEU C 222 -2.14 10.61 -4.29
C LEU C 222 -3.56 10.23 -3.85
N SER C 223 -3.76 9.03 -3.34
CA SER C 223 -5.10 8.60 -2.86
C SER C 223 -5.54 9.43 -1.64
N GLY C 224 -4.63 9.66 -0.69
CA GLY C 224 -4.95 10.52 0.47
C GLY C 224 -5.27 11.94 0.02
N LEU C 225 -4.47 12.47 -0.90
CA LEU C 225 -4.75 13.80 -1.47
C LEU C 225 -6.14 13.83 -2.14
N ALA C 226 -6.51 12.76 -2.90
CA ALA C 226 -7.80 12.65 -3.53
C ALA C 226 -8.92 12.77 -2.47
N LEU C 227 -8.73 12.06 -1.36
CA LEU C 227 -9.70 12.03 -0.26
C LEU C 227 -9.84 13.43 0.40
N GLU C 228 -8.72 14.13 0.57
CA GLU C 228 -8.67 15.49 1.10
C GLU C 228 -9.54 16.39 0.21
N SER C 229 -9.27 16.40 -1.10
CA SER C 229 -10.00 17.20 -2.09
C SER C 229 -11.51 16.92 -2.06
N VAL C 230 -11.93 15.65 -2.06
CA VAL C 230 -13.36 15.34 -2.15
C VAL C 230 -14.02 15.78 -0.85
N GLY C 231 -13.34 15.61 0.30
CA GLY C 231 -13.83 16.09 1.58
C GLY C 231 -13.94 17.62 1.63
N TRP C 232 -13.12 18.34 0.88
CA TRP C 232 -13.21 19.77 0.83
C TRP C 232 -14.57 20.20 0.27
N GLY C 233 -15.05 19.49 -0.75
CA GLY C 233 -16.40 19.55 -1.24
C GLY C 233 -17.47 19.44 -0.15
N VAL C 234 -17.38 18.40 0.68
CA VAL C 234 -18.33 18.25 1.76
C VAL C 234 -18.23 19.42 2.75
N VAL C 235 -17.03 19.86 3.16
CA VAL C 235 -16.91 20.90 4.21
C VAL C 235 -17.43 22.25 3.69
N PHE C 236 -17.39 22.47 2.36
CA PHE C 236 -17.90 23.69 1.74
C PHE C 236 -19.44 23.71 1.64
N SER C 237 -20.12 22.63 2.05
CA SER C 237 -21.57 22.55 2.06
C SER C 237 -22.16 22.99 3.41
N THR C 238 -21.30 23.24 4.39
CA THR C 238 -21.74 23.40 5.76
C THR C 238 -22.00 24.88 6.07
N GLU C 239 -22.88 25.10 7.04
CA GLU C 239 -23.20 26.42 7.54
C GLU C 239 -21.96 27.04 8.20
N ASP C 240 -21.17 26.18 8.87
CA ASP C 240 -19.96 26.63 9.62
C ASP C 240 -18.92 27.22 8.66
N LYS C 241 -18.84 26.70 7.44
CA LYS C 241 -17.91 27.27 6.46
C LYS C 241 -18.33 28.71 6.11
N LYS C 242 -19.62 28.89 5.85
CA LYS C 242 -20.20 30.21 5.49
C LYS C 242 -19.86 31.24 6.60
N GLU C 243 -20.08 30.83 7.85
CA GLU C 243 -19.79 31.62 9.08
C GLU C 243 -18.31 31.95 9.16
N GLY C 244 -17.43 30.95 9.02
CA GLY C 244 -16.01 31.17 9.15
C GLY C 244 -15.47 32.13 8.11
N VAL C 245 -15.90 31.94 6.86
CA VAL C 245 -15.41 32.77 5.74
C VAL C 245 -15.98 34.20 5.90
N SER C 246 -17.28 34.30 6.19
CA SER C 246 -17.92 35.59 6.54
C SER C 246 -17.11 36.32 7.62
N ALA C 247 -16.86 35.64 8.74
CA ALA C 247 -16.19 36.23 9.91
C ALA C 247 -14.82 36.80 9.52
N PHE C 248 -14.06 36.09 8.67
CA PHE C 248 -12.76 36.60 8.32
C PHE C 248 -12.91 37.88 7.47
N LEU C 249 -13.82 37.84 6.50
CA LEU C 249 -14.00 38.96 5.55
C LEU C 249 -14.45 40.23 6.29
N GLU C 250 -15.31 40.05 7.30
CA GLU C 250 -15.90 41.12 8.14
C GLU C 250 -14.95 41.49 9.30
N LYS C 251 -13.76 40.89 9.32
CA LYS C 251 -12.76 41.17 10.38
C LYS C 251 -13.40 41.01 11.75
N ARG C 252 -14.12 39.91 11.99
CA ARG C 252 -14.83 39.62 13.27
C ARG C 252 -14.62 38.16 13.68
N GLU C 253 -15.16 37.77 14.83
CA GLU C 253 -15.00 36.41 15.41
C GLU C 253 -16.17 35.50 15.05
N PRO C 254 -15.92 34.30 14.48
CA PRO C 254 -16.99 33.41 14.09
C PRO C 254 -17.52 32.58 15.26
N THR C 255 -18.78 32.20 15.17
CA THR C 255 -19.32 31.26 16.16
C THR C 255 -19.77 30.03 15.37
N PHE C 256 -19.11 28.89 15.62
CA PHE C 256 -19.42 27.63 14.89
C PHE C 256 -20.47 26.89 15.73
N LYS C 257 -21.61 26.56 15.12
CA LYS C 257 -22.74 25.92 15.83
C LYS C 257 -22.92 24.44 15.48
N GLY C 258 -22.24 23.98 14.44
CA GLY C 258 -22.35 22.59 14.00
C GLY C 258 -23.77 22.16 13.63
N LYS C 259 -24.44 22.94 12.78
CA LYS C 259 -25.73 22.50 12.24
C LYS C 259 -25.49 21.37 11.22
N MET D 1 -7.74 22.26 -33.54
CA MET D 1 -8.69 21.33 -34.20
C MET D 1 -8.16 20.89 -35.57
N GLU D 2 -7.14 21.57 -36.11
CA GLU D 2 -6.53 21.08 -37.38
C GLU D 2 -5.22 20.40 -36.97
N PHE D 3 -5.14 19.08 -37.12
CA PHE D 3 -3.94 18.33 -36.67
C PHE D 3 -3.34 17.56 -37.83
N GLU D 4 -2.04 17.31 -37.74
CA GLU D 4 -1.26 16.55 -38.74
C GLU D 4 -1.50 15.04 -38.70
N THR D 5 -1.51 14.44 -37.50
CA THR D 5 -1.53 12.96 -37.41
C THR D 5 -2.82 12.41 -36.82
N ILE D 6 -3.73 13.26 -36.40
CA ILE D 6 -5.01 12.77 -35.82
C ILE D 6 -6.16 13.59 -36.40
N GLU D 7 -7.36 13.05 -36.31
CA GLU D 7 -8.58 13.79 -36.71
C GLU D 7 -9.46 13.87 -35.49
N THR D 8 -10.11 15.00 -35.26
CA THR D 8 -11.05 15.10 -34.12
C THR D 8 -12.42 15.45 -34.68
N LYS D 9 -13.45 14.87 -34.09
CA LYS D 9 -14.82 15.19 -34.53
C LYS D 9 -15.73 15.28 -33.31
N LYS D 10 -16.42 16.40 -33.19
CA LYS D 10 -17.41 16.60 -32.10
C LYS D 10 -18.76 16.19 -32.68
N GLU D 11 -19.44 15.27 -32.02
CA GLU D 11 -20.76 14.81 -32.48
C GLU D 11 -21.69 14.91 -31.27
N GLY D 12 -22.43 16.02 -31.18
CA GLY D 12 -23.26 16.23 -29.98
C GLY D 12 -22.34 16.34 -28.79
N ASN D 13 -22.51 15.48 -27.79
CA ASN D 13 -21.64 15.55 -26.59
C ASN D 13 -20.54 14.47 -26.66
N LEU D 14 -20.34 13.87 -27.83
CA LEU D 14 -19.31 12.83 -28.05
C LEU D 14 -18.12 13.47 -28.75
N PHE D 15 -16.91 13.11 -28.36
CA PHE D 15 -15.69 13.60 -29.03
C PHE D 15 -14.95 12.37 -29.54
N TRP D 16 -14.74 12.27 -30.86
CA TRP D 16 -14.10 11.15 -31.46
C TRP D 16 -12.71 11.60 -31.81
N ILE D 17 -11.69 10.89 -31.33
CA ILE D 17 -10.32 11.11 -31.72
C ILE D 17 -9.87 9.93 -32.56
N THR D 18 -9.51 10.21 -33.81
CA THR D 18 -9.08 9.12 -34.70
C THR D 18 -7.59 9.26 -34.98
N LEU D 19 -6.80 8.25 -34.66
CA LEU D 19 -5.36 8.33 -35.01
C LEU D 19 -5.33 8.28 -36.52
N ASN D 20 -4.54 9.14 -37.14
CA ASN D 20 -4.61 9.20 -38.62
C ASN D 20 -3.23 9.14 -39.27
N ARG D 21 -2.55 8.00 -39.17
CA ARG D 21 -1.28 7.71 -39.89
C ARG D 21 -1.45 6.31 -40.47
N PRO D 22 -2.46 6.05 -41.34
CA PRO D 22 -2.78 4.71 -41.84
C PRO D 22 -1.60 4.03 -42.56
N ASP D 23 -0.78 4.81 -43.25
CA ASP D 23 0.40 4.27 -43.97
C ASP D 23 1.37 3.55 -42.99
N LYS D 24 1.50 4.07 -41.76
CA LYS D 24 2.39 3.52 -40.71
C LYS D 24 1.58 2.77 -39.64
N LEU D 25 0.35 2.39 -39.97
CA LEU D 25 -0.58 1.64 -39.07
C LEU D 25 -0.85 2.44 -37.79
N ASN D 26 -0.94 3.77 -37.90
CA ASN D 26 -1.24 4.71 -36.78
C ASN D 26 -0.15 4.62 -35.71
N ALA D 27 1.09 4.39 -36.10
CA ALA D 27 2.21 4.25 -35.14
C ALA D 27 2.37 5.56 -34.36
N LEU D 28 2.61 5.43 -33.07
CA LEU D 28 2.80 6.63 -32.22
C LEU D 28 4.18 7.22 -32.52
N ASN D 29 4.22 8.51 -32.79
CA ASN D 29 5.49 9.25 -32.94
C ASN D 29 5.40 10.48 -32.04
N ALA D 30 6.48 11.25 -31.97
CA ALA D 30 6.52 12.38 -31.06
C ALA D 30 5.35 13.32 -31.39
N LYS D 31 5.13 13.57 -32.68
CA LYS D 31 4.10 14.51 -33.12
C LYS D 31 2.71 14.01 -32.71
N LEU D 32 2.42 12.72 -32.92
CA LEU D 32 1.08 12.18 -32.66
C LEU D 32 0.80 12.25 -31.17
N LEU D 33 1.81 11.92 -30.35
CA LEU D 33 1.66 11.98 -28.88
C LEU D 33 1.36 13.42 -28.44
N GLU D 34 2.07 14.40 -29.02
CA GLU D 34 1.82 15.82 -28.76
C GLU D 34 0.38 16.24 -29.15
N GLU D 35 -0.07 15.89 -30.36
CA GLU D 35 -1.44 16.21 -30.79
C GLU D 35 -2.49 15.51 -29.91
N LEU D 36 -2.26 14.25 -29.56
CA LEU D 36 -3.26 13.50 -28.78
C LEU D 36 -3.44 14.16 -27.41
N ASP D 37 -2.33 14.58 -26.81
CA ASP D 37 -2.31 15.34 -25.55
C ASP D 37 -3.16 16.61 -25.69
N ARG D 38 -2.92 17.37 -26.75
CA ARG D 38 -3.67 18.62 -27.04
C ARG D 38 -5.15 18.31 -27.25
N ALA D 39 -5.48 17.31 -28.07
CA ALA D 39 -6.89 16.98 -28.35
C ALA D 39 -7.60 16.57 -27.07
N VAL D 40 -6.93 15.75 -26.27
CA VAL D 40 -7.57 15.28 -25.05
C VAL D 40 -7.76 16.46 -24.08
N SER D 41 -6.78 17.37 -23.98
CA SER D 41 -6.92 18.66 -23.22
C SER D 41 -8.14 19.46 -23.69
N GLN D 42 -8.30 19.58 -25.03
CA GLN D 42 -9.41 20.32 -25.60
C GLN D 42 -10.73 19.68 -25.16
N ALA D 43 -10.80 18.35 -25.25
CA ALA D 43 -12.06 17.65 -24.97
C ALA D 43 -12.43 17.87 -23.51
N GLU D 44 -11.43 17.78 -22.64
CA GLU D 44 -11.65 17.92 -21.22
C GLU D 44 -12.12 19.33 -20.87
N SER D 45 -11.63 20.34 -21.59
CA SER D 45 -11.97 21.78 -21.37
C SER D 45 -13.40 22.11 -21.81
N ASP D 46 -13.91 21.41 -22.82
CA ASP D 46 -15.11 21.80 -23.54
C ASP D 46 -16.34 21.26 -22.81
N PRO D 47 -17.18 22.10 -22.17
CA PRO D 47 -18.28 21.58 -21.34
C PRO D 47 -19.37 20.88 -22.16
N GLU D 48 -19.39 21.05 -23.48
CA GLU D 48 -20.37 20.35 -24.29
C GLU D 48 -20.00 18.86 -24.46
N ILE D 49 -18.72 18.51 -24.25
CA ILE D 49 -18.26 17.14 -24.42
C ILE D 49 -18.40 16.34 -23.11
N ARG D 50 -19.07 15.20 -23.20
CA ARG D 50 -19.32 14.33 -22.08
C ARG D 50 -18.48 13.05 -22.16
N VAL D 51 -18.14 12.57 -23.38
CA VAL D 51 -17.50 11.25 -23.56
C VAL D 51 -16.52 11.39 -24.70
N ILE D 52 -15.35 10.78 -24.52
CA ILE D 52 -14.26 10.78 -25.48
C ILE D 52 -14.04 9.34 -25.97
N ILE D 53 -13.97 9.17 -27.29
CA ILE D 53 -13.75 7.87 -27.86
C ILE D 53 -12.47 8.00 -28.65
N ILE D 54 -11.51 7.10 -28.44
CA ILE D 54 -10.29 7.01 -29.30
C ILE D 54 -10.40 5.77 -30.21
N THR D 55 -10.00 5.94 -31.46
CA THR D 55 -10.02 4.85 -32.46
C THR D 55 -8.96 5.11 -33.52
N GLY D 56 -8.74 4.14 -34.40
CA GLY D 56 -7.72 4.31 -35.45
C GLY D 56 -8.34 4.30 -36.85
N LYS D 57 -7.70 4.99 -37.78
CA LYS D 57 -8.13 5.05 -39.20
C LYS D 57 -7.58 3.83 -39.93
N GLY D 58 -8.38 3.18 -40.76
CA GLY D 58 -7.87 2.03 -41.52
C GLY D 58 -7.85 0.73 -40.75
N LYS D 59 -6.92 -0.14 -41.12
CA LYS D 59 -6.78 -1.51 -40.56
C LYS D 59 -6.22 -1.53 -39.13
N ALA D 60 -5.65 -0.44 -38.64
CA ALA D 60 -5.07 -0.56 -37.29
C ALA D 60 -5.73 0.41 -36.30
N PHE D 61 -5.87 -0.01 -35.03
CA PHE D 61 -6.19 1.00 -34.01
C PHE D 61 -4.88 1.76 -33.85
N CYS D 62 -3.85 1.01 -33.46
CA CYS D 62 -2.45 1.52 -33.35
C CYS D 62 -1.50 0.32 -33.32
N ALA D 63 -0.64 0.17 -34.32
CA ALA D 63 0.19 -1.05 -34.47
C ALA D 63 1.56 -0.91 -33.82
N GLY D 64 1.86 0.17 -33.11
CA GLY D 64 3.20 0.24 -32.52
C GLY D 64 3.64 1.67 -32.28
N ALA D 65 4.97 1.85 -32.21
CA ALA D 65 5.59 3.17 -32.00
C ALA D 65 6.79 3.31 -32.94
N ASP D 66 7.18 4.55 -33.22
CA ASP D 66 8.26 4.87 -34.12
C ASP D 66 9.60 4.56 -33.45
N ILE D 67 10.41 3.72 -34.09
CA ILE D 67 11.64 3.17 -33.56
C ILE D 67 12.85 3.98 -34.05
N THR D 68 12.60 4.96 -34.91
CA THR D 68 13.66 5.72 -35.61
C THR D 68 14.71 6.24 -34.62
N GLN D 69 14.30 6.95 -33.56
CA GLN D 69 15.23 7.58 -32.57
C GLN D 69 16.00 6.56 -31.72
N PHE D 70 15.45 5.35 -31.55
CA PHE D 70 15.84 4.37 -30.51
C PHE D 70 17.35 4.09 -30.51
N ASN D 71 18.01 4.13 -31.67
CA ASN D 71 19.45 3.83 -31.77
C ASN D 71 20.29 5.06 -31.42
N GLN D 72 19.66 6.23 -31.17
CA GLN D 72 20.36 7.47 -30.80
C GLN D 72 20.06 7.92 -29.36
N LEU D 73 19.27 7.15 -28.61
CA LEU D 73 18.96 7.48 -27.22
C LEU D 73 20.01 6.86 -26.29
N THR D 74 20.59 7.71 -25.43
CA THR D 74 21.28 7.32 -24.22
C THR D 74 20.31 6.62 -23.27
N PRO D 75 20.79 5.74 -22.36
CA PRO D 75 19.93 5.19 -21.30
C PRO D 75 19.14 6.22 -20.46
N ALA D 76 19.75 7.33 -20.07
CA ALA D 76 19.09 8.40 -19.32
C ALA D 76 18.06 9.07 -20.23
N GLU D 77 18.36 9.22 -21.52
CA GLU D 77 17.40 9.81 -22.42
C GLU D 77 16.23 8.85 -22.64
N ALA D 78 16.51 7.55 -22.61
CA ALA D 78 15.51 6.48 -22.81
C ALA D 78 14.55 6.46 -21.61
N TRP D 79 15.10 6.57 -20.40
CA TRP D 79 14.26 6.73 -19.19
C TRP D 79 13.27 7.90 -19.36
N LYS D 80 13.78 9.08 -19.78
CA LYS D 80 12.96 10.27 -19.94
C LYS D 80 11.93 10.13 -21.07
N PHE D 81 12.31 9.46 -22.18
CA PHE D 81 11.45 9.25 -23.31
C PHE D 81 10.26 8.37 -22.91
N SER D 82 10.54 7.33 -22.13
CA SER D 82 9.57 6.38 -21.59
C SER D 82 8.58 7.12 -20.69
N LYS D 83 9.13 7.88 -19.74
CA LYS D 83 8.35 8.69 -18.82
C LYS D 83 7.44 9.69 -19.58
N LYS D 84 7.97 10.35 -20.62
CA LYS D 84 7.26 11.43 -21.35
C LYS D 84 6.00 10.89 -22.04
N GLY D 85 6.18 9.81 -22.80
CA GLY D 85 5.10 9.18 -23.53
C GLY D 85 4.08 8.57 -22.57
N ARG D 86 4.59 7.94 -21.53
CA ARG D 86 3.74 7.25 -20.58
C ARG D 86 2.88 8.25 -19.78
N GLU D 87 3.43 9.43 -19.49
CA GLU D 87 2.69 10.48 -18.76
C GLU D 87 1.46 10.98 -19.55
N ILE D 88 1.52 10.96 -20.87
CA ILE D 88 0.33 11.24 -21.68
C ILE D 88 -0.73 10.13 -21.54
N MET D 89 -0.30 8.86 -21.41
CA MET D 89 -1.23 7.76 -21.11
C MET D 89 -1.88 7.99 -19.75
N ASP D 90 -1.07 8.32 -18.72
CA ASP D 90 -1.54 8.55 -17.33
C ASP D 90 -2.61 9.66 -17.30
N LYS D 91 -2.39 10.72 -18.07
CA LYS D 91 -3.29 11.85 -18.22
C LYS D 91 -4.65 11.41 -18.77
N ILE D 92 -4.63 10.55 -19.80
CA ILE D 92 -5.86 10.04 -20.36
C ILE D 92 -6.62 9.24 -19.31
N GLU D 93 -5.92 8.36 -18.60
CA GLU D 93 -6.51 7.52 -17.54
C GLU D 93 -7.14 8.40 -16.44
N ALA D 94 -6.52 9.54 -16.11
CA ALA D 94 -6.96 10.41 -14.99
C ALA D 94 -7.97 11.50 -15.43
N LEU D 95 -8.35 11.53 -16.72
CA LEU D 95 -9.32 12.50 -17.25
C LEU D 95 -10.60 12.46 -16.42
N SER D 96 -11.26 13.62 -16.31
CA SER D 96 -12.49 13.72 -15.54
C SER D 96 -13.69 13.22 -16.36
N LYS D 97 -13.51 12.96 -17.66
CA LYS D 97 -14.60 12.52 -18.50
C LYS D 97 -14.35 11.09 -18.97
N PRO D 98 -15.41 10.25 -19.07
CA PRO D 98 -15.27 8.87 -19.56
C PRO D 98 -14.58 8.75 -20.92
N THR D 99 -13.63 7.81 -21.03
CA THR D 99 -12.88 7.53 -22.27
C THR D 99 -13.17 6.09 -22.72
N ILE D 100 -13.39 5.90 -24.02
CA ILE D 100 -13.60 4.56 -24.60
C ILE D 100 -12.55 4.39 -25.69
N ALA D 101 -11.81 3.28 -25.69
CA ALA D 101 -10.94 2.86 -26.79
C ALA D 101 -11.74 1.91 -27.69
N MET D 102 -11.97 2.34 -28.92
CA MET D 102 -12.69 1.56 -29.90
C MET D 102 -11.65 0.86 -30.78
N ILE D 103 -11.35 -0.39 -30.45
CA ILE D 103 -10.20 -1.05 -31.01
C ILE D 103 -10.63 -1.77 -32.28
N ASN D 104 -10.36 -1.15 -33.42
CA ASN D 104 -10.93 -1.54 -34.72
C ASN D 104 -10.01 -2.52 -35.44
N GLY D 105 -8.77 -2.67 -34.97
CA GLY D 105 -7.73 -3.46 -35.64
C GLY D 105 -6.53 -3.71 -34.74
N TYR D 106 -5.33 -3.74 -35.32
CA TYR D 106 -4.12 -3.98 -34.55
C TYR D 106 -4.02 -2.98 -33.39
N ALA D 107 -3.86 -3.52 -32.16
CA ALA D 107 -3.45 -2.75 -30.99
C ALA D 107 -2.21 -3.42 -30.39
N LEU D 108 -1.02 -3.01 -30.85
CA LEU D 108 0.25 -3.66 -30.53
C LEU D 108 1.19 -2.63 -29.87
N GLY D 109 1.96 -3.09 -28.88
CA GLY D 109 2.99 -2.27 -28.21
C GLY D 109 2.36 -1.01 -27.60
N GLY D 110 2.90 0.15 -27.97
CA GLY D 110 2.32 1.47 -27.60
C GLY D 110 0.82 1.60 -27.87
N GLY D 111 0.34 0.97 -28.94
CA GLY D 111 -1.04 0.98 -29.26
C GLY D 111 -1.89 0.28 -28.20
N LEU D 112 -1.44 -0.86 -27.70
CA LEU D 112 -2.20 -1.56 -26.59
C LEU D 112 -2.12 -0.73 -25.30
N GLU D 113 -0.98 -0.10 -25.06
CA GLU D 113 -0.74 0.75 -23.88
C GLU D 113 -1.69 1.95 -23.90
N LEU D 114 -1.92 2.56 -25.06
CA LEU D 114 -2.88 3.62 -25.24
C LEU D 114 -4.30 3.13 -24.90
N ALA D 115 -4.69 1.97 -25.44
CA ALA D 115 -6.01 1.41 -25.17
C ALA D 115 -6.20 1.14 -23.68
N LEU D 116 -5.15 0.63 -23.03
CA LEU D 116 -5.14 0.29 -21.58
C LEU D 116 -5.37 1.52 -20.70
N ALA D 117 -4.99 2.70 -21.18
CA ALA D 117 -5.16 3.94 -20.44
C ALA D 117 -6.62 4.41 -20.47
N CYS D 118 -7.42 3.96 -21.46
CA CYS D 118 -8.81 4.38 -21.50
C CYS D 118 -9.60 3.65 -20.41
N ASP D 119 -10.77 4.19 -20.06
CA ASP D 119 -11.63 3.57 -19.04
C ASP D 119 -12.20 2.19 -19.49
N ILE D 120 -12.70 2.14 -20.73
CA ILE D 120 -13.42 1.02 -21.31
C ILE D 120 -12.84 0.70 -22.68
N ARG D 121 -12.73 -0.58 -22.98
CA ARG D 121 -12.27 -1.01 -24.32
C ARG D 121 -13.35 -1.88 -24.96
N ILE D 122 -13.69 -1.55 -26.19
CA ILE D 122 -14.61 -2.38 -27.03
C ILE D 122 -13.78 -2.71 -28.25
N ALA D 123 -13.70 -3.99 -28.61
CA ALA D 123 -12.87 -4.35 -29.77
C ALA D 123 -13.65 -5.16 -30.81
N ALA D 124 -13.16 -5.09 -32.03
CA ALA D 124 -13.70 -5.89 -33.12
C ALA D 124 -13.25 -7.32 -32.88
N GLU D 125 -14.01 -8.29 -33.39
CA GLU D 125 -13.61 -9.72 -33.35
C GLU D 125 -12.32 -9.90 -34.17
N GLU D 126 -12.20 -9.14 -35.26
CA GLU D 126 -11.05 -9.11 -36.20
C GLU D 126 -9.80 -8.50 -35.54
N ALA D 127 -9.91 -7.77 -34.44
CA ALA D 127 -8.72 -7.12 -33.82
C ALA D 127 -7.70 -8.11 -33.26
N GLN D 128 -6.45 -7.70 -33.23
CA GLN D 128 -5.34 -8.48 -32.63
C GLN D 128 -4.61 -7.55 -31.66
N LEU D 129 -4.40 -8.01 -30.43
CA LEU D 129 -3.78 -7.22 -29.35
C LEU D 129 -2.51 -7.92 -28.87
N GLY D 130 -1.49 -7.16 -28.49
CA GLY D 130 -0.20 -7.72 -28.15
C GLY D 130 0.79 -6.66 -27.72
N LEU D 131 1.82 -7.11 -27.00
CA LEU D 131 2.97 -6.31 -26.59
C LEU D 131 4.23 -6.98 -27.15
N PRO D 132 4.58 -6.73 -28.42
CA PRO D 132 5.76 -7.37 -29.04
C PRO D 132 7.13 -6.70 -28.80
N GLU D 133 7.21 -5.75 -27.85
CA GLU D 133 8.43 -4.98 -27.61
C GLU D 133 9.63 -5.94 -27.37
N ILE D 134 9.39 -7.06 -26.69
CA ILE D 134 10.44 -8.09 -26.43
C ILE D 134 11.14 -8.50 -27.75
N ASN D 135 10.44 -8.41 -28.88
CA ASN D 135 10.99 -8.80 -30.22
C ASN D 135 12.05 -7.84 -30.71
N LEU D 136 12.13 -6.64 -30.11
CA LEU D 136 13.18 -5.66 -30.40
C LEU D 136 14.27 -5.66 -29.31
N GLY D 137 14.25 -6.63 -28.39
CA GLY D 137 15.23 -6.64 -27.29
C GLY D 137 14.89 -5.64 -26.17
N ILE D 138 13.65 -5.12 -26.14
CA ILE D 138 13.25 -4.18 -25.09
C ILE D 138 11.97 -4.72 -24.43
N TYR D 139 11.19 -3.83 -23.82
CA TYR D 139 9.96 -4.30 -23.18
C TYR D 139 8.99 -3.13 -23.19
N PRO D 140 7.71 -3.31 -22.85
CA PRO D 140 6.77 -2.21 -22.90
C PRO D 140 7.21 -1.05 -21.98
N GLY D 141 7.23 0.16 -22.52
CA GLY D 141 7.71 1.36 -21.80
C GLY D 141 6.68 2.49 -21.70
N TYR D 142 5.44 2.24 -22.14
CA TYR D 142 4.36 3.22 -21.95
C TYR D 142 3.25 2.67 -21.04
N GLY D 143 3.64 1.84 -20.08
CA GLY D 143 2.74 1.45 -19.02
C GLY D 143 2.25 0.00 -19.10
N GLY D 144 2.55 -0.70 -20.21
CA GLY D 144 2.07 -2.09 -20.38
C GLY D 144 2.43 -3.05 -19.26
N THR D 145 3.66 -3.01 -18.73
CA THR D 145 4.09 -3.95 -17.69
C THR D 145 3.21 -3.83 -16.44
N GLN D 146 2.65 -2.65 -16.21
CA GLN D 146 1.84 -2.41 -15.03
C GLN D 146 0.35 -2.61 -15.35
N ARG D 147 -0.12 -1.98 -16.44
CA ARG D 147 -1.53 -1.99 -16.76
C ARG D 147 -1.96 -3.38 -17.29
N LEU D 148 -1.19 -4.02 -18.19
CA LEU D 148 -1.69 -5.31 -18.70
C LEU D 148 -1.82 -6.32 -17.55
N THR D 149 -0.82 -6.32 -16.68
CA THR D 149 -0.70 -7.26 -15.60
C THR D 149 -1.91 -7.13 -14.68
N ARG D 150 -2.30 -5.89 -14.39
N ARG D 150 -2.30 -5.88 -14.40
CA ARG D 150 -3.40 -5.60 -13.49
CA ARG D 150 -3.41 -5.57 -13.49
C ARG D 150 -4.72 -6.04 -14.12
C ARG D 150 -4.73 -5.99 -14.12
N VAL D 151 -4.81 -5.95 -15.46
CA VAL D 151 -6.06 -6.23 -16.15
C VAL D 151 -6.25 -7.74 -16.36
N ILE D 152 -5.27 -8.46 -16.92
CA ILE D 152 -5.50 -9.88 -17.26
C ILE D 152 -4.77 -10.87 -16.34
N GLY D 153 -4.02 -10.36 -15.36
CA GLY D 153 -3.34 -11.19 -14.33
C GLY D 153 -1.91 -11.47 -14.73
N LYS D 154 -1.08 -11.89 -13.77
CA LYS D 154 0.36 -11.98 -13.96
C LYS D 154 0.72 -13.07 -14.99
N GLY D 155 0.11 -14.23 -14.85
CA GLY D 155 0.44 -15.42 -15.70
C GLY D 155 0.27 -15.14 -17.19
N ARG D 156 -0.88 -14.59 -17.58
CA ARG D 156 -1.15 -14.29 -19.01
C ARG D 156 -0.40 -13.05 -19.50
N ALA D 157 -0.25 -12.02 -18.65
CA ALA D 157 0.53 -10.84 -19.04
C ALA D 157 2.01 -11.21 -19.26
N LEU D 158 2.58 -12.03 -18.38
CA LEU D 158 3.99 -12.46 -18.53
C LEU D 158 4.14 -13.29 -19.81
N GLU D 159 3.20 -14.18 -20.08
CA GLU D 159 3.33 -14.98 -21.33
C GLU D 159 3.28 -14.03 -22.52
N MET D 160 2.35 -13.08 -22.51
CA MET D 160 2.25 -12.14 -23.66
C MET D 160 3.52 -11.28 -23.77
N MET D 161 4.02 -10.76 -22.67
CA MET D 161 5.23 -9.88 -22.72
C MET D 161 6.51 -10.66 -23.07
N MET D 162 6.65 -11.88 -22.55
CA MET D 162 7.85 -12.73 -22.78
C MET D 162 7.91 -13.29 -24.21
N THR D 163 6.77 -13.71 -24.76
CA THR D 163 6.74 -14.29 -26.12
C THR D 163 6.58 -13.20 -27.19
N GLY D 164 5.83 -12.14 -26.86
CA GLY D 164 5.53 -11.07 -27.83
C GLY D 164 4.40 -11.45 -28.77
N ASP D 165 3.70 -12.54 -28.49
CA ASP D 165 2.62 -13.04 -29.38
C ASP D 165 1.31 -12.25 -29.22
N ARG D 166 0.63 -11.97 -30.33
CA ARG D 166 -0.67 -11.27 -30.29
C ARG D 166 -1.79 -12.25 -29.95
N ILE D 167 -2.91 -11.71 -29.53
CA ILE D 167 -4.10 -12.53 -29.22
C ILE D 167 -5.27 -11.93 -30.01
N PRO D 168 -6.24 -12.76 -30.43
CA PRO D 168 -7.39 -12.28 -31.17
C PRO D 168 -8.36 -11.60 -30.20
N GLY D 169 -9.30 -10.82 -30.74
CA GLY D 169 -10.28 -10.10 -29.92
C GLY D 169 -11.08 -11.03 -29.04
N LYS D 170 -11.44 -12.23 -29.52
CA LYS D 170 -12.23 -13.17 -28.67
C LYS D 170 -11.43 -13.54 -27.40
N ASP D 171 -10.12 -13.74 -27.52
CA ASP D 171 -9.23 -14.07 -26.37
C ASP D 171 -9.12 -12.88 -25.41
N ALA D 172 -9.03 -11.67 -25.96
CA ALA D 172 -8.93 -10.45 -25.13
C ALA D 172 -10.20 -10.32 -24.29
N GLU D 173 -11.37 -10.60 -24.87
CA GLU D 173 -12.64 -10.55 -24.12
C GLU D 173 -12.61 -11.62 -23.02
N LYS D 174 -12.11 -12.80 -23.36
CA LYS D 174 -12.05 -13.92 -22.39
C LYS D 174 -11.15 -13.52 -21.22
N TYR D 175 -10.02 -12.86 -21.50
CA TYR D 175 -9.08 -12.44 -20.43
C TYR D 175 -9.53 -11.17 -19.70
N GLY D 176 -10.55 -10.46 -20.21
CA GLY D 176 -10.96 -9.20 -19.61
C GLY D 176 -10.14 -8.01 -20.07
N LEU D 177 -9.32 -8.18 -21.09
CA LEU D 177 -8.55 -7.11 -21.64
C LEU D 177 -9.45 -6.09 -22.36
N VAL D 178 -10.59 -6.54 -22.94
CA VAL D 178 -11.62 -5.67 -23.46
C VAL D 178 -12.94 -6.11 -22.78
N ASN D 179 -13.90 -5.20 -22.73
CA ASN D 179 -15.22 -5.46 -22.10
C ASN D 179 -15.98 -6.52 -22.92
N ARG D 180 -15.91 -6.40 -24.24
CA ARG D 180 -16.52 -7.34 -25.16
C ARG D 180 -15.97 -7.08 -26.56
N VAL D 181 -16.18 -8.05 -27.44
CA VAL D 181 -15.89 -7.90 -28.87
C VAL D 181 -17.21 -8.01 -29.64
N VAL D 182 -17.26 -7.31 -30.78
CA VAL D 182 -18.37 -7.40 -31.71
C VAL D 182 -17.74 -7.49 -33.08
N PRO D 183 -18.50 -7.88 -34.11
CA PRO D 183 -17.93 -7.81 -35.47
C PRO D 183 -17.52 -6.36 -35.81
N LEU D 184 -16.43 -6.22 -36.56
CA LEU D 184 -15.98 -4.93 -36.92
C LEU D 184 -17.10 -4.16 -37.61
N ALA D 185 -17.96 -4.85 -38.37
CA ALA D 185 -19.03 -4.21 -39.08
C ALA D 185 -19.94 -3.46 -38.11
N ASN D 186 -20.08 -3.96 -36.88
CA ASN D 186 -21.01 -3.41 -35.89
C ASN D 186 -20.28 -2.59 -34.80
N LEU D 187 -18.96 -2.43 -34.89
CA LEU D 187 -18.12 -1.87 -33.81
C LEU D 187 -18.47 -0.39 -33.53
N GLU D 188 -18.60 0.44 -34.56
CA GLU D 188 -18.94 1.87 -34.39
C GLU D 188 -20.33 2.04 -33.77
N GLN D 189 -21.30 1.32 -34.33
CA GLN D 189 -22.65 1.34 -33.83
C GLN D 189 -22.66 0.93 -32.36
N GLU D 190 -21.99 -0.16 -31.98
CA GLU D 190 -22.04 -0.63 -30.60
C GLU D 190 -21.32 0.37 -29.67
N THR D 191 -20.24 0.98 -30.13
CA THR D 191 -19.52 1.98 -29.36
C THR D 191 -20.36 3.26 -29.17
N ARG D 192 -21.03 3.73 -30.24
CA ARG D 192 -21.83 4.92 -30.15
C ARG D 192 -22.96 4.69 -29.14
N LYS D 193 -23.55 3.51 -29.19
CA LYS D 193 -24.63 3.17 -28.28
C LYS D 193 -24.17 3.30 -26.82
N LEU D 194 -23.02 2.70 -26.50
CA LEU D 194 -22.46 2.78 -25.14
C LEU D 194 -22.17 4.24 -24.76
N ALA D 195 -21.47 4.96 -25.64
CA ALA D 195 -21.07 6.35 -25.39
C ALA D 195 -22.31 7.22 -25.11
N GLU D 196 -23.38 7.03 -25.90
CA GLU D 196 -24.61 7.82 -25.78
C GLU D 196 -25.29 7.51 -24.46
N LYS D 197 -25.25 6.24 -24.03
CA LYS D 197 -25.85 5.90 -22.74
C LYS D 197 -25.10 6.64 -21.62
N ILE D 198 -23.78 6.71 -21.74
CA ILE D 198 -22.96 7.33 -20.69
C ILE D 198 -23.17 8.85 -20.72
N ALA D 199 -23.21 9.39 -21.94
CA ALA D 199 -23.30 10.85 -22.14
C ALA D 199 -24.61 11.43 -21.60
N LYS D 200 -25.64 10.62 -21.36
CA LYS D 200 -26.91 11.11 -20.78
C LYS D 200 -26.80 11.35 -19.27
N LYS D 201 -25.76 10.81 -18.62
CA LYS D 201 -25.70 10.82 -17.16
C LYS D 201 -25.04 12.11 -16.66
N SER D 202 -25.15 12.31 -15.36
CA SER D 202 -24.62 13.45 -14.64
C SER D 202 -23.10 13.52 -14.79
N PRO D 203 -22.55 14.56 -15.43
CA PRO D 203 -21.10 14.68 -15.59
C PRO D 203 -20.35 14.71 -14.25
N ILE D 204 -20.90 15.39 -13.25
CA ILE D 204 -20.24 15.44 -11.92
C ILE D 204 -20.23 14.04 -11.30
N SER D 205 -21.33 13.30 -11.41
CA SER D 205 -21.34 11.93 -10.84
C SER D 205 -20.33 11.06 -11.58
N LEU D 206 -20.24 11.18 -12.90
CA LEU D 206 -19.27 10.38 -13.68
C LEU D 206 -17.85 10.74 -13.24
N ALA D 207 -17.57 12.03 -13.06
CA ALA D 207 -16.23 12.47 -12.65
C ALA D 207 -15.90 11.90 -11.26
N LEU D 208 -16.88 11.91 -10.36
CA LEU D 208 -16.67 11.36 -9.00
C LEU D 208 -16.46 9.85 -9.07
N ILE D 209 -17.22 9.16 -9.92
CA ILE D 209 -17.08 7.68 -10.03
C ILE D 209 -15.64 7.40 -10.47
N LYS D 210 -15.16 8.11 -11.49
CA LYS D 210 -13.79 7.83 -11.97
C LYS D 210 -12.74 8.15 -10.89
N GLU D 211 -12.88 9.27 -10.19
CA GLU D 211 -11.88 9.64 -9.17
C GLU D 211 -11.86 8.59 -8.06
N VAL D 212 -13.03 8.23 -7.56
CA VAL D 212 -13.19 7.26 -6.45
C VAL D 212 -12.71 5.86 -6.86
N VAL D 213 -13.05 5.45 -8.07
CA VAL D 213 -12.61 4.10 -8.54
C VAL D 213 -11.09 4.08 -8.78
N ASN D 214 -10.58 5.07 -9.49
CA ASN D 214 -9.12 5.06 -9.80
C ASN D 214 -8.30 5.19 -8.53
N ARG D 215 -8.61 6.17 -7.69
CA ARG D 215 -7.85 6.42 -6.45
C ARG D 215 -8.09 5.30 -5.42
N GLY D 216 -9.33 4.81 -5.34
CA GLY D 216 -9.70 3.74 -4.40
C GLY D 216 -8.99 2.44 -4.71
N LEU D 217 -8.83 2.13 -6.00
CA LEU D 217 -8.21 0.87 -6.45
C LEU D 217 -6.75 0.78 -6.00
N ASP D 218 -6.07 1.93 -5.93
CA ASP D 218 -4.65 2.06 -5.54
C ASP D 218 -4.47 2.04 -4.02
N SER D 219 -5.55 2.01 -3.26
CA SER D 219 -5.43 2.10 -1.79
C SER D 219 -5.89 0.82 -1.09
N PRO D 220 -5.64 0.71 0.23
CA PRO D 220 -6.24 -0.32 1.05
C PRO D 220 -7.76 -0.11 0.95
N LEU D 221 -8.52 -1.19 1.00
CA LEU D 221 -9.98 -1.14 0.71
C LEU D 221 -10.71 -0.14 1.61
N LEU D 222 -10.35 -0.06 2.89
CA LEU D 222 -11.02 0.89 3.82
C LEU D 222 -10.82 2.33 3.37
N SER D 223 -9.63 2.65 2.86
CA SER D 223 -9.36 3.98 2.38
C SER D 223 -10.15 4.29 1.10
N GLY D 224 -10.24 3.33 0.18
CA GLY D 224 -11.07 3.49 -1.01
C GLY D 224 -12.56 3.71 -0.62
N LEU D 225 -13.01 2.93 0.36
CA LEU D 225 -14.41 3.04 0.84
C LEU D 225 -14.64 4.43 1.46
N ALA D 226 -13.68 4.92 2.24
CA ALA D 226 -13.81 6.26 2.87
C ALA D 226 -13.92 7.31 1.76
N LEU D 227 -13.11 7.17 0.72
CA LEU D 227 -13.14 8.07 -0.46
C LEU D 227 -14.54 7.97 -1.13
N GLU D 228 -15.08 6.77 -1.24
CA GLU D 228 -16.42 6.60 -1.88
C GLU D 228 -17.47 7.36 -1.05
N SER D 229 -17.41 7.23 0.27
CA SER D 229 -18.41 7.88 1.16
C SER D 229 -18.35 9.41 1.11
N VAL D 230 -17.16 9.99 1.18
CA VAL D 230 -17.03 11.47 1.15
C VAL D 230 -17.53 11.98 -0.20
N GLY D 231 -17.18 11.27 -1.27
CA GLY D 231 -17.60 11.60 -2.64
C GLY D 231 -19.12 11.56 -2.77
N TRP D 232 -19.77 10.63 -2.07
CA TRP D 232 -21.26 10.54 -2.06
C TRP D 232 -21.81 11.84 -1.47
N GLY D 233 -21.19 12.39 -0.43
CA GLY D 233 -21.64 13.68 0.10
C GLY D 233 -21.54 14.75 -0.97
N VAL D 234 -20.44 14.77 -1.73
CA VAL D 234 -20.33 15.77 -2.83
C VAL D 234 -21.42 15.52 -3.88
N VAL D 235 -21.70 14.27 -4.22
CA VAL D 235 -22.71 14.01 -5.30
C VAL D 235 -24.11 14.46 -4.88
N PHE D 236 -24.42 14.41 -3.58
CA PHE D 236 -25.72 14.85 -3.00
C PHE D 236 -25.92 16.37 -3.05
N SER D 237 -24.88 17.15 -3.32
CA SER D 237 -25.02 18.63 -3.41
C SER D 237 -25.39 19.04 -4.83
N THR D 238 -25.46 18.10 -5.77
CA THR D 238 -25.70 18.48 -7.19
C THR D 238 -27.18 18.60 -7.58
N GLU D 239 -27.43 19.43 -8.58
CA GLU D 239 -28.76 19.62 -9.19
C GLU D 239 -29.16 18.31 -9.86
N ASP D 240 -28.19 17.64 -10.50
CA ASP D 240 -28.46 16.37 -11.20
C ASP D 240 -29.02 15.36 -10.19
N LYS D 241 -28.51 15.35 -8.96
CA LYS D 241 -29.04 14.42 -7.98
C LYS D 241 -30.51 14.78 -7.65
N LYS D 242 -30.78 16.07 -7.55
CA LYS D 242 -32.15 16.56 -7.23
C LYS D 242 -33.09 16.11 -8.35
N GLU D 243 -32.67 16.31 -9.60
CA GLU D 243 -33.41 15.88 -10.80
C GLU D 243 -33.68 14.36 -10.73
N GLY D 244 -32.62 13.57 -10.44
CA GLY D 244 -32.73 12.11 -10.55
C GLY D 244 -33.62 11.51 -9.47
N VAL D 245 -33.59 12.14 -8.28
CA VAL D 245 -34.35 11.65 -7.17
C VAL D 245 -35.82 12.05 -7.35
N SER D 246 -36.04 13.27 -7.84
CA SER D 246 -37.36 13.78 -8.31
C SER D 246 -37.99 12.80 -9.29
N ALA D 247 -37.24 12.57 -10.38
CA ALA D 247 -37.71 11.78 -11.49
C ALA D 247 -38.15 10.41 -10.99
N PHE D 248 -37.38 9.79 -10.10
CA PHE D 248 -37.72 8.46 -9.65
C PHE D 248 -39.00 8.45 -8.82
N LEU D 249 -39.23 9.50 -8.02
CA LEU D 249 -40.39 9.56 -7.13
C LEU D 249 -41.65 9.87 -7.94
N GLU D 250 -41.50 10.63 -9.03
CA GLU D 250 -42.59 11.06 -9.93
C GLU D 250 -42.77 10.09 -11.13
N LYS D 251 -42.12 8.92 -11.08
CA LYS D 251 -42.26 7.87 -12.11
C LYS D 251 -42.10 8.45 -13.52
N ARG D 252 -41.05 9.25 -13.73
CA ARG D 252 -40.71 9.86 -15.03
C ARG D 252 -39.21 9.71 -15.30
N GLU D 253 -38.81 9.94 -16.54
CA GLU D 253 -37.44 9.77 -17.00
C GLU D 253 -36.67 11.07 -16.75
N PRO D 254 -35.51 11.04 -16.04
CA PRO D 254 -34.76 12.26 -15.73
C PRO D 254 -34.08 12.84 -16.96
N THR D 255 -33.80 14.15 -16.94
CA THR D 255 -32.92 14.82 -17.88
C THR D 255 -31.76 15.44 -17.11
N PHE D 256 -30.56 14.87 -17.23
CA PHE D 256 -29.38 15.38 -16.52
C PHE D 256 -28.72 16.47 -17.35
N LYS D 257 -29.02 17.73 -16.99
CA LYS D 257 -28.54 18.92 -17.72
C LYS D 257 -27.14 19.32 -17.21
N GLY D 258 -26.73 18.78 -16.06
CA GLY D 258 -25.52 19.20 -15.38
C GLY D 258 -25.83 20.25 -14.33
N MET E 1 -34.55 -12.20 17.55
CA MET E 1 -35.44 -13.37 17.24
C MET E 1 -36.49 -12.99 16.19
N GLU E 2 -37.33 -11.99 16.51
CA GLU E 2 -38.40 -11.54 15.63
C GLU E 2 -38.14 -10.08 15.21
N PHE E 3 -38.22 -9.86 13.90
CA PHE E 3 -37.78 -8.67 13.25
C PHE E 3 -38.92 -8.13 12.38
N GLU E 4 -38.97 -6.82 12.14
CA GLU E 4 -39.94 -6.23 11.22
C GLU E 4 -39.63 -6.60 9.77
N THR E 5 -38.36 -6.48 9.35
CA THR E 5 -38.04 -6.37 7.94
C THR E 5 -37.25 -7.58 7.45
N ILE E 6 -36.86 -8.49 8.35
CA ILE E 6 -36.12 -9.69 7.95
C ILE E 6 -36.71 -10.90 8.70
N GLU E 7 -36.46 -12.10 8.16
CA GLU E 7 -36.75 -13.39 8.80
C GLU E 7 -35.44 -14.15 9.01
N THR E 8 -35.32 -14.79 10.18
CA THR E 8 -34.16 -15.59 10.53
C THR E 8 -34.62 -17.02 10.87
N LYS E 9 -33.87 -17.99 10.37
CA LYS E 9 -34.14 -19.42 10.64
C LYS E 9 -32.83 -20.10 11.06
N LYS E 10 -32.79 -20.73 12.23
CA LYS E 10 -31.59 -21.50 12.58
C LYS E 10 -31.88 -22.93 12.14
N GLU E 11 -31.03 -23.49 11.29
CA GLU E 11 -31.23 -24.87 10.80
C GLU E 11 -29.96 -25.62 11.12
N GLY E 12 -29.91 -26.23 12.31
CA GLY E 12 -28.67 -26.92 12.71
C GLY E 12 -27.55 -25.92 12.82
N ASN E 13 -26.49 -26.10 12.03
CA ASN E 13 -25.28 -25.25 11.98
C ASN E 13 -25.48 -24.07 11.04
N LEU E 14 -26.63 -24.00 10.38
CA LEU E 14 -26.90 -22.97 9.34
C LEU E 14 -27.81 -21.86 9.86
N PHE E 15 -27.43 -20.62 9.59
CA PHE E 15 -28.31 -19.47 9.96
C PHE E 15 -28.78 -18.85 8.64
N TRP E 16 -30.09 -18.85 8.41
CA TRP E 16 -30.64 -18.26 7.17
C TRP E 16 -31.27 -16.90 7.50
N ILE E 17 -30.83 -15.87 6.81
CA ILE E 17 -31.39 -14.53 6.90
C ILE E 17 -32.04 -14.22 5.56
N THR E 18 -33.37 -14.06 5.60
CA THR E 18 -34.15 -13.69 4.46
C THR E 18 -34.59 -12.24 4.61
N LEU E 19 -34.24 -11.42 3.61
CA LEU E 19 -34.69 -10.01 3.64
C LEU E 19 -36.20 -10.07 3.42
N ASN E 20 -36.98 -9.31 4.18
CA ASN E 20 -38.44 -9.52 4.08
C ASN E 20 -39.23 -8.23 3.93
N ARG E 21 -39.04 -7.54 2.80
CA ARG E 21 -39.86 -6.37 2.40
C ARG E 21 -40.21 -6.63 0.93
N PRO E 22 -40.91 -7.74 0.61
CA PRO E 22 -41.17 -8.16 -0.77
C PRO E 22 -41.97 -7.17 -1.60
N ASP E 23 -42.83 -6.39 -0.96
CA ASP E 23 -43.65 -5.34 -1.64
C ASP E 23 -42.72 -4.27 -2.22
N LYS E 24 -41.64 -3.96 -1.51
CA LYS E 24 -40.62 -2.96 -1.92
C LYS E 24 -39.38 -3.67 -2.48
N LEU E 25 -39.51 -4.96 -2.84
CA LEU E 25 -38.43 -5.79 -3.44
C LEU E 25 -37.21 -5.86 -2.52
N ASN E 26 -37.44 -5.98 -1.21
CA ASN E 26 -36.37 -6.09 -0.18
C ASN E 26 -35.45 -4.87 -0.21
N ALA E 27 -36.01 -3.68 -0.46
CA ALA E 27 -35.18 -2.46 -0.47
C ALA E 27 -34.59 -2.28 0.92
N LEU E 28 -33.33 -1.88 0.97
CA LEU E 28 -32.69 -1.67 2.27
C LEU E 28 -33.16 -0.31 2.81
N ASN E 29 -33.78 -0.31 3.97
CA ASN E 29 -34.12 0.93 4.61
C ASN E 29 -33.40 0.94 5.95
N ALA E 30 -33.52 2.04 6.69
CA ALA E 30 -32.78 2.21 7.92
C ALA E 30 -33.06 1.04 8.89
N LYS E 31 -34.31 0.55 8.96
CA LYS E 31 -34.67 -0.46 9.96
C LYS E 31 -34.06 -1.82 9.57
N LEU E 32 -34.18 -2.17 8.28
CA LEU E 32 -33.68 -3.44 7.72
C LEU E 32 -32.17 -3.54 7.95
N LEU E 33 -31.44 -2.45 7.67
CA LEU E 33 -29.99 -2.42 7.89
C LEU E 33 -29.69 -2.60 9.38
N GLU E 34 -30.45 -1.94 10.26
CA GLU E 34 -30.30 -2.09 11.71
C GLU E 34 -30.61 -3.53 12.11
N GLU E 35 -31.65 -4.13 11.52
CA GLU E 35 -32.03 -5.51 11.87
C GLU E 35 -31.02 -6.51 11.30
N LEU E 36 -30.56 -6.30 10.07
CA LEU E 36 -29.58 -7.18 9.45
C LEU E 36 -28.29 -7.19 10.30
N ASP E 37 -27.86 -6.03 10.81
CA ASP E 37 -26.69 -5.89 11.72
C ASP E 37 -26.86 -6.77 12.97
N ARG E 38 -28.00 -6.64 13.65
CA ARG E 38 -28.33 -7.42 14.84
C ARG E 38 -28.28 -8.92 14.51
N ALA E 39 -29.00 -9.34 13.45
CA ALA E 39 -29.08 -10.75 13.11
C ALA E 39 -27.68 -11.33 12.92
N VAL E 40 -26.85 -10.59 12.18
CA VAL E 40 -25.53 -11.04 11.89
C VAL E 40 -24.70 -11.09 13.17
N SER E 41 -24.85 -10.09 14.05
CA SER E 41 -24.20 -10.14 15.38
C SER E 41 -24.67 -11.36 16.20
N GLN E 42 -25.98 -11.63 16.21
CA GLN E 42 -26.59 -12.81 16.92
C GLN E 42 -25.83 -14.06 16.48
N ALA E 43 -25.77 -14.25 15.14
CA ALA E 43 -25.21 -15.41 14.49
C ALA E 43 -23.74 -15.58 14.87
N GLU E 44 -22.99 -14.47 14.93
CA GLU E 44 -21.57 -14.54 15.18
C GLU E 44 -21.31 -14.95 16.64
N SER E 45 -22.20 -14.50 17.55
CA SER E 45 -22.15 -14.81 18.99
C SER E 45 -22.52 -16.27 19.28
N ASP E 46 -23.44 -16.84 18.50
CA ASP E 46 -24.06 -18.15 18.82
C ASP E 46 -23.18 -19.29 18.31
N PRO E 47 -22.45 -20.05 19.17
CA PRO E 47 -21.53 -21.08 18.69
C PRO E 47 -22.15 -22.27 17.94
N GLU E 48 -23.47 -22.44 18.00
CA GLU E 48 -24.11 -23.47 17.18
C GLU E 48 -24.00 -23.11 15.69
N ILE E 49 -24.06 -21.79 15.41
CA ILE E 49 -24.06 -21.27 14.02
C ILE E 49 -22.63 -21.36 13.45
N ARG E 50 -22.49 -21.96 12.27
CA ARG E 50 -21.20 -22.03 11.60
C ARG E 50 -21.19 -21.31 10.24
N VAL E 51 -22.33 -21.28 9.52
CA VAL E 51 -22.41 -20.61 8.23
C VAL E 51 -23.68 -19.75 8.20
N ILE E 52 -23.54 -18.57 7.59
CA ILE E 52 -24.65 -17.63 7.46
C ILE E 52 -25.00 -17.51 5.98
N ILE E 53 -26.30 -17.67 5.65
CA ILE E 53 -26.80 -17.43 4.31
C ILE E 53 -27.74 -16.23 4.34
N ILE E 54 -27.52 -15.31 3.39
CA ILE E 54 -28.42 -14.20 3.19
C ILE E 54 -29.09 -14.42 1.84
N THR E 55 -30.42 -14.25 1.83
CA THR E 55 -31.24 -14.36 0.63
C THR E 55 -32.44 -13.41 0.77
N GLY E 56 -33.22 -13.33 -0.31
CA GLY E 56 -34.38 -12.43 -0.37
C GLY E 56 -35.69 -13.16 -0.59
N LYS E 57 -36.74 -12.73 0.10
CA LYS E 57 -38.09 -13.31 -0.06
C LYS E 57 -38.71 -12.78 -1.36
N GLY E 58 -39.31 -13.68 -2.15
CA GLY E 58 -40.00 -13.24 -3.37
C GLY E 58 -39.12 -13.13 -4.59
N LYS E 59 -39.51 -12.22 -5.48
CA LYS E 59 -38.88 -11.96 -6.80
C LYS E 59 -37.44 -11.47 -6.66
N ALA E 60 -37.16 -10.60 -5.69
CA ALA E 60 -35.86 -9.91 -5.59
C ALA E 60 -34.96 -10.42 -4.45
N PHE E 61 -33.65 -10.47 -4.71
CA PHE E 61 -32.71 -10.68 -3.58
C PHE E 61 -32.76 -9.37 -2.80
N CYS E 62 -32.51 -8.27 -3.51
CA CYS E 62 -32.56 -6.89 -2.96
C CYS E 62 -32.50 -5.90 -4.12
N ALA E 63 -33.46 -4.98 -4.20
CA ALA E 63 -33.56 -4.00 -5.30
C ALA E 63 -32.77 -2.72 -5.00
N GLY E 64 -32.13 -2.62 -3.84
CA GLY E 64 -31.29 -1.44 -3.55
C GLY E 64 -31.66 -0.74 -2.25
N ALA E 65 -31.01 0.41 -2.00
CA ALA E 65 -31.30 1.27 -0.83
C ALA E 65 -32.65 1.95 -1.02
N ASP E 66 -33.32 2.29 0.07
CA ASP E 66 -34.65 2.93 0.04
C ASP E 66 -34.51 4.42 -0.30
N ILE E 67 -34.93 4.80 -1.50
CA ILE E 67 -34.66 6.13 -2.10
C ILE E 67 -35.40 7.26 -1.36
N THR E 68 -36.42 6.94 -0.55
CA THR E 68 -37.32 7.96 0.08
C THR E 68 -36.54 8.83 1.07
N GLN E 69 -35.46 8.28 1.62
CA GLN E 69 -34.56 8.97 2.55
C GLN E 69 -33.95 10.21 1.86
N PHE E 70 -33.55 10.02 0.60
CA PHE E 70 -32.51 10.81 -0.09
C PHE E 70 -32.86 12.30 -0.25
N ASN E 71 -34.13 12.65 -0.42
CA ASN E 71 -34.49 14.04 -0.81
C ASN E 71 -34.18 15.01 0.35
N GLN E 72 -34.13 14.53 1.59
CA GLN E 72 -33.90 15.40 2.75
C GLN E 72 -32.51 15.16 3.38
N LEU E 73 -31.50 14.76 2.58
CA LEU E 73 -30.12 14.67 3.08
C LEU E 73 -29.34 15.92 2.65
N THR E 74 -28.75 16.57 3.64
CA THR E 74 -27.67 17.51 3.49
C THR E 74 -26.47 16.74 2.93
N PRO E 75 -25.53 17.39 2.23
CA PRO E 75 -24.32 16.68 1.79
C PRO E 75 -23.55 16.02 2.95
N ALA E 76 -23.34 16.76 4.04
CA ALA E 76 -22.67 16.22 5.21
C ALA E 76 -23.41 15.02 5.77
N GLU E 77 -24.76 15.07 5.75
CA GLU E 77 -25.55 13.97 6.27
C GLU E 77 -25.45 12.79 5.30
N ALA E 78 -25.35 13.10 4.01
CA ALA E 78 -25.25 12.08 2.96
C ALA E 78 -23.94 11.29 3.14
N TRP E 79 -22.85 12.01 3.43
CA TRP E 79 -21.55 11.37 3.75
C TRP E 79 -21.76 10.38 4.91
N LYS E 80 -22.37 10.86 5.98
CA LYS E 80 -22.55 10.03 7.18
C LYS E 80 -23.47 8.85 6.89
N PHE E 81 -24.46 9.05 6.02
CA PHE E 81 -25.43 8.03 5.66
C PHE E 81 -24.75 6.91 4.89
N SER E 82 -23.96 7.31 3.89
CA SER E 82 -23.20 6.33 3.11
C SER E 82 -22.25 5.54 4.03
N LYS E 83 -21.52 6.23 4.89
CA LYS E 83 -20.51 5.59 5.77
C LYS E 83 -21.24 4.60 6.70
N LYS E 84 -22.39 5.00 7.24
CA LYS E 84 -23.14 4.21 8.24
C LYS E 84 -23.58 2.87 7.65
N GLY E 85 -24.26 2.89 6.51
CA GLY E 85 -24.76 1.68 5.91
C GLY E 85 -23.63 0.82 5.36
N ARG E 86 -22.59 1.48 4.82
CA ARG E 86 -21.48 0.76 4.24
C ARG E 86 -20.72 0.02 5.36
N GLU E 87 -20.72 0.59 6.57
CA GLU E 87 -20.04 -0.02 7.73
C GLU E 87 -20.72 -1.32 8.15
N ILE E 88 -22.02 -1.44 7.89
CA ILE E 88 -22.73 -2.71 8.09
C ILE E 88 -22.21 -3.75 7.10
N MET E 89 -22.02 -3.36 5.84
CA MET E 89 -21.45 -4.26 4.84
C MET E 89 -20.03 -4.68 5.26
N ASP E 90 -19.23 -3.75 5.76
CA ASP E 90 -17.85 -4.02 6.13
C ASP E 90 -17.82 -5.07 7.27
N LYS E 91 -18.73 -4.97 8.24
CA LYS E 91 -18.81 -5.92 9.34
C LYS E 91 -19.11 -7.32 8.81
N ILE E 92 -20.02 -7.40 7.84
CA ILE E 92 -20.39 -8.67 7.27
C ILE E 92 -19.16 -9.30 6.60
N GLU E 93 -18.42 -8.51 5.80
CA GLU E 93 -17.23 -8.99 5.13
C GLU E 93 -16.19 -9.49 6.17
N ALA E 94 -16.07 -8.82 7.31
CA ALA E 94 -15.02 -9.14 8.30
C ALA E 94 -15.49 -10.21 9.30
N LEU E 95 -16.68 -10.78 9.08
CA LEU E 95 -17.25 -11.72 10.03
C LEU E 95 -16.29 -12.92 10.14
N SER E 96 -16.18 -13.48 11.33
CA SER E 96 -15.31 -14.62 11.60
C SER E 96 -15.95 -15.92 11.10
N LYS E 97 -17.22 -15.87 10.71
CA LYS E 97 -17.94 -17.04 10.18
C LYS E 97 -18.24 -16.85 8.70
N PRO E 98 -18.06 -17.90 7.87
CA PRO E 98 -18.37 -17.84 6.45
C PRO E 98 -19.79 -17.33 6.12
N THR E 99 -19.89 -16.52 5.07
CA THR E 99 -21.16 -15.92 4.65
C THR E 99 -21.36 -16.26 3.17
N ILE E 100 -22.62 -16.60 2.82
CA ILE E 100 -23.00 -16.86 1.46
C ILE E 100 -24.17 -15.97 1.08
N ALA E 101 -24.07 -15.28 -0.06
CA ALA E 101 -25.22 -14.60 -0.64
C ALA E 101 -25.86 -15.53 -1.66
N MET E 102 -27.11 -15.92 -1.39
CA MET E 102 -27.89 -16.76 -2.31
C MET E 102 -28.77 -15.78 -3.09
N ILE E 103 -28.36 -15.45 -4.31
CA ILE E 103 -29.07 -14.39 -5.09
C ILE E 103 -30.19 -15.01 -5.94
N ASN E 104 -31.41 -14.94 -5.43
CA ASN E 104 -32.62 -15.57 -6.03
C ASN E 104 -33.26 -14.69 -7.10
N GLY E 105 -32.88 -13.42 -7.20
CA GLY E 105 -33.51 -12.51 -8.17
C GLY E 105 -32.73 -11.23 -8.30
N TYR E 106 -33.43 -10.11 -8.43
CA TYR E 106 -32.76 -8.81 -8.59
C TYR E 106 -31.80 -8.52 -7.44
N ALA E 107 -30.57 -8.14 -7.78
CA ALA E 107 -29.55 -7.65 -6.82
C ALA E 107 -29.04 -6.34 -7.44
N LEU E 108 -29.58 -5.22 -6.99
CA LEU E 108 -29.38 -3.94 -7.64
C LEU E 108 -28.97 -2.92 -6.58
N GLY E 109 -27.95 -2.13 -6.92
CA GLY E 109 -27.45 -1.11 -6.05
C GLY E 109 -27.04 -1.68 -4.71
N GLY E 110 -27.61 -1.12 -3.65
CA GLY E 110 -27.41 -1.58 -2.29
C GLY E 110 -27.46 -3.10 -2.20
N GLY E 111 -28.38 -3.71 -2.94
CA GLY E 111 -28.54 -5.17 -2.99
C GLY E 111 -27.29 -5.88 -3.50
N LEU E 112 -26.72 -5.43 -4.62
CA LEU E 112 -25.49 -6.04 -5.09
C LEU E 112 -24.32 -5.75 -4.13
N GLU E 113 -24.36 -4.58 -3.49
CA GLU E 113 -23.32 -4.17 -2.53
C GLU E 113 -23.34 -5.08 -1.29
N LEU E 114 -24.54 -5.42 -0.81
CA LEU E 114 -24.65 -6.43 0.23
C LEU E 114 -24.08 -7.78 -0.24
N ALA E 115 -24.44 -8.20 -1.45
CA ALA E 115 -23.97 -9.51 -1.99
C ALA E 115 -22.43 -9.51 -2.08
N LEU E 116 -21.87 -8.37 -2.46
CA LEU E 116 -20.39 -8.23 -2.60
C LEU E 116 -19.68 -8.37 -1.25
N ALA E 117 -20.33 -7.97 -0.17
CA ALA E 117 -19.75 -8.07 1.20
C ALA E 117 -19.70 -9.52 1.68
N CYS E 118 -20.53 -10.40 1.13
CA CYS E 118 -20.48 -11.83 1.54
C CYS E 118 -19.24 -12.51 0.96
N ASP E 119 -18.78 -13.57 1.61
CA ASP E 119 -17.58 -14.30 1.14
C ASP E 119 -17.81 -14.93 -0.23
N ILE E 120 -18.98 -15.56 -0.42
CA ILE E 120 -19.26 -16.32 -1.66
C ILE E 120 -20.65 -15.95 -2.17
N ARG E 121 -20.82 -15.88 -3.49
CA ARG E 121 -22.10 -15.59 -4.10
C ARG E 121 -22.48 -16.75 -5.01
N ILE E 122 -23.70 -17.24 -4.82
CA ILE E 122 -24.34 -18.23 -5.70
C ILE E 122 -25.61 -17.59 -6.24
N ALA E 123 -25.82 -17.61 -7.56
CA ALA E 123 -26.96 -16.93 -8.14
C ALA E 123 -27.83 -17.91 -8.97
N ALA E 124 -29.10 -17.54 -9.05
CA ALA E 124 -30.04 -18.07 -10.05
C ALA E 124 -29.66 -17.54 -11.43
N GLU E 125 -29.86 -18.36 -12.46
CA GLU E 125 -29.80 -17.96 -13.85
C GLU E 125 -30.71 -16.76 -14.09
N GLU E 126 -31.83 -16.69 -13.36
CA GLU E 126 -32.88 -15.71 -13.53
C GLU E 126 -32.55 -14.40 -12.80
N ALA E 127 -31.41 -14.37 -12.11
CA ALA E 127 -30.99 -13.19 -11.37
C ALA E 127 -30.52 -12.10 -12.34
N GLN E 128 -30.82 -10.87 -11.98
CA GLN E 128 -30.34 -9.67 -12.70
C GLN E 128 -29.56 -8.82 -11.72
N LEU E 129 -28.34 -8.40 -12.11
CA LEU E 129 -27.41 -7.77 -11.18
C LEU E 129 -26.95 -6.44 -11.79
N GLY E 130 -26.84 -5.43 -10.92
CA GLY E 130 -26.40 -4.12 -11.38
C GLY E 130 -26.20 -3.10 -10.29
N LEU E 131 -25.71 -1.94 -10.73
CA LEU E 131 -25.49 -0.74 -9.88
C LEU E 131 -26.14 0.42 -10.65
N PRO E 132 -27.46 0.60 -10.50
CA PRO E 132 -28.21 1.61 -11.24
C PRO E 132 -28.25 3.00 -10.56
N GLU E 133 -27.38 3.23 -9.57
CA GLU E 133 -27.36 4.50 -8.79
C GLU E 133 -27.14 5.72 -9.69
N ILE E 134 -26.38 5.60 -10.79
CA ILE E 134 -26.14 6.70 -11.76
C ILE E 134 -27.47 7.19 -12.36
N ASN E 135 -28.49 6.34 -12.50
CA ASN E 135 -29.84 6.70 -12.98
C ASN E 135 -30.51 7.74 -12.07
N LEU E 136 -30.18 7.78 -10.78
CA LEU E 136 -30.71 8.76 -9.81
C LEU E 136 -29.80 9.99 -9.71
N GLY E 137 -28.77 10.10 -10.56
CA GLY E 137 -27.89 11.27 -10.48
C GLY E 137 -26.82 11.14 -9.40
N ILE E 138 -26.71 9.96 -8.80
CA ILE E 138 -25.70 9.67 -7.75
C ILE E 138 -24.80 8.51 -8.22
N TYR E 139 -24.23 7.79 -7.27
CA TYR E 139 -23.37 6.63 -7.58
C TYR E 139 -23.37 5.66 -6.40
N PRO E 140 -22.84 4.42 -6.53
CA PRO E 140 -22.90 3.47 -5.41
C PRO E 140 -22.23 3.98 -4.13
N GLY E 141 -22.99 3.95 -3.03
CA GLY E 141 -22.52 4.47 -1.74
C GLY E 141 -22.37 3.43 -0.65
N TYR E 142 -22.56 2.15 -0.95
CA TYR E 142 -22.41 1.07 0.05
C TYR E 142 -21.22 0.15 -0.26
N GLY E 143 -20.21 0.64 -0.97
CA GLY E 143 -19.00 -0.13 -1.24
C GLY E 143 -18.82 -0.54 -2.68
N GLY E 144 -19.85 -0.33 -3.51
CA GLY E 144 -19.86 -0.92 -4.84
C GLY E 144 -18.73 -0.42 -5.72
N THR E 145 -18.37 0.86 -5.57
CA THR E 145 -17.25 1.44 -6.38
C THR E 145 -15.91 0.75 -6.10
N GLN E 146 -15.78 0.14 -4.91
CA GLN E 146 -14.53 -0.47 -4.50
C GLN E 146 -14.62 -1.99 -4.74
N ARG E 147 -15.70 -2.62 -4.27
CA ARG E 147 -15.82 -4.05 -4.31
C ARG E 147 -16.13 -4.56 -5.74
N LEU E 148 -17.02 -3.89 -6.50
CA LEU E 148 -17.30 -4.39 -7.85
C LEU E 148 -16.04 -4.33 -8.72
N THR E 149 -15.32 -3.20 -8.64
CA THR E 149 -14.11 -3.00 -9.43
C THR E 149 -13.08 -4.11 -9.18
N ARG E 150 -12.88 -4.44 -7.90
N ARG E 150 -12.89 -4.45 -7.91
CA ARG E 150 -11.89 -5.40 -7.48
CA ARG E 150 -11.89 -5.40 -7.47
C ARG E 150 -12.30 -6.79 -7.99
C ARG E 150 -12.29 -6.80 -7.91
N VAL E 151 -13.60 -7.06 -7.99
CA VAL E 151 -14.11 -8.40 -8.41
C VAL E 151 -14.15 -8.63 -9.92
N ILE E 152 -14.69 -7.69 -10.70
CA ILE E 152 -14.82 -7.96 -12.16
C ILE E 152 -13.87 -7.09 -13.00
N GLY E 153 -13.03 -6.29 -12.37
CA GLY E 153 -12.10 -5.46 -13.14
C GLY E 153 -12.64 -4.08 -13.42
N LYS E 154 -11.75 -3.13 -13.65
CA LYS E 154 -12.15 -1.72 -13.82
C LYS E 154 -13.00 -1.49 -15.06
N GLY E 155 -12.66 -2.09 -16.20
CA GLY E 155 -13.44 -1.75 -17.41
C GLY E 155 -14.90 -2.13 -17.29
N ARG E 156 -15.19 -3.36 -16.86
CA ARG E 156 -16.59 -3.83 -16.73
C ARG E 156 -17.28 -3.10 -15.58
N ALA E 157 -16.59 -2.91 -14.47
CA ALA E 157 -17.19 -2.21 -13.31
C ALA E 157 -17.57 -0.78 -13.72
N LEU E 158 -16.68 -0.10 -14.44
CA LEU E 158 -16.98 1.29 -14.87
C LEU E 158 -18.15 1.28 -15.85
N GLU E 159 -18.17 0.36 -16.79
CA GLU E 159 -19.30 0.34 -17.76
C GLU E 159 -20.61 0.11 -16.98
N MET E 160 -20.61 -0.82 -16.02
CA MET E 160 -21.86 -1.07 -15.26
C MET E 160 -22.25 0.17 -14.43
N MET E 161 -21.30 0.80 -13.74
CA MET E 161 -21.64 1.98 -12.88
C MET E 161 -22.01 3.22 -13.69
N MET E 162 -21.34 3.43 -14.82
CA MET E 162 -21.62 4.58 -15.71
C MET E 162 -22.92 4.47 -16.49
N THR E 163 -23.29 3.27 -16.93
CA THR E 163 -24.55 3.10 -17.72
C THR E 163 -25.73 2.74 -16.82
N GLY E 164 -25.46 2.02 -15.73
CA GLY E 164 -26.50 1.53 -14.81
C GLY E 164 -27.15 0.24 -15.32
N ASP E 165 -26.62 -0.34 -16.39
CA ASP E 165 -27.21 -1.55 -17.03
C ASP E 165 -27.15 -2.76 -16.09
N ARG E 166 -28.18 -3.60 -16.14
CA ARG E 166 -28.24 -4.88 -15.39
C ARG E 166 -27.60 -5.97 -16.25
N ILE E 167 -26.99 -6.96 -15.62
CA ILE E 167 -26.46 -8.11 -16.36
C ILE E 167 -27.16 -9.38 -15.87
N PRO E 168 -27.31 -10.41 -16.72
CA PRO E 168 -27.91 -11.67 -16.27
C PRO E 168 -26.91 -12.51 -15.45
N GLY E 169 -27.43 -13.46 -14.67
CA GLY E 169 -26.63 -14.35 -13.81
C GLY E 169 -25.47 -15.01 -14.54
N LYS E 170 -25.71 -15.48 -15.78
CA LYS E 170 -24.71 -16.21 -16.52
C LYS E 170 -23.54 -15.29 -16.84
N ASP E 171 -23.83 -14.01 -17.10
CA ASP E 171 -22.77 -13.01 -17.37
C ASP E 171 -21.99 -12.72 -16.07
N ALA E 172 -22.69 -12.63 -14.95
CA ALA E 172 -22.07 -12.45 -13.62
C ALA E 172 -21.08 -13.58 -13.33
N GLU E 173 -21.47 -14.83 -13.65
CA GLU E 173 -20.62 -15.99 -13.50
C GLU E 173 -19.37 -15.83 -14.36
N LYS E 174 -19.58 -15.44 -15.62
CA LYS E 174 -18.52 -15.26 -16.58
C LYS E 174 -17.49 -14.24 -16.06
N TYR E 175 -17.97 -13.16 -15.45
CA TYR E 175 -17.09 -12.12 -14.97
C TYR E 175 -16.55 -12.42 -13.56
N GLY E 176 -17.00 -13.50 -12.93
CA GLY E 176 -16.60 -13.89 -11.59
C GLY E 176 -17.26 -13.06 -10.48
N LEU E 177 -18.32 -12.33 -10.80
CA LEU E 177 -19.13 -11.62 -9.82
C LEU E 177 -19.82 -12.61 -8.89
N VAL E 178 -20.18 -13.78 -9.41
CA VAL E 178 -20.76 -14.87 -8.60
C VAL E 178 -19.93 -16.13 -8.90
N ASN E 179 -19.83 -17.05 -7.95
CA ASN E 179 -18.98 -18.27 -8.14
C ASN E 179 -19.59 -19.20 -9.19
N ARG E 180 -20.91 -19.27 -9.21
CA ARG E 180 -21.61 -20.08 -10.23
C ARG E 180 -23.09 -19.70 -10.23
N VAL E 181 -23.78 -20.09 -11.31
CA VAL E 181 -25.23 -19.89 -11.42
C VAL E 181 -25.89 -21.27 -11.57
N VAL E 182 -27.13 -21.37 -11.10
CA VAL E 182 -27.99 -22.55 -11.32
C VAL E 182 -29.42 -22.08 -11.53
N PRO E 183 -30.33 -22.93 -12.08
CA PRO E 183 -31.74 -22.55 -12.18
C PRO E 183 -32.27 -22.21 -10.80
N LEU E 184 -33.17 -21.23 -10.71
CA LEU E 184 -33.79 -20.82 -9.46
C LEU E 184 -34.28 -22.07 -8.69
N ALA E 185 -34.79 -23.07 -9.41
CA ALA E 185 -35.44 -24.26 -8.82
C ALA E 185 -34.41 -25.09 -8.04
N ASN E 186 -33.13 -24.97 -8.42
CA ASN E 186 -32.04 -25.73 -7.82
C ASN E 186 -31.25 -24.89 -6.80
N LEU E 187 -31.65 -23.63 -6.57
CA LEU E 187 -30.78 -22.63 -5.88
C LEU E 187 -30.66 -22.95 -4.39
N GLU E 188 -31.81 -23.10 -3.70
CA GLU E 188 -31.78 -23.36 -2.28
C GLU E 188 -30.94 -24.62 -2.03
N GLN E 189 -31.12 -25.66 -2.86
CA GLN E 189 -30.46 -26.96 -2.68
C GLN E 189 -28.95 -26.85 -2.93
N GLU E 190 -28.55 -26.12 -3.97
CA GLU E 190 -27.11 -25.92 -4.29
C GLU E 190 -26.44 -25.14 -3.16
N THR E 191 -27.16 -24.16 -2.62
CA THR E 191 -26.66 -23.32 -1.56
C THR E 191 -26.55 -24.14 -0.26
N ARG E 192 -27.55 -24.99 -0.01
CA ARG E 192 -27.56 -25.78 1.21
C ARG E 192 -26.37 -26.73 1.19
N LYS E 193 -26.08 -27.35 0.04
CA LYS E 193 -24.99 -28.31 -0.07
C LYS E 193 -23.63 -27.63 0.20
N LEU E 194 -23.44 -26.43 -0.35
CA LEU E 194 -22.18 -25.68 -0.14
C LEU E 194 -22.04 -25.36 1.35
N ALA E 195 -23.09 -24.81 1.93
CA ALA E 195 -23.04 -24.32 3.30
C ALA E 195 -22.74 -25.48 4.26
N GLU E 196 -23.32 -26.65 3.97
CA GLU E 196 -23.18 -27.84 4.81
C GLU E 196 -21.77 -28.42 4.67
N LYS E 197 -21.17 -28.36 3.49
CA LYS E 197 -19.78 -28.74 3.34
C LYS E 197 -18.90 -27.89 4.28
N ILE E 198 -19.10 -26.57 4.26
CA ILE E 198 -18.26 -25.61 4.97
C ILE E 198 -18.50 -25.77 6.47
N ALA E 199 -19.76 -25.98 6.85
CA ALA E 199 -20.18 -26.08 8.23
C ALA E 199 -19.60 -27.32 8.92
N LYS E 200 -19.05 -28.28 8.16
CA LYS E 200 -18.37 -29.41 8.76
C LYS E 200 -16.96 -29.05 9.25
N LYS E 201 -16.34 -27.98 8.70
CA LYS E 201 -14.91 -27.76 8.93
C LYS E 201 -14.69 -27.06 10.27
N SER E 202 -13.42 -27.01 10.68
CA SER E 202 -12.95 -26.29 11.88
C SER E 202 -13.38 -24.82 11.88
N PRO E 203 -14.25 -24.37 12.83
CA PRO E 203 -14.53 -22.94 12.99
C PRO E 203 -13.29 -22.02 13.10
N ILE E 204 -12.22 -22.51 13.76
CA ILE E 204 -11.06 -21.71 14.05
C ILE E 204 -10.26 -21.60 12.76
N SER E 205 -10.03 -22.73 12.08
CA SER E 205 -9.37 -22.67 10.78
C SER E 205 -10.13 -21.74 9.81
N LEU E 206 -11.47 -21.86 9.75
CA LEU E 206 -12.29 -20.99 8.86
C LEU E 206 -12.11 -19.50 9.22
N ALA E 207 -12.14 -19.17 10.51
CA ALA E 207 -11.93 -17.79 10.98
C ALA E 207 -10.54 -17.27 10.57
N LEU E 208 -9.53 -18.15 10.67
CA LEU E 208 -8.14 -17.77 10.34
C LEU E 208 -7.96 -17.61 8.84
N ILE E 209 -8.60 -18.49 8.05
CA ILE E 209 -8.56 -18.39 6.59
C ILE E 209 -9.09 -17.01 6.20
N LYS E 210 -10.25 -16.64 6.75
CA LYS E 210 -10.90 -15.40 6.40
C LYS E 210 -10.03 -14.20 6.81
N GLU E 211 -9.51 -14.21 8.03
CA GLU E 211 -8.65 -13.14 8.56
C GLU E 211 -7.42 -12.98 7.66
N VAL E 212 -6.77 -14.10 7.34
CA VAL E 212 -5.50 -14.09 6.58
C VAL E 212 -5.72 -13.67 5.11
N VAL E 213 -6.76 -14.24 4.50
CA VAL E 213 -7.14 -13.85 3.13
C VAL E 213 -7.48 -12.35 3.06
N ASN E 214 -8.46 -11.93 3.87
CA ASN E 214 -8.94 -10.53 3.80
C ASN E 214 -7.83 -9.52 4.15
N ARG E 215 -7.12 -9.75 5.25
CA ARG E 215 -6.06 -8.80 5.67
C ARG E 215 -4.86 -8.85 4.72
N GLY E 216 -4.49 -10.05 4.27
CA GLY E 216 -3.34 -10.29 3.37
C GLY E 216 -3.54 -9.69 1.99
N LEU E 217 -4.77 -9.76 1.48
CA LEU E 217 -5.08 -9.25 0.13
C LEU E 217 -4.83 -7.73 0.06
N ASP E 218 -5.13 -7.03 1.14
CA ASP E 218 -4.95 -5.57 1.28
C ASP E 218 -3.48 -5.17 1.46
N SER E 219 -2.61 -6.12 1.74
CA SER E 219 -1.20 -5.83 2.05
C SER E 219 -0.29 -6.15 0.88
N PRO E 220 1.00 -5.75 0.97
CA PRO E 220 2.03 -6.18 0.03
C PRO E 220 2.13 -7.71 0.23
N LEU E 221 2.43 -8.43 -0.84
CA LEU E 221 2.38 -9.92 -0.83
C LEU E 221 3.27 -10.49 0.30
N LEU E 222 4.46 -9.94 0.50
CA LEU E 222 5.30 -10.49 1.60
C LEU E 222 4.62 -10.31 2.96
N SER E 223 3.97 -9.17 3.18
CA SER E 223 3.26 -8.98 4.47
C SER E 223 2.08 -9.98 4.59
N GLY E 224 1.34 -10.21 3.52
CA GLY E 224 0.24 -11.19 3.55
C GLY E 224 0.78 -12.60 3.81
N LEU E 225 1.91 -12.94 3.18
CA LEU E 225 2.55 -14.26 3.37
C LEU E 225 2.99 -14.41 4.85
N ALA E 226 3.56 -13.35 5.42
CA ALA E 226 3.99 -13.37 6.84
C ALA E 226 2.78 -13.63 7.73
N LEU E 227 1.66 -12.99 7.42
CA LEU E 227 0.39 -13.19 8.16
C LEU E 227 -0.07 -14.65 8.05
N GLU E 228 -0.03 -15.21 6.85
CA GLU E 228 -0.39 -16.60 6.62
C GLU E 228 0.44 -17.54 7.53
N SER E 229 1.78 -17.38 7.52
CA SER E 229 2.71 -18.19 8.33
C SER E 229 2.42 -18.12 9.83
N VAL E 230 2.24 -16.91 10.39
CA VAL E 230 2.06 -16.77 11.80
C VAL E 230 0.70 -17.39 12.18
N GLY E 231 -0.29 -17.21 11.31
CA GLY E 231 -1.58 -17.77 11.56
C GLY E 231 -1.59 -19.29 11.48
N TRP E 232 -0.64 -19.86 10.74
CA TRP E 232 -0.51 -21.29 10.57
C TRP E 232 -0.08 -21.90 11.92
N GLY E 233 0.84 -21.20 12.58
CA GLY E 233 1.20 -21.47 13.94
C GLY E 233 0.00 -21.57 14.85
N VAL E 234 -0.94 -20.61 14.76
CA VAL E 234 -2.13 -20.62 15.62
C VAL E 234 -3.03 -21.81 15.29
N VAL E 235 -3.28 -22.05 14.00
CA VAL E 235 -4.20 -23.16 13.61
C VAL E 235 -3.59 -24.51 14.05
N PHE E 236 -2.26 -24.60 14.01
CA PHE E 236 -1.57 -25.81 14.36
C PHE E 236 -1.77 -26.19 15.84
N SER E 237 -2.02 -25.18 16.67
CA SER E 237 -2.24 -25.36 18.09
C SER E 237 -3.59 -26.00 18.42
N THR E 238 -4.52 -26.11 17.46
CA THR E 238 -5.93 -26.32 17.81
C THR E 238 -6.22 -27.83 17.95
N GLU E 239 -7.28 -28.11 18.71
CA GLU E 239 -7.83 -29.47 18.89
C GLU E 239 -8.34 -29.99 17.53
N ASP E 240 -9.06 -29.14 16.78
CA ASP E 240 -9.56 -29.52 15.46
C ASP E 240 -8.39 -29.93 14.56
N LYS E 241 -7.22 -29.28 14.67
CA LYS E 241 -6.05 -29.73 13.88
C LYS E 241 -5.66 -31.16 14.30
N LYS E 242 -5.66 -31.42 15.62
CA LYS E 242 -5.28 -32.73 16.16
C LYS E 242 -6.27 -33.77 15.62
N GLU E 243 -7.56 -33.49 15.80
CA GLU E 243 -8.63 -34.34 15.28
C GLU E 243 -8.38 -34.61 13.80
N GLY E 244 -8.06 -33.56 13.04
CA GLY E 244 -7.93 -33.61 11.60
C GLY E 244 -6.77 -34.47 11.13
N VAL E 245 -5.63 -34.30 11.81
CA VAL E 245 -4.43 -35.04 11.51
C VAL E 245 -4.61 -36.51 11.90
N SER E 246 -5.42 -36.76 12.95
CA SER E 246 -5.60 -38.15 13.46
C SER E 246 -6.68 -38.87 12.62
N ALA E 247 -7.74 -38.16 12.21
CA ALA E 247 -8.76 -38.70 11.27
C ALA E 247 -8.09 -39.19 9.98
N PHE E 248 -7.10 -38.43 9.48
CA PHE E 248 -6.40 -38.78 8.22
C PHE E 248 -5.59 -40.07 8.35
N LEU E 249 -4.89 -40.21 9.48
CA LEU E 249 -3.97 -41.31 9.71
C LEU E 249 -4.75 -42.60 10.03
N GLU E 250 -5.87 -42.44 10.75
CA GLU E 250 -6.84 -43.49 11.15
C GLU E 250 -7.93 -43.73 10.08
N LYS E 251 -7.84 -43.04 8.93
CA LYS E 251 -8.69 -43.24 7.75
C LYS E 251 -10.18 -43.23 8.14
N ARG E 252 -10.59 -42.11 8.73
CA ARG E 252 -11.98 -41.84 9.12
C ARG E 252 -12.30 -40.38 8.76
N GLU E 253 -13.58 -40.00 8.93
CA GLU E 253 -14.00 -38.61 8.76
C GLU E 253 -13.82 -37.87 10.08
N PRO E 254 -13.15 -36.69 10.07
CA PRO E 254 -12.95 -35.94 11.30
C PRO E 254 -14.29 -35.34 11.73
N THR E 255 -14.46 -35.15 13.04
CA THR E 255 -15.51 -34.34 13.58
C THR E 255 -14.88 -33.11 14.20
N PHE E 256 -15.03 -31.98 13.52
CA PHE E 256 -14.39 -30.75 13.92
C PHE E 256 -15.31 -30.01 14.89
N LYS E 257 -15.01 -30.11 16.19
CA LYS E 257 -15.81 -29.54 17.26
C LYS E 257 -15.01 -28.39 17.86
N MET F 1 23.92 -31.81 -9.08
CA MET F 1 23.35 -32.38 -10.36
C MET F 1 22.74 -33.79 -10.12
N GLU F 2 22.90 -34.35 -8.90
CA GLU F 2 22.44 -35.70 -8.56
C GLU F 2 21.68 -35.64 -7.22
N PHE F 3 20.40 -36.07 -7.21
CA PHE F 3 19.48 -35.82 -6.07
C PHE F 3 18.69 -37.08 -5.73
N GLU F 4 18.08 -37.10 -4.54
CA GLU F 4 17.31 -38.24 -4.04
C GLU F 4 15.84 -38.15 -4.46
N THR F 5 15.24 -36.95 -4.44
CA THR F 5 13.78 -36.81 -4.57
C THR F 5 13.38 -36.03 -5.83
N ILE F 6 14.34 -35.52 -6.59
CA ILE F 6 14.07 -34.82 -7.83
C ILE F 6 15.07 -35.32 -8.87
N GLU F 7 14.74 -35.06 -10.15
CA GLU F 7 15.61 -35.26 -11.30
C GLU F 7 15.76 -33.95 -12.06
N THR F 8 16.98 -33.66 -12.55
CA THR F 8 17.22 -32.48 -13.34
C THR F 8 17.76 -32.89 -14.70
N LYS F 9 17.35 -32.15 -15.73
CA LYS F 9 17.87 -32.38 -17.10
C LYS F 9 18.13 -31.03 -17.75
N LYS F 10 19.32 -30.82 -18.28
CA LYS F 10 19.65 -29.58 -19.01
C LYS F 10 19.60 -29.94 -20.49
N GLU F 11 18.76 -29.25 -21.25
CA GLU F 11 18.58 -29.49 -22.70
C GLU F 11 18.85 -28.16 -23.39
N GLY F 12 20.05 -27.94 -23.91
CA GLY F 12 20.31 -26.61 -24.49
C GLY F 12 20.12 -25.58 -23.39
N ASN F 13 19.22 -24.62 -23.60
CA ASN F 13 18.98 -23.53 -22.62
C ASN F 13 17.73 -23.81 -21.78
N LEU F 14 17.22 -25.03 -21.85
CA LEU F 14 16.03 -25.43 -21.06
C LEU F 14 16.49 -26.27 -19.87
N PHE F 15 15.96 -25.98 -18.69
CA PHE F 15 16.32 -26.76 -17.48
C PHE F 15 15.05 -27.40 -16.96
N TRP F 16 15.03 -28.73 -16.88
CA TRP F 16 13.82 -29.45 -16.44
C TRP F 16 14.01 -30.02 -15.04
N ILE F 17 13.13 -29.65 -14.12
CA ILE F 17 13.18 -30.19 -12.74
C ILE F 17 11.96 -31.08 -12.56
N THR F 18 12.16 -32.37 -12.33
CA THR F 18 11.02 -33.29 -12.17
C THR F 18 10.94 -33.75 -10.72
N LEU F 19 9.82 -33.49 -10.07
CA LEU F 19 9.67 -33.99 -8.69
C LEU F 19 9.68 -35.52 -8.82
N ASN F 20 10.40 -36.20 -7.93
CA ASN F 20 10.54 -37.67 -8.09
C ASN F 20 10.24 -38.45 -6.82
N ARG F 21 8.98 -38.45 -6.40
CA ARG F 21 8.50 -39.31 -5.29
C ARG F 21 7.15 -39.84 -5.72
N PRO F 22 7.02 -40.51 -6.90
CA PRO F 22 5.74 -40.93 -7.46
C PRO F 22 4.92 -41.86 -6.57
N ASP F 23 5.60 -42.68 -5.75
CA ASP F 23 4.94 -43.59 -4.78
C ASP F 23 4.15 -42.80 -3.72
N LYS F 24 4.58 -41.59 -3.38
CA LYS F 24 3.89 -40.68 -2.42
C LYS F 24 3.22 -39.53 -3.19
N LEU F 25 3.05 -39.70 -4.52
CA LEU F 25 2.43 -38.69 -5.42
C LEU F 25 3.22 -37.38 -5.41
N ASN F 26 4.55 -37.48 -5.30
CA ASN F 26 5.50 -36.33 -5.31
C ASN F 26 5.24 -35.39 -4.13
N ALA F 27 4.78 -35.91 -2.99
CA ALA F 27 4.47 -35.08 -1.82
C ALA F 27 5.72 -34.34 -1.36
N LEU F 28 5.55 -33.09 -0.94
CA LEU F 28 6.73 -32.29 -0.53
C LEU F 28 7.14 -32.67 0.89
N ASN F 29 8.41 -33.01 1.05
CA ASN F 29 8.94 -33.24 2.38
C ASN F 29 10.22 -32.44 2.50
N ALA F 30 10.80 -32.50 3.69
CA ALA F 30 11.89 -31.65 4.06
C ALA F 30 13.00 -31.81 3.02
N LYS F 31 13.22 -33.06 2.60
CA LYS F 31 14.35 -33.38 1.69
C LYS F 31 14.08 -32.80 0.30
N LEU F 32 12.85 -32.90 -0.17
CA LEU F 32 12.49 -32.46 -1.55
C LEU F 32 12.61 -30.93 -1.66
N LEU F 33 12.10 -30.22 -0.63
CA LEU F 33 12.20 -28.73 -0.63
C LEU F 33 13.67 -28.31 -0.66
N GLU F 34 14.51 -29.00 0.12
CA GLU F 34 15.93 -28.63 0.18
C GLU F 34 16.57 -28.82 -1.19
N GLU F 35 16.25 -29.93 -1.86
CA GLU F 35 16.85 -30.22 -3.19
C GLU F 35 16.30 -29.27 -4.26
N LEU F 36 14.99 -29.05 -4.23
CA LEU F 36 14.38 -28.13 -5.23
C LEU F 36 15.08 -26.78 -5.16
N ASP F 37 15.32 -26.31 -3.94
CA ASP F 37 15.97 -25.06 -3.68
C ASP F 37 17.36 -25.04 -4.33
N ARG F 38 18.16 -26.10 -4.09
CA ARG F 38 19.51 -26.20 -4.67
C ARG F 38 19.43 -26.19 -6.20
N ALA F 39 18.49 -26.96 -6.76
CA ALA F 39 18.36 -27.12 -8.24
C ALA F 39 18.03 -25.77 -8.91
N VAL F 40 17.17 -25.00 -8.26
CA VAL F 40 16.76 -23.72 -8.81
C VAL F 40 17.93 -22.74 -8.78
N SER F 41 18.71 -22.75 -7.68
CA SER F 41 19.88 -21.85 -7.56
C SER F 41 20.92 -22.16 -8.63
N GLN F 42 21.17 -23.45 -8.87
CA GLN F 42 22.11 -23.89 -9.90
C GLN F 42 21.61 -23.36 -11.26
N ALA F 43 20.36 -23.68 -11.60
CA ALA F 43 19.75 -23.21 -12.88
C ALA F 43 19.90 -21.69 -12.99
N GLU F 44 19.56 -20.95 -11.92
CA GLU F 44 19.64 -19.52 -12.03
C GLU F 44 21.09 -19.07 -12.24
N SER F 45 22.02 -19.81 -11.63
CA SER F 45 23.45 -19.53 -11.69
C SER F 45 24.06 -19.90 -13.05
N ASP F 46 23.57 -20.96 -13.69
CA ASP F 46 24.09 -21.41 -14.99
C ASP F 46 23.71 -20.44 -16.12
N PRO F 47 24.66 -19.71 -16.72
CA PRO F 47 24.36 -18.75 -17.80
C PRO F 47 23.88 -19.36 -19.12
N GLU F 48 24.04 -20.67 -19.31
CA GLU F 48 23.48 -21.30 -20.50
C GLU F 48 21.97 -21.50 -20.34
N ILE F 49 21.49 -21.56 -19.10
CA ILE F 49 20.08 -21.81 -18.84
C ILE F 49 19.30 -20.50 -18.96
N ARG F 50 18.19 -20.56 -19.74
CA ARG F 50 17.34 -19.40 -20.01
C ARG F 50 15.90 -19.60 -19.49
N VAL F 51 15.42 -20.84 -19.39
CA VAL F 51 14.04 -21.14 -18.94
C VAL F 51 14.06 -22.38 -18.05
N ILE F 52 13.33 -22.32 -16.93
CA ILE F 52 13.25 -23.45 -16.04
C ILE F 52 11.82 -23.97 -16.11
N ILE F 53 11.65 -25.31 -16.14
CA ILE F 53 10.36 -25.99 -16.16
C ILE F 53 10.31 -26.97 -14.99
N ILE F 54 9.22 -26.95 -14.23
CA ILE F 54 9.04 -27.83 -13.10
C ILE F 54 7.79 -28.68 -13.41
N THR F 55 7.93 -29.99 -13.19
CA THR F 55 6.85 -30.96 -13.47
C THR F 55 6.99 -32.14 -12.52
N GLY F 56 6.01 -33.04 -12.54
CA GLY F 56 6.04 -34.19 -11.62
C GLY F 56 6.23 -35.53 -12.34
N LYS F 57 6.72 -36.52 -11.61
CA LYS F 57 6.86 -37.87 -12.21
C LYS F 57 5.60 -38.65 -11.87
N GLY F 58 5.05 -39.36 -12.85
CA GLY F 58 3.88 -40.21 -12.55
C GLY F 58 2.55 -39.52 -12.75
N LYS F 59 1.56 -40.00 -11.99
CA LYS F 59 0.17 -39.51 -12.04
C LYS F 59 0.05 -38.07 -11.53
N ALA F 60 0.92 -37.64 -10.63
CA ALA F 60 0.73 -36.32 -10.00
C ALA F 60 1.85 -35.33 -10.32
N PHE F 61 1.48 -34.03 -10.33
CA PHE F 61 2.52 -32.98 -10.41
C PHE F 61 3.13 -32.95 -9.01
N CYS F 62 2.24 -32.77 -8.03
CA CYS F 62 2.57 -32.78 -6.59
C CYS F 62 1.24 -32.87 -5.83
N ALA F 63 1.03 -33.92 -5.05
CA ALA F 63 -0.29 -34.14 -4.41
C ALA F 63 -0.36 -33.66 -2.96
N GLY F 64 0.66 -32.96 -2.47
CA GLY F 64 0.54 -32.47 -1.10
C GLY F 64 1.89 -32.42 -0.40
N ALA F 65 1.86 -32.40 0.93
CA ALA F 65 3.10 -32.36 1.73
C ALA F 65 3.04 -33.42 2.84
N ASP F 66 4.19 -33.93 3.24
CA ASP F 66 4.27 -34.97 4.30
C ASP F 66 3.75 -34.44 5.64
N ILE F 67 3.00 -35.26 6.36
CA ILE F 67 2.43 -34.90 7.63
C ILE F 67 3.30 -35.41 8.79
N THR F 68 4.53 -35.88 8.51
CA THR F 68 5.27 -36.73 9.50
C THR F 68 5.87 -35.91 10.65
N GLN F 69 5.97 -34.57 10.54
CA GLN F 69 6.49 -33.76 11.68
C GLN F 69 5.33 -33.24 12.56
N PHE F 70 4.10 -33.28 12.04
CA PHE F 70 2.99 -32.49 12.57
C PHE F 70 2.66 -32.87 14.03
N ASN F 71 3.19 -34.01 14.51
CA ASN F 71 3.02 -34.45 15.89
C ASN F 71 4.12 -33.86 16.80
N GLN F 72 5.29 -33.54 16.23
CA GLN F 72 6.43 -33.04 17.04
C GLN F 72 6.72 -31.56 16.79
N LEU F 73 5.74 -30.82 16.22
CA LEU F 73 5.87 -29.38 16.02
C LEU F 73 5.01 -28.65 17.06
N THR F 74 5.67 -27.82 17.88
CA THR F 74 5.04 -26.78 18.68
C THR F 74 4.43 -25.72 17.76
N PRO F 75 3.47 -24.91 18.24
CA PRO F 75 2.95 -23.79 17.44
C PRO F 75 4.05 -22.87 16.89
N ALA F 76 5.06 -22.57 17.70
CA ALA F 76 6.14 -21.68 17.25
C ALA F 76 6.98 -22.37 16.18
N GLU F 77 7.26 -23.68 16.33
CA GLU F 77 7.96 -24.41 15.27
C GLU F 77 7.10 -24.51 13.99
N ALA F 78 5.78 -24.60 14.13
CA ALA F 78 4.86 -24.67 12.97
C ALA F 78 4.91 -23.35 12.18
N TRP F 79 4.91 -22.21 12.89
CA TRP F 79 5.18 -20.86 12.27
C TRP F 79 6.47 -20.91 11.45
N LYS F 80 7.58 -21.34 12.06
CA LYS F 80 8.88 -21.37 11.33
C LYS F 80 8.86 -22.39 10.19
N PHE F 81 8.14 -23.50 10.37
CA PHE F 81 8.02 -24.55 9.35
C PHE F 81 7.32 -23.97 8.09
N SER F 82 6.18 -23.30 8.30
CA SER F 82 5.40 -22.64 7.25
C SER F 82 6.29 -21.66 6.50
N LYS F 83 7.02 -20.83 7.26
CA LYS F 83 7.82 -19.76 6.71
C LYS F 83 8.98 -20.33 5.88
N LYS F 84 9.66 -21.35 6.41
CA LYS F 84 10.80 -21.96 5.72
C LYS F 84 10.38 -22.53 4.35
N GLY F 85 9.26 -23.27 4.32
CA GLY F 85 8.76 -23.86 3.09
C GLY F 85 8.30 -22.82 2.09
N ARG F 86 7.50 -21.86 2.56
CA ARG F 86 6.97 -20.79 1.74
C ARG F 86 8.11 -19.94 1.16
N GLU F 87 9.17 -19.72 1.91
CA GLU F 87 10.26 -18.84 1.43
C GLU F 87 10.99 -19.44 0.22
N ILE F 88 10.98 -20.77 0.10
CA ILE F 88 11.49 -21.45 -1.11
C ILE F 88 10.60 -21.13 -2.33
N MET F 89 9.29 -21.19 -2.12
CA MET F 89 8.34 -20.75 -3.13
C MET F 89 8.62 -19.28 -3.50
N ASP F 90 8.84 -18.41 -2.51
CA ASP F 90 9.07 -16.97 -2.80
C ASP F 90 10.31 -16.79 -3.69
N LYS F 91 11.34 -17.60 -3.42
CA LYS F 91 12.59 -17.59 -4.21
C LYS F 91 12.34 -17.98 -5.68
N ILE F 92 11.54 -19.02 -5.92
CA ILE F 92 11.16 -19.39 -7.31
C ILE F 92 10.41 -18.22 -7.97
N GLU F 93 9.43 -17.64 -7.26
CA GLU F 93 8.65 -16.52 -7.78
C GLU F 93 9.55 -15.36 -8.22
N ALA F 94 10.66 -15.13 -7.49
CA ALA F 94 11.55 -13.98 -7.63
C ALA F 94 12.79 -14.29 -8.50
N LEU F 95 12.93 -15.52 -9.01
CA LEU F 95 14.02 -15.88 -9.94
C LEU F 95 14.12 -14.88 -11.10
N SER F 96 15.34 -14.60 -11.55
CA SER F 96 15.56 -13.71 -12.69
C SER F 96 15.30 -14.40 -14.05
N LYS F 97 15.01 -15.69 -14.06
CA LYS F 97 14.76 -16.43 -15.28
C LYS F 97 13.32 -16.93 -15.32
N PRO F 98 12.66 -16.97 -16.48
CA PRO F 98 11.27 -17.44 -16.57
C PRO F 98 11.13 -18.89 -16.08
N THR F 99 10.05 -19.15 -15.35
CA THR F 99 9.74 -20.50 -14.83
C THR F 99 8.36 -20.91 -15.31
N ILE F 100 8.23 -22.17 -15.69
CA ILE F 100 6.93 -22.72 -16.16
C ILE F 100 6.61 -23.94 -15.31
N ALA F 101 5.39 -24.01 -14.81
CA ALA F 101 4.95 -25.22 -14.09
C ALA F 101 4.15 -26.03 -15.11
N MET F 102 4.59 -27.25 -15.40
CA MET F 102 3.88 -28.17 -16.31
C MET F 102 3.09 -29.11 -15.42
N ILE F 103 1.80 -28.82 -15.26
CA ILE F 103 0.97 -29.56 -14.28
C ILE F 103 0.36 -30.78 -14.96
N ASN F 104 1.08 -31.91 -14.87
CA ASN F 104 0.70 -33.18 -15.53
C ASN F 104 -0.39 -33.94 -14.78
N GLY F 105 -0.67 -33.58 -13.53
CA GLY F 105 -1.67 -34.33 -12.76
C GLY F 105 -2.04 -33.61 -11.48
N TYR F 106 -2.30 -34.35 -10.40
CA TYR F 106 -2.73 -33.72 -9.14
C TYR F 106 -1.75 -32.62 -8.72
N ALA F 107 -2.31 -31.45 -8.39
CA ALA F 107 -1.61 -30.27 -7.86
C ALA F 107 -2.49 -29.84 -6.69
N LEU F 108 -2.21 -30.43 -5.53
CA LEU F 108 -3.04 -30.34 -4.34
C LEU F 108 -2.21 -29.76 -3.20
N GLY F 109 -2.78 -28.78 -2.47
CA GLY F 109 -2.15 -28.18 -1.32
C GLY F 109 -0.79 -27.61 -1.67
N GLY F 110 0.25 -28.03 -0.93
CA GLY F 110 1.62 -27.62 -1.20
C GLY F 110 1.97 -27.65 -2.67
N GLY F 111 1.44 -28.66 -3.38
CA GLY F 111 1.69 -28.83 -4.83
C GLY F 111 1.11 -27.67 -5.65
N LEU F 112 -0.09 -27.22 -5.32
CA LEU F 112 -0.68 -26.09 -6.04
C LEU F 112 0.06 -24.80 -5.66
N GLU F 113 0.48 -24.71 -4.38
CA GLU F 113 1.27 -23.58 -3.87
C GLU F 113 2.57 -23.46 -4.66
N LEU F 114 3.21 -24.59 -4.97
CA LEU F 114 4.47 -24.60 -5.78
C LEU F 114 4.20 -24.10 -7.20
N ALA F 115 3.16 -24.65 -7.82
CA ALA F 115 2.72 -24.23 -9.18
C ALA F 115 2.43 -22.72 -9.19
N LEU F 116 1.80 -22.22 -8.12
CA LEU F 116 1.42 -20.76 -8.04
C LEU F 116 2.64 -19.84 -7.96
N ALA F 117 3.81 -20.37 -7.57
CA ALA F 117 5.07 -19.62 -7.44
C ALA F 117 5.77 -19.45 -8.79
N CYS F 118 5.44 -20.30 -9.77
CA CYS F 118 6.01 -20.20 -11.11
C CYS F 118 5.35 -19.05 -11.89
N ASP F 119 6.07 -18.53 -12.90
CA ASP F 119 5.57 -17.44 -13.69
C ASP F 119 4.28 -17.85 -14.43
N ILE F 120 4.31 -19.04 -15.05
CA ILE F 120 3.29 -19.48 -15.99
C ILE F 120 2.97 -20.94 -15.69
N ARG F 121 1.68 -21.26 -15.74
CA ARG F 121 1.18 -22.59 -15.54
C ARG F 121 0.49 -23.10 -16.82
N ILE F 122 0.93 -24.26 -17.31
CA ILE F 122 0.26 -25.03 -18.36
C ILE F 122 -0.19 -26.33 -17.71
N ALA F 123 -1.45 -26.73 -17.88
CA ALA F 123 -1.95 -27.94 -17.24
C ALA F 123 -2.54 -28.94 -18.25
N ALA F 124 -2.61 -30.20 -17.81
CA ALA F 124 -3.26 -31.27 -18.53
C ALA F 124 -4.74 -31.17 -18.21
N GLU F 125 -5.58 -31.46 -19.21
CA GLU F 125 -7.00 -31.50 -19.04
C GLU F 125 -7.36 -32.42 -17.87
N GLU F 126 -6.60 -33.48 -17.71
CA GLU F 126 -6.85 -34.53 -16.74
C GLU F 126 -6.36 -34.10 -15.33
N ALA F 127 -5.60 -33.00 -15.22
CA ALA F 127 -5.08 -32.54 -13.92
C ALA F 127 -6.23 -32.15 -13.00
N GLN F 128 -6.02 -32.36 -11.71
CA GLN F 128 -6.95 -31.93 -10.68
C GLN F 128 -6.19 -30.98 -9.73
N LEU F 129 -6.79 -29.84 -9.38
CA LEU F 129 -6.12 -28.78 -8.64
C LEU F 129 -6.98 -28.40 -7.43
N GLY F 130 -6.34 -28.16 -6.29
CA GLY F 130 -7.08 -27.72 -5.10
C GLY F 130 -6.18 -27.46 -3.91
N LEU F 131 -6.80 -27.01 -2.82
CA LEU F 131 -6.14 -26.75 -1.53
C LEU F 131 -6.98 -27.43 -0.46
N PRO F 132 -6.69 -28.72 -0.19
CA PRO F 132 -7.47 -29.52 0.77
C PRO F 132 -6.97 -29.47 2.23
N GLU F 133 -6.03 -28.56 2.52
CA GLU F 133 -5.49 -28.40 3.88
C GLU F 133 -6.61 -28.29 4.92
N ILE F 134 -7.71 -27.62 4.58
CA ILE F 134 -8.85 -27.48 5.54
C ILE F 134 -9.36 -28.85 6.05
N ASN F 135 -9.21 -29.90 5.22
CA ASN F 135 -9.71 -31.26 5.58
C ASN F 135 -8.94 -31.83 6.78
N LEU F 136 -7.68 -31.38 6.98
CA LEU F 136 -6.81 -31.79 8.10
C LEU F 136 -7.00 -30.85 9.31
N GLY F 137 -7.91 -29.88 9.21
CA GLY F 137 -8.18 -28.91 10.29
C GLY F 137 -7.12 -27.81 10.38
N ILE F 138 -6.33 -27.67 9.30
CA ILE F 138 -5.40 -26.54 9.09
C ILE F 138 -5.81 -25.78 7.81
N TYR F 139 -4.88 -25.07 7.20
CA TYR F 139 -5.18 -24.27 6.02
C TYR F 139 -3.88 -24.16 5.27
N PRO F 140 -3.86 -23.64 4.01
CA PRO F 140 -2.65 -23.59 3.20
C PRO F 140 -1.55 -22.74 3.86
N GLY F 141 -0.33 -23.30 3.95
CA GLY F 141 0.75 -22.74 4.69
C GLY F 141 1.99 -22.44 3.87
N TYR F 142 1.94 -22.69 2.55
CA TYR F 142 3.06 -22.35 1.66
C TYR F 142 2.65 -21.28 0.62
N GLY F 143 1.74 -20.39 1.00
CA GLY F 143 1.49 -19.16 0.22
C GLY F 143 0.13 -19.14 -0.47
N GLY F 144 -0.61 -20.27 -0.39
CA GLY F 144 -1.88 -20.45 -1.07
C GLY F 144 -2.94 -19.42 -0.71
N THR F 145 -3.02 -19.04 0.57
CA THR F 145 -4.03 -18.06 1.01
C THR F 145 -3.87 -16.68 0.34
N GLN F 146 -2.66 -16.37 -0.15
CA GLN F 146 -2.31 -15.11 -0.75
C GLN F 146 -2.28 -15.20 -2.30
N ARG F 147 -1.52 -16.17 -2.82
CA ARG F 147 -1.39 -16.32 -4.24
C ARG F 147 -2.67 -16.89 -4.88
N LEU F 148 -3.39 -17.84 -4.27
CA LEU F 148 -4.59 -18.33 -4.96
C LEU F 148 -5.57 -17.17 -5.10
N THR F 149 -5.79 -16.45 -3.99
CA THR F 149 -6.74 -15.36 -3.91
C THR F 149 -6.46 -14.31 -4.97
N ARG F 150 -5.17 -14.00 -5.16
CA ARG F 150 -4.77 -12.98 -6.07
C ARG F 150 -4.96 -13.45 -7.52
N VAL F 151 -4.92 -14.76 -7.76
CA VAL F 151 -4.98 -15.28 -9.15
C VAL F 151 -6.44 -15.48 -9.57
N ILE F 152 -7.29 -16.07 -8.71
CA ILE F 152 -8.66 -16.42 -9.16
C ILE F 152 -9.73 -15.55 -8.50
N GLY F 153 -9.31 -14.65 -7.60
CA GLY F 153 -10.24 -13.81 -6.86
C GLY F 153 -10.72 -14.47 -5.57
N LYS F 154 -11.28 -13.65 -4.69
CA LYS F 154 -11.54 -14.01 -3.34
C LYS F 154 -12.70 -15.03 -3.23
N GLY F 155 -13.77 -14.80 -4.00
CA GLY F 155 -14.94 -15.66 -3.96
C GLY F 155 -14.61 -17.12 -4.21
N ARG F 156 -13.90 -17.38 -5.30
CA ARG F 156 -13.57 -18.75 -5.70
C ARG F 156 -12.47 -19.31 -4.80
N ALA F 157 -11.48 -18.48 -4.42
CA ALA F 157 -10.40 -18.97 -3.58
C ALA F 157 -10.95 -19.33 -2.19
N LEU F 158 -11.87 -18.52 -1.65
CA LEU F 158 -12.46 -18.84 -0.35
C LEU F 158 -13.25 -20.14 -0.49
N GLU F 159 -14.08 -20.27 -1.54
CA GLU F 159 -14.87 -21.48 -1.71
C GLU F 159 -13.94 -22.71 -1.76
N MET F 160 -12.86 -22.62 -2.56
CA MET F 160 -11.93 -23.71 -2.68
C MET F 160 -11.24 -24.02 -1.34
N MET F 161 -10.82 -22.98 -0.59
CA MET F 161 -10.06 -23.26 0.64
C MET F 161 -10.97 -23.70 1.78
N MET F 162 -12.23 -23.25 1.79
CA MET F 162 -13.13 -23.58 2.87
C MET F 162 -13.79 -24.96 2.67
N THR F 163 -13.90 -25.43 1.42
CA THR F 163 -14.52 -26.72 1.12
C THR F 163 -13.45 -27.80 1.00
N GLY F 164 -12.27 -27.41 0.50
CA GLY F 164 -11.20 -28.32 0.15
C GLY F 164 -11.37 -29.01 -1.19
N ASP F 165 -12.39 -28.65 -1.96
CA ASP F 165 -12.75 -29.38 -3.18
C ASP F 165 -11.72 -29.16 -4.30
N ARG F 166 -11.49 -30.22 -5.07
CA ARG F 166 -10.61 -30.21 -6.25
C ARG F 166 -11.38 -29.67 -7.44
N ILE F 167 -10.69 -29.04 -8.40
CA ILE F 167 -11.35 -28.60 -9.65
C ILE F 167 -10.60 -29.26 -10.80
N PRO F 168 -11.28 -29.61 -11.91
CA PRO F 168 -10.59 -30.17 -13.06
C PRO F 168 -9.77 -29.10 -13.79
N GLY F 169 -8.85 -29.50 -14.66
CA GLY F 169 -7.98 -28.60 -15.39
C GLY F 169 -8.71 -27.51 -16.15
N LYS F 170 -9.89 -27.83 -16.71
CA LYS F 170 -10.56 -26.90 -17.63
C LYS F 170 -11.17 -25.74 -16.84
N ASP F 171 -11.62 -26.03 -15.62
CA ASP F 171 -12.11 -25.05 -14.68
C ASP F 171 -10.96 -24.14 -14.24
N ALA F 172 -9.80 -24.74 -13.99
CA ALA F 172 -8.61 -23.98 -13.64
C ALA F 172 -8.36 -22.94 -14.72
N GLU F 173 -8.52 -23.35 -15.98
CA GLU F 173 -8.25 -22.45 -17.09
C GLU F 173 -9.32 -21.35 -17.15
N LYS F 174 -10.57 -21.71 -16.89
CA LYS F 174 -11.68 -20.75 -16.90
C LYS F 174 -11.42 -19.65 -15.87
N TYR F 175 -10.86 -20.04 -14.71
CA TYR F 175 -10.65 -19.15 -13.60
C TYR F 175 -9.33 -18.38 -13.72
N GLY F 176 -8.49 -18.71 -14.69
CA GLY F 176 -7.17 -18.10 -14.88
C GLY F 176 -6.09 -18.64 -13.93
N LEU F 177 -6.36 -19.78 -13.29
CA LEU F 177 -5.42 -20.43 -12.41
C LEU F 177 -4.26 -21.02 -13.22
N VAL F 178 -4.54 -21.42 -14.47
CA VAL F 178 -3.51 -21.87 -15.43
C VAL F 178 -3.74 -21.08 -16.72
N ASN F 179 -2.68 -20.89 -17.51
CA ASN F 179 -2.79 -20.14 -18.75
C ASN F 179 -3.58 -20.96 -19.78
N ARG F 180 -3.27 -22.26 -19.88
CA ARG F 180 -3.79 -23.16 -20.93
C ARG F 180 -3.98 -24.56 -20.34
N VAL F 181 -4.99 -25.31 -20.82
CA VAL F 181 -5.03 -26.75 -20.62
C VAL F 181 -4.93 -27.41 -22.00
N VAL F 182 -4.19 -28.52 -22.05
CA VAL F 182 -4.17 -29.38 -23.20
C VAL F 182 -4.34 -30.82 -22.69
N PRO F 183 -4.73 -31.77 -23.58
CA PRO F 183 -4.64 -33.18 -23.25
C PRO F 183 -3.24 -33.53 -22.73
N LEU F 184 -3.16 -34.37 -21.70
CA LEU F 184 -1.86 -34.83 -21.14
C LEU F 184 -0.91 -35.30 -22.24
N ALA F 185 -1.46 -35.93 -23.29
CA ALA F 185 -0.64 -36.47 -24.37
C ALA F 185 0.13 -35.36 -25.11
N ASN F 186 -0.40 -34.13 -25.13
CA ASN F 186 0.26 -33.02 -25.83
C ASN F 186 0.93 -32.03 -24.85
N LEU F 187 0.96 -32.35 -23.56
CA LEU F 187 1.43 -31.41 -22.54
C LEU F 187 2.93 -31.12 -22.73
N GLU F 188 3.76 -32.15 -22.83
CA GLU F 188 5.17 -31.88 -22.90
C GLU F 188 5.48 -31.02 -24.14
N GLN F 189 4.80 -31.31 -25.24
CA GLN F 189 5.04 -30.60 -26.52
C GLN F 189 4.61 -29.13 -26.42
N GLU F 190 3.42 -28.89 -25.87
CA GLU F 190 2.88 -27.55 -25.70
C GLU F 190 3.83 -26.70 -24.83
N THR F 191 4.29 -27.30 -23.72
CA THR F 191 5.23 -26.68 -22.76
C THR F 191 6.57 -26.35 -23.43
N ARG F 192 7.08 -27.31 -24.20
CA ARG F 192 8.36 -27.16 -24.85
C ARG F 192 8.33 -25.99 -25.85
N LYS F 193 7.24 -25.87 -26.61
CA LYS F 193 7.05 -24.83 -27.61
C LYS F 193 7.10 -23.43 -26.96
N LEU F 194 6.42 -23.30 -25.83
CA LEU F 194 6.41 -22.05 -25.08
C LEU F 194 7.83 -21.74 -24.60
N ALA F 195 8.43 -22.71 -23.92
CA ALA F 195 9.78 -22.57 -23.34
C ALA F 195 10.77 -22.12 -24.40
N GLU F 196 10.66 -22.71 -25.60
CA GLU F 196 11.59 -22.45 -26.73
C GLU F 196 11.41 -21.01 -27.25
N LYS F 197 10.16 -20.56 -27.33
CA LYS F 197 9.87 -19.15 -27.71
C LYS F 197 10.54 -18.20 -26.73
N ILE F 198 10.34 -18.41 -25.42
CA ILE F 198 10.89 -17.47 -24.44
C ILE F 198 12.41 -17.49 -24.44
N ALA F 199 13.01 -18.67 -24.68
CA ALA F 199 14.48 -18.83 -24.63
C ALA F 199 15.18 -18.09 -25.77
N LYS F 200 14.45 -17.74 -26.83
CA LYS F 200 15.02 -16.94 -27.94
C LYS F 200 15.28 -15.50 -27.50
N LYS F 201 14.58 -15.01 -26.46
CA LYS F 201 14.56 -13.57 -26.12
C LYS F 201 15.75 -13.20 -25.24
N SER F 202 16.04 -11.89 -25.20
CA SER F 202 17.08 -11.29 -24.36
C SER F 202 16.88 -11.68 -22.89
N PRO F 203 17.84 -12.42 -22.28
CA PRO F 203 17.75 -12.74 -20.85
C PRO F 203 17.63 -11.50 -19.94
N ILE F 204 18.32 -10.40 -20.29
CA ILE F 204 18.33 -9.18 -19.51
C ILE F 204 16.94 -8.52 -19.60
N SER F 205 16.36 -8.46 -20.82
CA SER F 205 15.00 -7.94 -20.93
C SER F 205 14.02 -8.78 -20.12
N LEU F 206 14.13 -10.11 -20.22
CA LEU F 206 13.25 -10.99 -19.47
C LEU F 206 13.40 -10.74 -17.97
N ALA F 207 14.66 -10.56 -17.52
CA ALA F 207 14.96 -10.34 -16.09
C ALA F 207 14.32 -9.02 -15.62
N LEU F 208 14.39 -7.97 -16.44
CA LEU F 208 13.82 -6.68 -16.09
C LEU F 208 12.30 -6.74 -16.11
N ILE F 209 11.74 -7.46 -17.08
CA ILE F 209 10.30 -7.65 -17.19
C ILE F 209 9.78 -8.26 -15.89
N LYS F 210 10.42 -9.34 -15.47
CA LYS F 210 9.98 -10.05 -14.26
C LYS F 210 10.07 -9.14 -13.01
N GLU F 211 11.21 -8.47 -12.86
CA GLU F 211 11.43 -7.49 -11.75
C GLU F 211 10.37 -6.37 -11.75
N VAL F 212 10.23 -5.64 -12.85
CA VAL F 212 9.25 -4.51 -12.87
C VAL F 212 7.81 -5.02 -12.73
N VAL F 213 7.49 -6.17 -13.33
CA VAL F 213 6.11 -6.70 -13.18
C VAL F 213 5.86 -7.12 -11.73
N ASN F 214 6.79 -7.89 -11.15
CA ASN F 214 6.56 -8.39 -9.77
C ASN F 214 6.58 -7.25 -8.75
N ARG F 215 7.59 -6.39 -8.83
CA ARG F 215 7.71 -5.26 -7.86
C ARG F 215 6.65 -4.18 -8.09
N GLY F 216 6.33 -3.91 -9.36
CA GLY F 216 5.33 -2.90 -9.75
C GLY F 216 3.94 -3.29 -9.30
N LEU F 217 3.60 -4.56 -9.39
CA LEU F 217 2.25 -5.08 -9.02
C LEU F 217 1.95 -4.83 -7.55
N ASP F 218 2.97 -4.92 -6.70
CA ASP F 218 2.87 -4.76 -5.23
C ASP F 218 2.81 -3.28 -4.81
N SER F 219 3.01 -2.35 -5.74
CA SER F 219 3.08 -0.91 -5.43
C SER F 219 1.87 -0.14 -5.94
N PRO F 220 1.77 1.17 -5.60
CA PRO F 220 0.79 2.07 -6.21
C PRO F 220 1.19 2.15 -7.70
N LEU F 221 0.19 2.32 -8.55
CA LEU F 221 0.41 2.25 -10.01
C LEU F 221 1.49 3.24 -10.46
N LEU F 222 1.46 4.46 -9.94
CA LEU F 222 2.49 5.47 -10.33
C LEU F 222 3.88 4.97 -9.96
N SER F 223 4.04 4.35 -8.79
CA SER F 223 5.37 3.80 -8.40
C SER F 223 5.78 2.64 -9.33
N GLY F 224 4.85 1.75 -9.66
CA GLY F 224 5.18 0.66 -10.61
C GLY F 224 5.56 1.23 -11.96
N LEU F 225 4.83 2.25 -12.40
CA LEU F 225 5.13 2.91 -13.71
C LEU F 225 6.52 3.56 -13.62
N ALA F 226 6.86 4.16 -12.50
CA ALA F 226 8.21 4.80 -12.40
C ALA F 226 9.31 3.74 -12.56
N LEU F 227 9.12 2.58 -11.94
CA LEU F 227 9.98 1.40 -12.02
C LEU F 227 10.08 0.94 -13.48
N GLU F 228 8.93 0.83 -14.17
CA GLU F 228 8.95 0.48 -15.60
C GLU F 228 9.89 1.42 -16.39
N SER F 229 9.74 2.72 -16.20
CA SER F 229 10.50 3.72 -17.02
C SER F 229 12.01 3.64 -16.74
N VAL F 230 12.39 3.54 -15.47
CA VAL F 230 13.80 3.51 -15.12
C VAL F 230 14.44 2.22 -15.68
N GLY F 231 13.73 1.09 -15.59
CA GLY F 231 14.16 -0.17 -16.18
C GLY F 231 14.28 -0.10 -17.69
N TRP F 232 13.44 0.75 -18.31
CA TRP F 232 13.45 0.91 -19.76
C TRP F 232 14.79 1.53 -20.18
N GLY F 233 15.25 2.45 -19.35
CA GLY F 233 16.56 3.04 -19.55
C GLY F 233 17.64 2.00 -19.50
N VAL F 234 17.61 1.10 -18.49
CA VAL F 234 18.58 0.04 -18.36
C VAL F 234 18.52 -0.86 -19.60
N VAL F 235 17.34 -1.35 -20.01
CA VAL F 235 17.26 -2.30 -21.16
C VAL F 235 17.77 -1.64 -22.44
N PHE F 236 17.69 -0.32 -22.52
CA PHE F 236 18.19 0.43 -23.66
C PHE F 236 19.71 0.49 -23.75
N SER F 237 20.42 0.08 -22.69
CA SER F 237 21.86 0.10 -22.65
C SER F 237 22.43 -1.22 -23.21
N THR F 238 21.55 -2.20 -23.50
CA THR F 238 21.99 -3.60 -23.67
C THR F 238 22.32 -3.89 -25.14
N GLU F 239 23.16 -4.90 -25.29
CA GLU F 239 23.65 -5.38 -26.55
C GLU F 239 22.45 -5.95 -27.35
N ASP F 240 21.58 -6.70 -26.66
CA ASP F 240 20.41 -7.34 -27.28
C ASP F 240 19.44 -6.28 -27.82
N LYS F 241 19.36 -5.09 -27.17
CA LYS F 241 18.53 -4.01 -27.69
C LYS F 241 19.11 -3.53 -29.04
N LYS F 242 20.41 -3.29 -29.09
CA LYS F 242 21.08 -2.81 -30.33
C LYS F 242 20.80 -3.80 -31.46
N GLU F 243 20.98 -5.09 -31.19
CA GLU F 243 20.72 -6.16 -32.15
C GLU F 243 19.24 -6.13 -32.59
N GLY F 244 18.35 -6.02 -31.60
CA GLY F 244 16.92 -6.08 -31.84
C GLY F 244 16.45 -4.94 -32.71
N VAL F 245 16.92 -3.74 -32.38
CA VAL F 245 16.47 -2.56 -33.08
C VAL F 245 17.03 -2.59 -34.52
N SER F 246 18.33 -2.87 -34.67
CA SER F 246 18.95 -2.82 -35.99
C SER F 246 18.53 -4.04 -36.83
N ALA F 247 18.06 -5.12 -36.20
CA ALA F 247 17.48 -6.25 -36.94
C ALA F 247 16.14 -5.86 -37.57
N PHE F 248 15.28 -5.14 -36.82
CA PHE F 248 13.99 -4.72 -37.36
C PHE F 248 14.21 -3.68 -38.48
N LEU F 249 15.06 -2.69 -38.20
CA LEU F 249 15.31 -1.59 -39.17
C LEU F 249 15.89 -2.15 -40.47
N GLU F 250 16.67 -3.23 -40.37
CA GLU F 250 17.31 -3.82 -41.59
C GLU F 250 16.57 -5.09 -42.04
N LYS F 251 15.31 -5.23 -41.63
CA LYS F 251 14.41 -6.35 -42.08
C LYS F 251 15.10 -7.70 -41.92
N ARG F 252 15.61 -8.01 -40.74
CA ARG F 252 16.34 -9.28 -40.51
C ARG F 252 15.88 -9.93 -39.20
N GLU F 253 15.84 -11.26 -39.13
CA GLU F 253 15.46 -11.90 -37.86
C GLU F 253 16.64 -11.71 -36.89
N PRO F 254 16.42 -11.22 -35.66
CA PRO F 254 17.53 -10.98 -34.74
C PRO F 254 17.99 -12.21 -33.97
N THR F 255 19.27 -12.25 -33.59
CA THR F 255 19.79 -13.29 -32.69
C THR F 255 20.19 -12.65 -31.36
N PHE F 256 19.50 -13.05 -30.27
CA PHE F 256 19.67 -12.45 -28.92
C PHE F 256 20.60 -13.33 -28.06
N LYS F 257 21.88 -12.93 -28.01
CA LYS F 257 22.90 -13.57 -27.20
C LYS F 257 22.84 -12.97 -25.80
#